data_1BED
# 
_entry.id   1BED 
# 
_audit_conform.dict_name       mmcif_pdbx.dic 
_audit_conform.dict_version    5.398 
_audit_conform.dict_location   http://mmcif.pdb.org/dictionaries/ascii/mmcif_pdbx.dic 
# 
loop_
_database_2.database_id 
_database_2.database_code 
_database_2.pdbx_database_accession 
_database_2.pdbx_DOI 
PDB   1BED         pdb_00001bed 10.2210/pdb1bed/pdb 
WWPDB D_1000171655 ?            ?                   
# 
loop_
_pdbx_audit_revision_history.ordinal 
_pdbx_audit_revision_history.data_content_type 
_pdbx_audit_revision_history.major_revision 
_pdbx_audit_revision_history.minor_revision 
_pdbx_audit_revision_history.revision_date 
1 'Structure model' 1 0 1997-10-08 
2 'Structure model' 1 1 2008-03-24 
3 'Structure model' 1 2 2011-07-13 
4 'Structure model' 1 3 2023-08-02 
5 'Structure model' 1 4 2024-11-13 
# 
_pdbx_audit_revision_details.ordinal             1 
_pdbx_audit_revision_details.revision_ordinal    1 
_pdbx_audit_revision_details.data_content_type   'Structure model' 
_pdbx_audit_revision_details.provider            repository 
_pdbx_audit_revision_details.type                'Initial release' 
_pdbx_audit_revision_details.description         ? 
_pdbx_audit_revision_details.details             ? 
# 
loop_
_pdbx_audit_revision_group.ordinal 
_pdbx_audit_revision_group.revision_ordinal 
_pdbx_audit_revision_group.data_content_type 
_pdbx_audit_revision_group.group 
1 2 'Structure model' 'Version format compliance' 
2 3 'Structure model' 'Version format compliance' 
3 4 'Structure model' 'Database references'       
4 4 'Structure model' 'Refinement description'    
5 5 'Structure model' 'Data collection'           
6 5 'Structure model' 'Structure summary'         
# 
loop_
_pdbx_audit_revision_category.ordinal 
_pdbx_audit_revision_category.revision_ordinal 
_pdbx_audit_revision_category.data_content_type 
_pdbx_audit_revision_category.category 
1 4 'Structure model' database_2                    
2 4 'Structure model' pdbx_initial_refinement_model 
3 4 'Structure model' struct_ref_seq_dif            
4 5 'Structure model' chem_comp_atom                
5 5 'Structure model' chem_comp_bond                
6 5 'Structure model' pdbx_entry_details            
7 5 'Structure model' pdbx_modification_feature     
# 
loop_
_pdbx_audit_revision_item.ordinal 
_pdbx_audit_revision_item.revision_ordinal 
_pdbx_audit_revision_item.data_content_type 
_pdbx_audit_revision_item.item 
1 4 'Structure model' '_database_2.pdbx_DOI'                
2 4 'Structure model' '_database_2.pdbx_database_accession' 
3 4 'Structure model' '_struct_ref_seq_dif.details'         
# 
_pdbx_database_status.status_code                     REL 
_pdbx_database_status.entry_id                        1BED 
_pdbx_database_status.recvd_initial_deposition_date   1996-09-16 
_pdbx_database_status.deposit_site                    ? 
_pdbx_database_status.process_site                    BNL 
_pdbx_database_status.status_code_sf                  REL 
_pdbx_database_status.status_code_mr                  ? 
_pdbx_database_status.SG_entry                        ? 
_pdbx_database_status.pdb_format_compatible           Y 
_pdbx_database_status.status_code_cs                  ? 
_pdbx_database_status.status_code_nmr_data            ? 
_pdbx_database_status.methods_development_category    ? 
# 
loop_
_audit_author.name 
_audit_author.pdbx_ordinal 
'Hu, S.-H.'    1 
'Martin, J.L.' 2 
# 
loop_
_citation.id 
_citation.title 
_citation.journal_abbrev 
_citation.journal_volume 
_citation.page_first 
_citation.page_last 
_citation.year 
_citation.journal_id_ASTM 
_citation.country 
_citation.journal_id_ISSN 
_citation.journal_id_CSD 
_citation.book_publisher 
_citation.pdbx_database_id_PubMed 
_citation.pdbx_database_id_DOI 
primary 'Structure of TcpG, the DsbA protein folding catalyst from Vibrio cholerae.' J.Mol.Biol.            268 137  146 1997 
JMOBAK UK 0022-2836 0070 ? 9149147 10.1006/jmbi.1997.0940 
1       
;Characterization of a Periplasmic Thiol:Disulfide Interchange Protein Required for the Functional Maturation of Secreted Virulence Factors of Vibrio Cholerae
;
Proc.Natl.Acad.Sci.USA 89  6210 ?   1992 PNASA6 US 0027-8424 0040 ? ?       ?                      
# 
loop_
_citation_author.citation_id 
_citation_author.name 
_citation_author.ordinal 
_citation_author.identifier_ORCID 
primary 'Hu, S.H.'     1 ? 
primary 'Peek, J.A.'   2 ? 
primary 'Rattigan, E.' 3 ? 
primary 'Taylor, R.K.' 4 ? 
primary 'Martin, J.L.' 5 ? 
1       'Peek, J.A.'   6 ? 
1       'Taylor, R.K.' 7 ? 
# 
loop_
_entity.id 
_entity.type 
_entity.src_method 
_entity.pdbx_description 
_entity.formula_weight 
_entity.pdbx_number_of_molecules 
_entity.pdbx_ec 
_entity.pdbx_mutation 
_entity.pdbx_fragment 
_entity.details 
1 polymer nat 'DSBA OXIDOREDUCTASE' 20523.418 1  ? ? ? ? 
2 water   nat water                 18.015    53 ? ? ? ? 
# 
_entity_name_com.entity_id   1 
_entity_name_com.name        'TCPG, DISULFIDE BOND FORMATION PROTEIN' 
# 
_entity_poly.entity_id                      1 
_entity_poly.type                           'polypeptide(L)' 
_entity_poly.nstd_linkage                   no 
_entity_poly.nstd_monomer                   no 
_entity_poly.pdbx_seq_one_letter_code       
;AQFKEGEHYQVLKTPASSSPVVSEFFSFYCPHCNTFEPIIAQLKQQLPEGAKFQKNHVSFMGGNMGQAMSKAYATMIALE
VEDKMVPVMFNRIHTLRKPPKDEQELRQIFLDEGIDAAKFDAAYNGFAVDSMVRRFDKQFQDSGLTGVPAVVVNNRYLVQ
GQSVKSLDEYFDLVNYLLTLK
;
_entity_poly.pdbx_seq_one_letter_code_can   
;AQFKEGEHYQVLKTPASSSPVVSEFFSFYCPHCNTFEPIIAQLKQQLPEGAKFQKNHVSFMGGNMGQAMSKAYATMIALE
VEDKMVPVMFNRIHTLRKPPKDEQELRQIFLDEGIDAAKFDAAYNGFAVDSMVRRFDKQFQDSGLTGVPAVVVNNRYLVQ
GQSVKSLDEYFDLVNYLLTLK
;
_entity_poly.pdbx_strand_id                 A 
_entity_poly.pdbx_target_identifier         ? 
# 
_pdbx_entity_nonpoly.entity_id   2 
_pdbx_entity_nonpoly.name        water 
_pdbx_entity_nonpoly.comp_id     HOH 
# 
loop_
_entity_poly_seq.entity_id 
_entity_poly_seq.num 
_entity_poly_seq.mon_id 
_entity_poly_seq.hetero 
1 1   ALA n 
1 2   GLN n 
1 3   PHE n 
1 4   LYS n 
1 5   GLU n 
1 6   GLY n 
1 7   GLU n 
1 8   HIS n 
1 9   TYR n 
1 10  GLN n 
1 11  VAL n 
1 12  LEU n 
1 13  LYS n 
1 14  THR n 
1 15  PRO n 
1 16  ALA n 
1 17  SER n 
1 18  SER n 
1 19  SER n 
1 20  PRO n 
1 21  VAL n 
1 22  VAL n 
1 23  SER n 
1 24  GLU n 
1 25  PHE n 
1 26  PHE n 
1 27  SER n 
1 28  PHE n 
1 29  TYR n 
1 30  CYS n 
1 31  PRO n 
1 32  HIS n 
1 33  CYS n 
1 34  ASN n 
1 35  THR n 
1 36  PHE n 
1 37  GLU n 
1 38  PRO n 
1 39  ILE n 
1 40  ILE n 
1 41  ALA n 
1 42  GLN n 
1 43  LEU n 
1 44  LYS n 
1 45  GLN n 
1 46  GLN n 
1 47  LEU n 
1 48  PRO n 
1 49  GLU n 
1 50  GLY n 
1 51  ALA n 
1 52  LYS n 
1 53  PHE n 
1 54  GLN n 
1 55  LYS n 
1 56  ASN n 
1 57  HIS n 
1 58  VAL n 
1 59  SER n 
1 60  PHE n 
1 61  MET n 
1 62  GLY n 
1 63  GLY n 
1 64  ASN n 
1 65  MET n 
1 66  GLY n 
1 67  GLN n 
1 68  ALA n 
1 69  MET n 
1 70  SER n 
1 71  LYS n 
1 72  ALA n 
1 73  TYR n 
1 74  ALA n 
1 75  THR n 
1 76  MET n 
1 77  ILE n 
1 78  ALA n 
1 79  LEU n 
1 80  GLU n 
1 81  VAL n 
1 82  GLU n 
1 83  ASP n 
1 84  LYS n 
1 85  MET n 
1 86  VAL n 
1 87  PRO n 
1 88  VAL n 
1 89  MET n 
1 90  PHE n 
1 91  ASN n 
1 92  ARG n 
1 93  ILE n 
1 94  HIS n 
1 95  THR n 
1 96  LEU n 
1 97  ARG n 
1 98  LYS n 
1 99  PRO n 
1 100 PRO n 
1 101 LYS n 
1 102 ASP n 
1 103 GLU n 
1 104 GLN n 
1 105 GLU n 
1 106 LEU n 
1 107 ARG n 
1 108 GLN n 
1 109 ILE n 
1 110 PHE n 
1 111 LEU n 
1 112 ASP n 
1 113 GLU n 
1 114 GLY n 
1 115 ILE n 
1 116 ASP n 
1 117 ALA n 
1 118 ALA n 
1 119 LYS n 
1 120 PHE n 
1 121 ASP n 
1 122 ALA n 
1 123 ALA n 
1 124 TYR n 
1 125 ASN n 
1 126 GLY n 
1 127 PHE n 
1 128 ALA n 
1 129 VAL n 
1 130 ASP n 
1 131 SER n 
1 132 MET n 
1 133 VAL n 
1 134 ARG n 
1 135 ARG n 
1 136 PHE n 
1 137 ASP n 
1 138 LYS n 
1 139 GLN n 
1 140 PHE n 
1 141 GLN n 
1 142 ASP n 
1 143 SER n 
1 144 GLY n 
1 145 LEU n 
1 146 THR n 
1 147 GLY n 
1 148 VAL n 
1 149 PRO n 
1 150 ALA n 
1 151 VAL n 
1 152 VAL n 
1 153 VAL n 
1 154 ASN n 
1 155 ASN n 
1 156 ARG n 
1 157 TYR n 
1 158 LEU n 
1 159 VAL n 
1 160 GLN n 
1 161 GLY n 
1 162 GLN n 
1 163 SER n 
1 164 VAL n 
1 165 LYS n 
1 166 SER n 
1 167 LEU n 
1 168 ASP n 
1 169 GLU n 
1 170 TYR n 
1 171 PHE n 
1 172 ASP n 
1 173 LEU n 
1 174 VAL n 
1 175 ASN n 
1 176 TYR n 
1 177 LEU n 
1 178 LEU n 
1 179 THR n 
1 180 LEU n 
1 181 LYS n 
# 
_entity_src_nat.entity_id                  1 
_entity_src_nat.pdbx_src_id                1 
_entity_src_nat.pdbx_alt_source_flag       sample 
_entity_src_nat.pdbx_beg_seq_num           ? 
_entity_src_nat.pdbx_end_seq_num           ? 
_entity_src_nat.common_name                ? 
_entity_src_nat.pdbx_organism_scientific   'Vibrio cholerae' 
_entity_src_nat.pdbx_ncbi_taxonomy_id      666 
_entity_src_nat.genus                      Vibrio 
_entity_src_nat.species                    ? 
_entity_src_nat.strain                     ? 
_entity_src_nat.tissue                     ? 
_entity_src_nat.tissue_fraction            ? 
_entity_src_nat.pdbx_secretion             ? 
_entity_src_nat.pdbx_fragment              ? 
_entity_src_nat.pdbx_variant               ? 
_entity_src_nat.pdbx_cell_line             ? 
_entity_src_nat.pdbx_atcc                  ? 
_entity_src_nat.pdbx_cellular_location     ? 
_entity_src_nat.pdbx_organ                 ? 
_entity_src_nat.pdbx_organelle             ? 
_entity_src_nat.pdbx_cell                  ? 
_entity_src_nat.pdbx_plasmid_name          ? 
_entity_src_nat.pdbx_plasmid_details       ? 
_entity_src_nat.details                    ? 
# 
loop_
_chem_comp.id 
_chem_comp.type 
_chem_comp.mon_nstd_flag 
_chem_comp.name 
_chem_comp.pdbx_synonyms 
_chem_comp.formula 
_chem_comp.formula_weight 
ALA 'L-peptide linking' y ALANINE         ? 'C3 H7 N O2'     89.093  
ARG 'L-peptide linking' y ARGININE        ? 'C6 H15 N4 O2 1' 175.209 
ASN 'L-peptide linking' y ASPARAGINE      ? 'C4 H8 N2 O3'    132.118 
ASP 'L-peptide linking' y 'ASPARTIC ACID' ? 'C4 H7 N O4'     133.103 
CYS 'L-peptide linking' y CYSTEINE        ? 'C3 H7 N O2 S'   121.158 
GLN 'L-peptide linking' y GLUTAMINE       ? 'C5 H10 N2 O3'   146.144 
GLU 'L-peptide linking' y 'GLUTAMIC ACID' ? 'C5 H9 N O4'     147.129 
GLY 'peptide linking'   y GLYCINE         ? 'C2 H5 N O2'     75.067  
HIS 'L-peptide linking' y HISTIDINE       ? 'C6 H10 N3 O2 1' 156.162 
HOH non-polymer         . WATER           ? 'H2 O'           18.015  
ILE 'L-peptide linking' y ISOLEUCINE      ? 'C6 H13 N O2'    131.173 
LEU 'L-peptide linking' y LEUCINE         ? 'C6 H13 N O2'    131.173 
LYS 'L-peptide linking' y LYSINE          ? 'C6 H15 N2 O2 1' 147.195 
MET 'L-peptide linking' y METHIONINE      ? 'C5 H11 N O2 S'  149.211 
PHE 'L-peptide linking' y PHENYLALANINE   ? 'C9 H11 N O2'    165.189 
PRO 'L-peptide linking' y PROLINE         ? 'C5 H9 N O2'     115.130 
SER 'L-peptide linking' y SERINE          ? 'C3 H7 N O3'     105.093 
THR 'L-peptide linking' y THREONINE       ? 'C4 H9 N O3'     119.119 
TYR 'L-peptide linking' y TYROSINE        ? 'C9 H11 N O3'    181.189 
VAL 'L-peptide linking' y VALINE          ? 'C5 H11 N O2'    117.146 
# 
loop_
_pdbx_poly_seq_scheme.asym_id 
_pdbx_poly_seq_scheme.entity_id 
_pdbx_poly_seq_scheme.seq_id 
_pdbx_poly_seq_scheme.mon_id 
_pdbx_poly_seq_scheme.ndb_seq_num 
_pdbx_poly_seq_scheme.pdb_seq_num 
_pdbx_poly_seq_scheme.auth_seq_num 
_pdbx_poly_seq_scheme.pdb_mon_id 
_pdbx_poly_seq_scheme.auth_mon_id 
_pdbx_poly_seq_scheme.pdb_strand_id 
_pdbx_poly_seq_scheme.pdb_ins_code 
_pdbx_poly_seq_scheme.hetero 
A 1 1   ALA 1   1   1   ALA ALA A . n 
A 1 2   GLN 2   2   2   GLN GLN A . n 
A 1 3   PHE 3   3   3   PHE PHE A . n 
A 1 4   LYS 4   4   4   LYS LYS A . n 
A 1 5   GLU 5   5   5   GLU GLU A . n 
A 1 6   GLY 6   6   6   GLY GLY A . n 
A 1 7   GLU 7   7   7   GLU GLU A . n 
A 1 8   HIS 8   8   8   HIS HIS A . n 
A 1 9   TYR 9   9   9   TYR TYR A . n 
A 1 10  GLN 10  10  10  GLN GLN A . n 
A 1 11  VAL 11  11  11  VAL VAL A . n 
A 1 12  LEU 12  12  12  LEU LEU A . n 
A 1 13  LYS 13  13  13  LYS LYS A . n 
A 1 14  THR 14  14  14  THR THR A . n 
A 1 15  PRO 15  15  15  PRO PRO A . n 
A 1 16  ALA 16  16  16  ALA ALA A . n 
A 1 17  SER 17  17  17  SER SER A . n 
A 1 18  SER 18  18  18  SER SER A . n 
A 1 19  SER 19  19  19  SER SER A . n 
A 1 20  PRO 20  20  20  PRO PRO A . n 
A 1 21  VAL 21  21  21  VAL VAL A . n 
A 1 22  VAL 22  22  22  VAL VAL A . n 
A 1 23  SER 23  23  23  SER SER A . n 
A 1 24  GLU 24  24  24  GLU GLU A . n 
A 1 25  PHE 25  25  25  PHE PHE A . n 
A 1 26  PHE 26  26  26  PHE PHE A . n 
A 1 27  SER 27  27  27  SER SER A . n 
A 1 28  PHE 28  28  28  PHE PHE A . n 
A 1 29  TYR 29  29  29  TYR TYR A . n 
A 1 30  CYS 30  30  30  CYS CYS A . n 
A 1 31  PRO 31  31  31  PRO PRO A . n 
A 1 32  HIS 32  32  32  HIS HIS A . n 
A 1 33  CYS 33  33  33  CYS CYS A . n 
A 1 34  ASN 34  34  34  ASN ASN A . n 
A 1 35  THR 35  35  35  THR THR A . n 
A 1 36  PHE 36  36  36  PHE PHE A . n 
A 1 37  GLU 37  37  37  GLU GLU A . n 
A 1 38  PRO 38  38  38  PRO PRO A . n 
A 1 39  ILE 39  39  39  ILE ILE A . n 
A 1 40  ILE 40  40  40  ILE ILE A . n 
A 1 41  ALA 41  41  41  ALA ALA A . n 
A 1 42  GLN 42  42  42  GLN GLN A . n 
A 1 43  LEU 43  43  43  LEU LEU A . n 
A 1 44  LYS 44  44  44  LYS LYS A . n 
A 1 45  GLN 45  45  45  GLN GLN A . n 
A 1 46  GLN 46  46  46  GLN GLN A . n 
A 1 47  LEU 47  47  47  LEU LEU A . n 
A 1 48  PRO 48  48  48  PRO PRO A . n 
A 1 49  GLU 49  49  49  GLU GLU A . n 
A 1 50  GLY 50  50  50  GLY GLY A . n 
A 1 51  ALA 51  51  51  ALA ALA A . n 
A 1 52  LYS 52  52  52  LYS LYS A . n 
A 1 53  PHE 53  53  53  PHE PHE A . n 
A 1 54  GLN 54  54  54  GLN GLN A . n 
A 1 55  LYS 55  55  55  LYS LYS A . n 
A 1 56  ASN 56  56  56  ASN ASN A . n 
A 1 57  HIS 57  57  57  HIS HIS A . n 
A 1 58  VAL 58  58  58  VAL VAL A . n 
A 1 59  SER 59  59  59  SER SER A . n 
A 1 60  PHE 60  60  60  PHE PHE A . n 
A 1 61  MET 61  61  61  MET MET A . n 
A 1 62  GLY 62  62  62  GLY GLY A . n 
A 1 63  GLY 63  63  63  GLY GLY A . n 
A 1 64  ASN 64  64  64  ASN ASN A . n 
A 1 65  MET 65  65  65  MET MET A . n 
A 1 66  GLY 66  66  66  GLY GLY A . n 
A 1 67  GLN 67  67  67  GLN GLN A . n 
A 1 68  ALA 68  68  68  ALA ALA A . n 
A 1 69  MET 69  69  69  MET MET A . n 
A 1 70  SER 70  70  70  SER SER A . n 
A 1 71  LYS 71  71  71  LYS LYS A . n 
A 1 72  ALA 72  72  72  ALA ALA A . n 
A 1 73  TYR 73  73  73  TYR TYR A . n 
A 1 74  ALA 74  74  74  ALA ALA A . n 
A 1 75  THR 75  75  75  THR THR A . n 
A 1 76  MET 76  76  76  MET MET A . n 
A 1 77  ILE 77  77  77  ILE ILE A . n 
A 1 78  ALA 78  78  78  ALA ALA A . n 
A 1 79  LEU 79  79  79  LEU LEU A . n 
A 1 80  GLU 80  80  80  GLU GLU A . n 
A 1 81  VAL 81  81  81  VAL VAL A . n 
A 1 82  GLU 82  82  82  GLU GLU A . n 
A 1 83  ASP 83  83  83  ASP ASP A . n 
A 1 84  LYS 84  84  84  LYS LYS A . n 
A 1 85  MET 85  85  85  MET MET A . n 
A 1 86  VAL 86  86  86  VAL VAL A . n 
A 1 87  PRO 87  87  87  PRO PRO A . n 
A 1 88  VAL 88  88  88  VAL VAL A . n 
A 1 89  MET 89  89  89  MET MET A . n 
A 1 90  PHE 90  90  90  PHE PHE A . n 
A 1 91  ASN 91  91  91  ASN ASN A . n 
A 1 92  ARG 92  92  92  ARG ARG A . n 
A 1 93  ILE 93  93  93  ILE ILE A . n 
A 1 94  HIS 94  94  94  HIS HIS A . n 
A 1 95  THR 95  95  95  THR THR A . n 
A 1 96  LEU 96  96  96  LEU LEU A . n 
A 1 97  ARG 97  97  97  ARG ARG A . n 
A 1 98  LYS 98  98  98  LYS LYS A . n 
A 1 99  PRO 99  99  99  PRO PRO A . n 
A 1 100 PRO 100 100 100 PRO PRO A . n 
A 1 101 LYS 101 101 101 LYS LYS A . n 
A 1 102 ASP 102 102 102 ASP ASP A . n 
A 1 103 GLU 103 103 103 GLU GLU A . n 
A 1 104 GLN 104 104 104 GLN GLN A . n 
A 1 105 GLU 105 105 105 GLU GLU A . n 
A 1 106 LEU 106 106 106 LEU LEU A . n 
A 1 107 ARG 107 107 107 ARG ARG A . n 
A 1 108 GLN 108 108 108 GLN GLN A . n 
A 1 109 ILE 109 109 109 ILE ILE A . n 
A 1 110 PHE 110 110 110 PHE PHE A . n 
A 1 111 LEU 111 111 111 LEU LEU A . n 
A 1 112 ASP 112 112 112 ASP ASP A . n 
A 1 113 GLU 113 113 113 GLU GLU A . n 
A 1 114 GLY 114 114 114 GLY GLY A . n 
A 1 115 ILE 115 115 115 ILE ILE A . n 
A 1 116 ASP 116 116 116 ASP ASP A . n 
A 1 117 ALA 117 117 117 ALA ALA A . n 
A 1 118 ALA 118 118 118 ALA ALA A . n 
A 1 119 LYS 119 119 119 LYS LYS A . n 
A 1 120 PHE 120 120 120 PHE PHE A . n 
A 1 121 ASP 121 121 121 ASP ASP A . n 
A 1 122 ALA 122 122 122 ALA ALA A . n 
A 1 123 ALA 123 123 123 ALA ALA A . n 
A 1 124 TYR 124 124 124 TYR TYR A . n 
A 1 125 ASN 125 125 125 ASN ASN A . n 
A 1 126 GLY 126 126 126 GLY GLY A . n 
A 1 127 PHE 127 127 127 PHE PHE A . n 
A 1 128 ALA 128 128 128 ALA ALA A . n 
A 1 129 VAL 129 129 129 VAL VAL A . n 
A 1 130 ASP 130 130 130 ASP ASP A . n 
A 1 131 SER 131 131 131 SER SER A . n 
A 1 132 MET 132 132 132 MET MET A . n 
A 1 133 VAL 133 133 133 VAL VAL A . n 
A 1 134 ARG 134 134 134 ARG ARG A . n 
A 1 135 ARG 135 135 135 ARG ARG A . n 
A 1 136 PHE 136 136 136 PHE PHE A . n 
A 1 137 ASP 137 137 137 ASP ASP A . n 
A 1 138 LYS 138 138 138 LYS LYS A . n 
A 1 139 GLN 139 139 139 GLN GLN A . n 
A 1 140 PHE 140 140 140 PHE PHE A . n 
A 1 141 GLN 141 141 141 GLN GLN A . n 
A 1 142 ASP 142 142 142 ASP ASP A . n 
A 1 143 SER 143 143 143 SER SER A . n 
A 1 144 GLY 144 144 144 GLY GLY A . n 
A 1 145 LEU 145 145 145 LEU LEU A . n 
A 1 146 THR 146 146 146 THR THR A . n 
A 1 147 GLY 147 147 147 GLY GLY A . n 
A 1 148 VAL 148 148 148 VAL VAL A . n 
A 1 149 PRO 149 149 149 PRO PRO A . n 
A 1 150 ALA 150 150 150 ALA ALA A . n 
A 1 151 VAL 151 151 151 VAL VAL A . n 
A 1 152 VAL 152 152 152 VAL VAL A . n 
A 1 153 VAL 153 153 153 VAL VAL A . n 
A 1 154 ASN 154 154 154 ASN ASN A . n 
A 1 155 ASN 155 155 155 ASN ASN A . n 
A 1 156 ARG 156 156 156 ARG ARG A . n 
A 1 157 TYR 157 157 157 TYR TYR A . n 
A 1 158 LEU 158 158 158 LEU LEU A . n 
A 1 159 VAL 159 159 159 VAL VAL A . n 
A 1 160 GLN 160 160 160 GLN GLN A . n 
A 1 161 GLY 161 161 161 GLY GLY A . n 
A 1 162 GLN 162 162 162 GLN GLN A . n 
A 1 163 SER 163 163 163 SER SER A . n 
A 1 164 VAL 164 164 164 VAL VAL A . n 
A 1 165 LYS 165 165 165 LYS LYS A . n 
A 1 166 SER 166 166 166 SER SER A . n 
A 1 167 LEU 167 167 167 LEU LEU A . n 
A 1 168 ASP 168 168 168 ASP ASP A . n 
A 1 169 GLU 169 169 169 GLU GLU A . n 
A 1 170 TYR 170 170 170 TYR TYR A . n 
A 1 171 PHE 171 171 171 PHE PHE A . n 
A 1 172 ASP 172 172 172 ASP ASP A . n 
A 1 173 LEU 173 173 173 LEU LEU A . n 
A 1 174 VAL 174 174 174 VAL VAL A . n 
A 1 175 ASN 175 175 175 ASN ASN A . n 
A 1 176 TYR 176 176 176 TYR TYR A . n 
A 1 177 LEU 177 177 177 LEU LEU A . n 
A 1 178 LEU 178 178 178 LEU LEU A . n 
A 1 179 THR 179 179 179 THR THR A . n 
A 1 180 LEU 180 180 180 LEU LEU A . n 
A 1 181 LYS 181 181 181 LYS LYS A . n 
# 
loop_
_pdbx_nonpoly_scheme.asym_id 
_pdbx_nonpoly_scheme.entity_id 
_pdbx_nonpoly_scheme.mon_id 
_pdbx_nonpoly_scheme.ndb_seq_num 
_pdbx_nonpoly_scheme.pdb_seq_num 
_pdbx_nonpoly_scheme.auth_seq_num 
_pdbx_nonpoly_scheme.pdb_mon_id 
_pdbx_nonpoly_scheme.auth_mon_id 
_pdbx_nonpoly_scheme.pdb_strand_id 
_pdbx_nonpoly_scheme.pdb_ins_code 
B 2 HOH 1  200 200 HOH HOH A . 
B 2 HOH 2  201 201 HOH HOH A . 
B 2 HOH 3  202 202 HOH HOH A . 
B 2 HOH 4  203 203 HOH HOH A . 
B 2 HOH 5  204 204 HOH HOH A . 
B 2 HOH 6  205 205 HOH HOH A . 
B 2 HOH 7  206 206 HOH HOH A . 
B 2 HOH 8  207 207 HOH HOH A . 
B 2 HOH 9  208 208 HOH HOH A . 
B 2 HOH 10 209 209 HOH HOH A . 
B 2 HOH 11 210 210 HOH HOH A . 
B 2 HOH 12 211 211 HOH HOH A . 
B 2 HOH 13 212 212 HOH HOH A . 
B 2 HOH 14 213 213 HOH HOH A . 
B 2 HOH 15 214 214 HOH HOH A . 
B 2 HOH 16 215 215 HOH HOH A . 
B 2 HOH 17 216 216 HOH HOH A . 
B 2 HOH 18 217 217 HOH HOH A . 
B 2 HOH 19 218 218 HOH HOH A . 
B 2 HOH 20 219 219 HOH HOH A . 
B 2 HOH 21 220 220 HOH HOH A . 
B 2 HOH 22 221 221 HOH HOH A . 
B 2 HOH 23 222 222 HOH HOH A . 
B 2 HOH 24 223 223 HOH HOH A . 
B 2 HOH 25 224 224 HOH HOH A . 
B 2 HOH 26 225 225 HOH HOH A . 
B 2 HOH 27 226 226 HOH HOH A . 
B 2 HOH 28 227 227 HOH HOH A . 
B 2 HOH 29 228 228 HOH HOH A . 
B 2 HOH 30 229 229 HOH HOH A . 
B 2 HOH 31 230 230 HOH HOH A . 
B 2 HOH 32 231 231 HOH HOH A . 
B 2 HOH 33 232 232 HOH HOH A . 
B 2 HOH 34 233 233 HOH HOH A . 
B 2 HOH 35 234 234 HOH HOH A . 
B 2 HOH 36 235 235 HOH HOH A . 
B 2 HOH 37 236 236 HOH HOH A . 
B 2 HOH 38 237 237 HOH HOH A . 
B 2 HOH 39 238 238 HOH HOH A . 
B 2 HOH 40 239 239 HOH HOH A . 
B 2 HOH 41 240 240 HOH HOH A . 
B 2 HOH 42 241 241 HOH HOH A . 
B 2 HOH 43 242 242 HOH HOH A . 
B 2 HOH 44 243 243 HOH HOH A . 
B 2 HOH 45 244 244 HOH HOH A . 
B 2 HOH 46 245 245 HOH HOH A . 
B 2 HOH 47 246 246 HOH HOH A . 
B 2 HOH 48 247 247 HOH HOH A . 
B 2 HOH 49 248 248 HOH HOH A . 
B 2 HOH 50 249 249 HOH HOH A . 
B 2 HOH 51 250 250 HOH HOH A . 
B 2 HOH 52 251 251 HOH HOH A . 
B 2 HOH 53 252 252 HOH HOH A . 
# 
loop_
_pdbx_unobs_or_zero_occ_atoms.id 
_pdbx_unobs_or_zero_occ_atoms.PDB_model_num 
_pdbx_unobs_or_zero_occ_atoms.polymer_flag 
_pdbx_unobs_or_zero_occ_atoms.occupancy_flag 
_pdbx_unobs_or_zero_occ_atoms.auth_asym_id 
_pdbx_unobs_or_zero_occ_atoms.auth_comp_id 
_pdbx_unobs_or_zero_occ_atoms.auth_seq_id 
_pdbx_unobs_or_zero_occ_atoms.PDB_ins_code 
_pdbx_unobs_or_zero_occ_atoms.auth_atom_id 
_pdbx_unobs_or_zero_occ_atoms.label_alt_id 
_pdbx_unobs_or_zero_occ_atoms.label_asym_id 
_pdbx_unobs_or_zero_occ_atoms.label_comp_id 
_pdbx_unobs_or_zero_occ_atoms.label_seq_id 
_pdbx_unobs_or_zero_occ_atoms.label_atom_id 
1  1 Y 1 A LYS 4   ? CG  ? A LYS 4   CG  
2  1 Y 1 A LYS 4   ? CD  ? A LYS 4   CD  
3  1 Y 1 A LYS 4   ? CE  ? A LYS 4   CE  
4  1 Y 1 A LYS 4   ? NZ  ? A LYS 4   NZ  
5  1 Y 1 A GLN 10  ? CG  ? A GLN 10  CG  
6  1 Y 1 A GLN 10  ? CD  ? A GLN 10  CD  
7  1 Y 1 A GLN 10  ? OE1 ? A GLN 10  OE1 
8  1 Y 1 A GLN 10  ? NE2 ? A GLN 10  NE2 
9  1 Y 1 A VAL 11  ? CG1 ? A VAL 11  CG1 
10 1 Y 1 A VAL 11  ? CG2 ? A VAL 11  CG2 
11 1 Y 1 A LYS 13  ? CG  ? A LYS 13  CG  
12 1 Y 1 A LYS 13  ? CD  ? A LYS 13  CD  
13 1 Y 1 A LYS 13  ? CE  ? A LYS 13  CE  
14 1 Y 1 A LYS 13  ? NZ  ? A LYS 13  NZ  
15 1 Y 1 A SER 18  ? OG  ? A SER 18  OG  
16 1 Y 1 A GLN 45  ? CG  ? A GLN 45  CG  
17 1 Y 1 A GLN 45  ? CD  ? A GLN 45  CD  
18 1 Y 1 A GLN 45  ? OE1 ? A GLN 45  OE1 
19 1 Y 1 A GLN 45  ? NE2 ? A GLN 45  NE2 
20 1 Y 1 A GLN 46  ? CG  ? A GLN 46  CG  
21 1 Y 1 A GLN 46  ? CD  ? A GLN 46  CD  
22 1 Y 1 A GLN 46  ? OE1 ? A GLN 46  OE1 
23 1 Y 1 A GLN 46  ? NE2 ? A GLN 46  NE2 
24 1 Y 1 A LYS 52  ? CG  ? A LYS 52  CG  
25 1 Y 1 A LYS 52  ? CD  ? A LYS 52  CD  
26 1 Y 1 A LYS 52  ? CE  ? A LYS 52  CE  
27 1 Y 1 A LYS 52  ? NZ  ? A LYS 52  NZ  
28 1 Y 1 A ARG 97  ? CG  ? A ARG 97  CG  
29 1 Y 1 A ARG 97  ? CD  ? A ARG 97  CD  
30 1 Y 1 A ARG 97  ? NE  ? A ARG 97  NE  
31 1 Y 1 A ARG 97  ? CZ  ? A ARG 97  CZ  
32 1 Y 1 A ARG 97  ? NH1 ? A ARG 97  NH1 
33 1 Y 1 A ARG 97  ? NH2 ? A ARG 97  NH2 
34 1 Y 1 A LYS 98  ? CG  ? A LYS 98  CG  
35 1 Y 1 A LYS 98  ? CD  ? A LYS 98  CD  
36 1 Y 1 A LYS 98  ? CE  ? A LYS 98  CE  
37 1 Y 1 A LYS 98  ? NZ  ? A LYS 98  NZ  
38 1 Y 1 A GLN 160 ? CG  ? A GLN 160 CG  
39 1 Y 1 A GLN 160 ? CD  ? A GLN 160 CD  
40 1 Y 1 A GLN 160 ? OE1 ? A GLN 160 OE1 
41 1 Y 1 A GLN 160 ? NE2 ? A GLN 160 NE2 
42 1 Y 1 A GLN 162 ? CG  ? A GLN 162 CG  
43 1 Y 1 A GLN 162 ? CD  ? A GLN 162 CD  
44 1 Y 1 A GLN 162 ? OE1 ? A GLN 162 OE1 
45 1 Y 1 A GLN 162 ? NE2 ? A GLN 162 NE2 
46 1 Y 1 A VAL 164 ? CG1 ? A VAL 164 CG1 
47 1 Y 1 A VAL 164 ? CG2 ? A VAL 164 CG2 
48 1 Y 1 A LYS 165 ? CG  ? A LYS 165 CG  
49 1 Y 1 A LYS 165 ? CD  ? A LYS 165 CD  
50 1 Y 1 A LYS 165 ? CE  ? A LYS 165 CE  
51 1 Y 1 A LYS 165 ? NZ  ? A LYS 165 NZ  
52 1 Y 1 A SER 166 ? OG  ? A SER 166 OG  
53 1 Y 1 A LEU 167 ? CG  ? A LEU 167 CG  
54 1 Y 1 A LEU 167 ? CD1 ? A LEU 167 CD1 
55 1 Y 1 A LEU 167 ? CD2 ? A LEU 167 CD2 
56 1 Y 1 A ASP 168 ? CG  ? A ASP 168 CG  
57 1 Y 1 A ASP 168 ? OD1 ? A ASP 168 OD1 
58 1 Y 1 A ASP 168 ? OD2 ? A ASP 168 OD2 
59 1 Y 1 A TYR 176 ? CG  ? A TYR 176 CG  
60 1 Y 1 A TYR 176 ? CD1 ? A TYR 176 CD1 
61 1 Y 1 A TYR 176 ? CD2 ? A TYR 176 CD2 
62 1 Y 1 A TYR 176 ? CE1 ? A TYR 176 CE1 
63 1 Y 1 A TYR 176 ? CE2 ? A TYR 176 CE2 
64 1 Y 1 A TYR 176 ? CZ  ? A TYR 176 CZ  
65 1 Y 1 A TYR 176 ? OH  ? A TYR 176 OH  
66 1 Y 1 A LYS 181 ? CG  ? A LYS 181 CG  
67 1 Y 1 A LYS 181 ? CD  ? A LYS 181 CD  
68 1 Y 1 A LYS 181 ? CE  ? A LYS 181 CE  
69 1 Y 1 A LYS 181 ? NZ  ? A LYS 181 NZ  
# 
loop_
_software.name 
_software.classification 
_software.version 
_software.citation_id 
_software.pdbx_ordinal 
DENZO     'data reduction' .   ? 1 
SCALEPACK 'data scaling'   .   ? 2 
X-PLOR    'model building' 3.1 ? 3 
X-PLOR    refinement       3.1 ? 4 
X-PLOR    phasing          3.1 ? 5 
# 
_cell.entry_id           1BED 
_cell.length_a           64.000 
_cell.length_b           91.500 
_cell.length_c           64.800 
_cell.angle_alpha        90.00 
_cell.angle_beta         90.00 
_cell.angle_gamma        90.00 
_cell.Z_PDB              8 
_cell.pdbx_unique_axis   ? 
# 
_symmetry.entry_id                         1BED 
_symmetry.space_group_name_H-M             'C 2 2 21' 
_symmetry.pdbx_full_space_group_name_H-M   ? 
_symmetry.cell_setting                     ? 
_symmetry.Int_Tables_number                20 
# 
_exptl.entry_id          1BED 
_exptl.method            'X-RAY DIFFRACTION' 
_exptl.crystals_number   1 
# 
_exptl_crystal.id                    1 
_exptl_crystal.density_meas          ? 
_exptl_crystal.density_Matthews      2.37 
_exptl_crystal.density_percent_sol   48. 
_exptl_crystal.description           ? 
# 
_exptl_crystal_grow.crystal_id      1 
_exptl_crystal_grow.method          ? 
_exptl_crystal_grow.temp            ? 
_exptl_crystal_grow.temp_details    ? 
_exptl_crystal_grow.pH              6.5 
_exptl_crystal_grow.pdbx_pH_range   6.0-6.5 
_exptl_crystal_grow.pdbx_details    '10-13% EG 4K, 0.1M MES, PH 6.0-6.5' 
# 
_diffrn.id                     1 
_diffrn.ambient_temp           290 
_diffrn.ambient_temp_details   ? 
_diffrn.crystal_id             1 
# 
_diffrn_detector.diffrn_id              1 
_diffrn_detector.detector               'IMAGE PLATE' 
_diffrn_detector.type                   'RIGAKU RAXIS IIC' 
_diffrn_detector.pdbx_collection_date   1994-08-17 
_diffrn_detector.details                ? 
# 
_diffrn_radiation.diffrn_id                        1 
_diffrn_radiation.wavelength_id                    1 
_diffrn_radiation.pdbx_monochromatic_or_laue_m_l   M 
_diffrn_radiation.monochromator                    'GRAPHITE(002)' 
_diffrn_radiation.pdbx_diffrn_protocol             ? 
_diffrn_radiation.pdbx_scattering_type             x-ray 
# 
_diffrn_radiation_wavelength.id           1 
_diffrn_radiation_wavelength.wavelength   1.5418 
_diffrn_radiation_wavelength.wt           1.0 
# 
_diffrn_source.diffrn_id                   1 
_diffrn_source.source                      'ROTATING ANODE' 
_diffrn_source.type                        'RIGAKU RUH2R' 
_diffrn_source.pdbx_synchrotron_site       ? 
_diffrn_source.pdbx_synchrotron_beamline   ? 
_diffrn_source.pdbx_wavelength             1.5418 
_diffrn_source.pdbx_wavelength_list        ? 
# 
_reflns.entry_id                     1BED 
_reflns.observed_criterion_sigma_I   0. 
_reflns.observed_criterion_sigma_F   ? 
_reflns.d_resolution_low             40.0 
_reflns.d_resolution_high            2.0 
_reflns.number_obs                   12974 
_reflns.number_all                   ? 
_reflns.percent_possible_obs         98.2 
_reflns.pdbx_Rmerge_I_obs            0.062 
_reflns.pdbx_Rsym_value              ? 
_reflns.pdbx_netI_over_sigmaI        13.1 
_reflns.B_iso_Wilson_estimate        31. 
_reflns.pdbx_redundancy              5.7 
_reflns.pdbx_diffrn_id               1 
_reflns.pdbx_ordinal                 1 
# 
_reflns_shell.d_res_high             2.0 
_reflns_shell.d_res_low              2.07 
_reflns_shell.percent_possible_all   91.7 
_reflns_shell.Rmerge_I_obs           0.341 
_reflns_shell.pdbx_Rsym_value        ? 
_reflns_shell.meanI_over_sigI_obs    3.4 
_reflns_shell.pdbx_redundancy        2.9 
_reflns_shell.pdbx_diffrn_id         ? 
_reflns_shell.pdbx_ordinal           1 
# 
_refine.entry_id                                 1BED 
_refine.ls_number_reflns_obs                     9309 
_refine.ls_number_reflns_all                     ? 
_refine.pdbx_ls_sigma_I                          ? 
_refine.pdbx_ls_sigma_F                          2. 
_refine.pdbx_data_cutoff_high_absF               ? 
_refine.pdbx_data_cutoff_low_absF                ? 
_refine.pdbx_data_cutoff_high_rms_absF           ? 
_refine.ls_d_res_low                             20. 
_refine.ls_d_res_high                            2.0 
_refine.ls_percent_reflns_obs                    70. 
_refine.ls_R_factor_obs                          0.205 
_refine.ls_R_factor_all                          ? 
_refine.ls_R_factor_R_work                       0.205 
_refine.ls_R_factor_R_free                       0.241 
_refine.ls_R_factor_R_free_error                 ? 
_refine.ls_R_factor_R_free_error_details         ? 
_refine.ls_percent_reflns_R_free                 10. 
_refine.ls_number_reflns_R_free                  931 
_refine.ls_number_parameters                     ? 
_refine.ls_number_restraints                     ? 
_refine.occupancy_min                            ? 
_refine.occupancy_max                            ? 
_refine.B_iso_mean                               38.2 
_refine.aniso_B[1][1]                            ? 
_refine.aniso_B[2][2]                            ? 
_refine.aniso_B[3][3]                            ? 
_refine.aniso_B[1][2]                            ? 
_refine.aniso_B[1][3]                            ? 
_refine.aniso_B[2][3]                            ? 
_refine.solvent_model_details                    ? 
_refine.solvent_model_param_ksol                 ? 
_refine.solvent_model_param_bsol                 ? 
_refine.pdbx_ls_cross_valid_method               THROUGHOUT 
_refine.details                                  ? 
_refine.pdbx_starting_model                      'PDB ENTRY 1DSB' 
_refine.pdbx_method_to_determine_struct          'MOLECULAR REPLACEMENT' 
_refine.pdbx_isotropic_thermal_model             ? 
_refine.pdbx_stereochemistry_target_values       ? 
_refine.pdbx_stereochem_target_val_spec_case     ? 
_refine.pdbx_R_Free_selection_details            RANDOM 
_refine.pdbx_overall_ESU_R                       ? 
_refine.pdbx_overall_ESU_R_Free                  ? 
_refine.overall_SU_ML                            ? 
_refine.overall_SU_B                             ? 
_refine.pdbx_refine_id                           'X-RAY DIFFRACTION' 
_refine.pdbx_diffrn_id                           1 
_refine.pdbx_TLS_residual_ADP_flag               ? 
_refine.correlation_coeff_Fo_to_Fc               ? 
_refine.correlation_coeff_Fo_to_Fc_free          ? 
_refine.pdbx_solvent_vdw_probe_radii             ? 
_refine.pdbx_solvent_ion_probe_radii             ? 
_refine.pdbx_solvent_shrinkage_radii             ? 
_refine.pdbx_overall_phase_error                 ? 
_refine.overall_SU_R_Cruickshank_DPI             ? 
_refine.pdbx_overall_SU_R_free_Cruickshank_DPI   ? 
_refine.pdbx_overall_SU_R_Blow_DPI               ? 
_refine.pdbx_overall_SU_R_free_Blow_DPI          ? 
# 
_refine_analyze.entry_id                        1BED 
_refine_analyze.Luzzati_coordinate_error_obs    0.24 
_refine_analyze.Luzzati_sigma_a_obs             ? 
_refine_analyze.Luzzati_d_res_low_obs           20.0 
_refine_analyze.Luzzati_coordinate_error_free   0.25 
_refine_analyze.Luzzati_sigma_a_free            ? 
_refine_analyze.Luzzati_d_res_low_free          ? 
_refine_analyze.number_disordered_residues      ? 
_refine_analyze.occupancy_sum_hydrogen          ? 
_refine_analyze.occupancy_sum_non_hydrogen      ? 
_refine_analyze.pdbx_refine_id                  'X-RAY DIFFRACTION' 
# 
_refine_hist.pdbx_refine_id                   'X-RAY DIFFRACTION' 
_refine_hist.cycle_id                         LAST 
_refine_hist.pdbx_number_atoms_protein        1385 
_refine_hist.pdbx_number_atoms_nucleic_acid   0 
_refine_hist.pdbx_number_atoms_ligand         0 
_refine_hist.number_atoms_solvent             53 
_refine_hist.number_atoms_total               1438 
_refine_hist.d_res_high                       2.0 
_refine_hist.d_res_low                        20. 
# 
loop_
_refine_ls_restr.type 
_refine_ls_restr.dev_ideal 
_refine_ls_restr.dev_ideal_target 
_refine_ls_restr.weight 
_refine_ls_restr.number 
_refine_ls_restr.pdbx_refine_id 
_refine_ls_restr.pdbx_restraint_function 
x_bond_d                0.007 ?   ? ? 'X-RAY DIFFRACTION' ? 
x_bond_d_na             ?     ?   ? ? 'X-RAY DIFFRACTION' ? 
x_bond_d_prot           ?     ?   ? ? 'X-RAY DIFFRACTION' ? 
x_angle_d               ?     ?   ? ? 'X-RAY DIFFRACTION' ? 
x_angle_d_na            ?     ?   ? ? 'X-RAY DIFFRACTION' ? 
x_angle_d_prot          ?     ?   ? ? 'X-RAY DIFFRACTION' ? 
x_angle_deg             1.2   ?   ? ? 'X-RAY DIFFRACTION' ? 
x_angle_deg_na          ?     ?   ? ? 'X-RAY DIFFRACTION' ? 
x_angle_deg_prot        ?     ?   ? ? 'X-RAY DIFFRACTION' ? 
x_dihedral_angle_d      23.1  ?   ? ? 'X-RAY DIFFRACTION' ? 
x_dihedral_angle_d_na   ?     ?   ? ? 'X-RAY DIFFRACTION' ? 
x_dihedral_angle_d_prot ?     ?   ? ? 'X-RAY DIFFRACTION' ? 
x_improper_angle_d      1.2   ?   ? ? 'X-RAY DIFFRACTION' ? 
x_improper_angle_d_na   ?     ?   ? ? 'X-RAY DIFFRACTION' ? 
x_improper_angle_d_prot ?     ?   ? ? 'X-RAY DIFFRACTION' ? 
x_mcbond_it             ?     1.5 ? ? 'X-RAY DIFFRACTION' ? 
x_mcangle_it            ?     2.0 ? ? 'X-RAY DIFFRACTION' ? 
x_scbond_it             ?     2.0 ? ? 'X-RAY DIFFRACTION' ? 
x_scangle_it            ?     2.5 ? ? 'X-RAY DIFFRACTION' ? 
# 
_refine_ls_shell.pdbx_total_number_of_bins_used   ? 
_refine_ls_shell.d_res_high                       2.1 
_refine_ls_shell.d_res_low                        2.2 
_refine_ls_shell.number_reflns_R_work             681 
_refine_ls_shell.R_factor_R_work                  0.277 
_refine_ls_shell.percent_reflns_obs               54. 
_refine_ls_shell.R_factor_R_free                  0.368 
_refine_ls_shell.R_factor_R_free_error            ? 
_refine_ls_shell.percent_reflns_R_free            5.3 
_refine_ls_shell.number_reflns_R_free             75 
_refine_ls_shell.pdbx_refine_id                   'X-RAY DIFFRACTION' 
_refine_ls_shell.number_reflns_all                ? 
_refine_ls_shell.R_factor_all                     ? 
# 
loop_
_pdbx_xplor_file.serial_no 
_pdbx_xplor_file.param_file 
_pdbx_xplor_file.topol_file 
_pdbx_xplor_file.pdbx_refine_id 
1 PARHCSDX.PRO TOPHCSDX.PRO 'X-RAY DIFFRACTION' 
2 PARAM19.SOL  TOPH19.SOL   'X-RAY DIFFRACTION' 
# 
_struct.entry_id                  1BED 
_struct.title                     'STRUCTURE OF DISULFIDE OXIDOREDUCTASE' 
_struct.pdbx_model_details        ? 
_struct.pdbx_CASP_flag            ? 
_struct.pdbx_model_type_details   ? 
# 
_struct_keywords.entry_id        1BED 
_struct_keywords.pdbx_keywords   OXIDOREDUCTASE 
_struct_keywords.text            'TCPG, PROTEIN DISULFIDE ISOMERASE, DISULFIDE OXIDOREDUCTASE, OXIDOREDUCTASE' 
# 
loop_
_struct_asym.id 
_struct_asym.pdbx_blank_PDB_chainid_flag 
_struct_asym.pdbx_modified 
_struct_asym.entity_id 
_struct_asym.details 
A N N 1 ? 
B N N 2 ? 
# 
_struct_ref.id                         1 
_struct_ref.db_name                    UNP 
_struct_ref.db_code                    DSBA_VIBCH 
_struct_ref.entity_id                  1 
_struct_ref.pdbx_db_accession          P32557 
_struct_ref.pdbx_align_begin           1 
_struct_ref.pdbx_seq_one_letter_code   
;MKKLFALVATLMLSVSAYAAQFKEGEHYQVLKTPASSSPVVNEFFSFYCPHCNTFEPIIAQLKQQLPEGAKFQKNHVSFM
GGNMGQAMSKAYATMIALEVEDKMVPVMFNRIHTLRKPPKDEQELRQIFLDEGIDAAKFDAAYNGFAVDSMVRRFDKQFQ
DSGLTGVPAVVVNNRYLVQGQSVKSLDEYFDLVNYLLTLK
;
_struct_ref.pdbx_db_isoform            ? 
# 
_struct_ref_seq.align_id                      1 
_struct_ref_seq.ref_id                        1 
_struct_ref_seq.pdbx_PDB_id_code              1BED 
_struct_ref_seq.pdbx_strand_id                A 
_struct_ref_seq.seq_align_beg                 1 
_struct_ref_seq.pdbx_seq_align_beg_ins_code   ? 
_struct_ref_seq.seq_align_end                 181 
_struct_ref_seq.pdbx_seq_align_end_ins_code   ? 
_struct_ref_seq.pdbx_db_accession             P32557 
_struct_ref_seq.db_align_beg                  20 
_struct_ref_seq.pdbx_db_align_beg_ins_code    ? 
_struct_ref_seq.db_align_end                  200 
_struct_ref_seq.pdbx_db_align_end_ins_code    ? 
_struct_ref_seq.pdbx_auth_seq_align_beg       1 
_struct_ref_seq.pdbx_auth_seq_align_end       181 
# 
_struct_ref_seq_dif.align_id                     1 
_struct_ref_seq_dif.pdbx_pdb_id_code             1BED 
_struct_ref_seq_dif.mon_id                       SER 
_struct_ref_seq_dif.pdbx_pdb_strand_id           A 
_struct_ref_seq_dif.seq_num                      23 
_struct_ref_seq_dif.pdbx_pdb_ins_code            ? 
_struct_ref_seq_dif.pdbx_seq_db_name             UNP 
_struct_ref_seq_dif.pdbx_seq_db_accession_code   P32557 
_struct_ref_seq_dif.db_mon_id                    ASN 
_struct_ref_seq_dif.pdbx_seq_db_seq_num          42 
_struct_ref_seq_dif.details                      conflict 
_struct_ref_seq_dif.pdbx_auth_seq_num            23 
_struct_ref_seq_dif.pdbx_ordinal                 1 
# 
_pdbx_struct_assembly.id                   1 
_pdbx_struct_assembly.details              author_defined_assembly 
_pdbx_struct_assembly.method_details       ? 
_pdbx_struct_assembly.oligomeric_details   dimeric 
_pdbx_struct_assembly.oligomeric_count     2 
# 
_pdbx_struct_assembly_gen.assembly_id       1 
_pdbx_struct_assembly_gen.oper_expression   1,2 
_pdbx_struct_assembly_gen.asym_id_list      A,B 
# 
loop_
_pdbx_struct_oper_list.id 
_pdbx_struct_oper_list.type 
_pdbx_struct_oper_list.name 
_pdbx_struct_oper_list.symmetry_operation 
_pdbx_struct_oper_list.matrix[1][1] 
_pdbx_struct_oper_list.matrix[1][2] 
_pdbx_struct_oper_list.matrix[1][3] 
_pdbx_struct_oper_list.vector[1] 
_pdbx_struct_oper_list.matrix[2][1] 
_pdbx_struct_oper_list.matrix[2][2] 
_pdbx_struct_oper_list.matrix[2][3] 
_pdbx_struct_oper_list.vector[2] 
_pdbx_struct_oper_list.matrix[3][1] 
_pdbx_struct_oper_list.matrix[3][2] 
_pdbx_struct_oper_list.matrix[3][3] 
_pdbx_struct_oper_list.vector[3] 
1 'identity operation'         1_555 x,y,z       1.0000000000 0.0000000000 0.0000000000 0.0000000000 0.0000000000 1.0000000000  0.0000000000 0.0000000000   0.0000000000 0.0000000000 1.0000000000  0.0000000000 
2 'crystal symmetry operation' 3_556 -x,y,-z+3/2 0.9506561872 0.2493749751 0.1845668861 3.2190837981 0.2493749751 -0.9681195084 0.0235953229 -26.8663406042 0.1845668861 0.0235953229 -0.9825366789 2.2781296297 
# 
_struct_biol.id   1 
# 
loop_
_struct_conf.conf_type_id 
_struct_conf.id 
_struct_conf.pdbx_PDB_helix_id 
_struct_conf.beg_label_comp_id 
_struct_conf.beg_label_asym_id 
_struct_conf.beg_label_seq_id 
_struct_conf.pdbx_beg_PDB_ins_code 
_struct_conf.end_label_comp_id 
_struct_conf.end_label_asym_id 
_struct_conf.end_label_seq_id 
_struct_conf.pdbx_end_PDB_ins_code 
_struct_conf.beg_auth_comp_id 
_struct_conf.beg_auth_asym_id 
_struct_conf.beg_auth_seq_id 
_struct_conf.end_auth_comp_id 
_struct_conf.end_auth_asym_id 
_struct_conf.end_auth_seq_id 
_struct_conf.pdbx_PDB_helix_class 
_struct_conf.details 
_struct_conf.pdbx_PDB_helix_length 
HELX_P HELX_P1 1    CYS A 30  ? GLU A 37  ? CYS A 30  GLU A 37  1 ? 8  
HELX_P HELX_P2 "1'" PRO A 38  ? LEU A 47  ? PRO A 38  LEU A 47  1 ? 10 
HELX_P HELX_P3 2    GLY A 63  ? LEU A 79  ? GLY A 63  LEU A 79  1 ? 17 
HELX_P HELX_P4 3    VAL A 81  ? HIS A 94  ? VAL A 81  HIS A 94  1 ? 14 
HELX_P HELX_P5 4    ASP A 102 ? GLU A 113 ? ASP A 102 GLU A 113 1 ? 12 
HELX_P HELX_P6 5    ASP A 116 ? ASN A 125 ? ASP A 116 ASN A 125 1 ? 10 
HELX_P HELX_P7 6    PHE A 127 ? GLY A 144 ? PHE A 127 GLY A 144 1 ? 18 
HELX_P HELX_P8 7    SER A 166 ? THR A 179 ? SER A 166 THR A 179 1 ? 14 
# 
_struct_conf_type.id          HELX_P 
_struct_conf_type.criteria    ? 
_struct_conf_type.reference   ? 
# 
_struct_conn.id                            disulf1 
_struct_conn.conn_type_id                  disulf 
_struct_conn.pdbx_leaving_atom_flag        ? 
_struct_conn.pdbx_PDB_id                   ? 
_struct_conn.ptnr1_label_asym_id           A 
_struct_conn.ptnr1_label_comp_id           CYS 
_struct_conn.ptnr1_label_seq_id            30 
_struct_conn.ptnr1_label_atom_id           SG 
_struct_conn.pdbx_ptnr1_label_alt_id       ? 
_struct_conn.pdbx_ptnr1_PDB_ins_code       ? 
_struct_conn.pdbx_ptnr1_standard_comp_id   ? 
_struct_conn.ptnr1_symmetry                1_555 
_struct_conn.ptnr2_label_asym_id           A 
_struct_conn.ptnr2_label_comp_id           CYS 
_struct_conn.ptnr2_label_seq_id            33 
_struct_conn.ptnr2_label_atom_id           SG 
_struct_conn.pdbx_ptnr2_label_alt_id       ? 
_struct_conn.pdbx_ptnr2_PDB_ins_code       ? 
_struct_conn.ptnr1_auth_asym_id            A 
_struct_conn.ptnr1_auth_comp_id            CYS 
_struct_conn.ptnr1_auth_seq_id             30 
_struct_conn.ptnr2_auth_asym_id            A 
_struct_conn.ptnr2_auth_comp_id            CYS 
_struct_conn.ptnr2_auth_seq_id             33 
_struct_conn.ptnr2_symmetry                1_555 
_struct_conn.pdbx_ptnr3_label_atom_id      ? 
_struct_conn.pdbx_ptnr3_label_seq_id       ? 
_struct_conn.pdbx_ptnr3_label_comp_id      ? 
_struct_conn.pdbx_ptnr3_label_asym_id      ? 
_struct_conn.pdbx_ptnr3_label_alt_id       ? 
_struct_conn.pdbx_ptnr3_PDB_ins_code       ? 
_struct_conn.details                       ? 
_struct_conn.pdbx_dist_value               2.038 
_struct_conn.pdbx_value_order              ? 
_struct_conn.pdbx_role                     ? 
# 
_struct_conn_type.id          disulf 
_struct_conn_type.criteria    ? 
_struct_conn_type.reference   ? 
# 
_pdbx_modification_feature.ordinal                            1 
_pdbx_modification_feature.label_comp_id                      CYS 
_pdbx_modification_feature.label_asym_id                      A 
_pdbx_modification_feature.label_seq_id                       30 
_pdbx_modification_feature.label_alt_id                       ? 
_pdbx_modification_feature.modified_residue_label_comp_id     CYS 
_pdbx_modification_feature.modified_residue_label_asym_id     A 
_pdbx_modification_feature.modified_residue_label_seq_id      33 
_pdbx_modification_feature.modified_residue_label_alt_id      ? 
_pdbx_modification_feature.auth_comp_id                       CYS 
_pdbx_modification_feature.auth_asym_id                       A 
_pdbx_modification_feature.auth_seq_id                        30 
_pdbx_modification_feature.PDB_ins_code                       ? 
_pdbx_modification_feature.symmetry                           1_555 
_pdbx_modification_feature.modified_residue_auth_comp_id      CYS 
_pdbx_modification_feature.modified_residue_auth_asym_id      A 
_pdbx_modification_feature.modified_residue_auth_seq_id       33 
_pdbx_modification_feature.modified_residue_PDB_ins_code      ? 
_pdbx_modification_feature.modified_residue_symmetry          1_555 
_pdbx_modification_feature.comp_id_linking_atom               SG 
_pdbx_modification_feature.modified_residue_id_linking_atom   SG 
_pdbx_modification_feature.modified_residue_id                . 
_pdbx_modification_feature.ref_pcm_id                         . 
_pdbx_modification_feature.ref_comp_id                        . 
_pdbx_modification_feature.type                               None 
_pdbx_modification_feature.category                           'Disulfide bridge' 
# 
_struct_mon_prot_cis.pdbx_id                1 
_struct_mon_prot_cis.label_comp_id          VAL 
_struct_mon_prot_cis.label_seq_id           148 
_struct_mon_prot_cis.label_asym_id          A 
_struct_mon_prot_cis.label_alt_id           . 
_struct_mon_prot_cis.pdbx_PDB_ins_code      ? 
_struct_mon_prot_cis.auth_comp_id           VAL 
_struct_mon_prot_cis.auth_seq_id            148 
_struct_mon_prot_cis.auth_asym_id           A 
_struct_mon_prot_cis.pdbx_label_comp_id_2   PRO 
_struct_mon_prot_cis.pdbx_label_seq_id_2    149 
_struct_mon_prot_cis.pdbx_label_asym_id_2   A 
_struct_mon_prot_cis.pdbx_PDB_ins_code_2    ? 
_struct_mon_prot_cis.pdbx_auth_comp_id_2    PRO 
_struct_mon_prot_cis.pdbx_auth_seq_id_2     149 
_struct_mon_prot_cis.pdbx_auth_asym_id_2    A 
_struct_mon_prot_cis.pdbx_PDB_model_num     1 
_struct_mon_prot_cis.pdbx_omega_angle       -0.44 
# 
loop_
_struct_sheet.id 
_struct_sheet.type 
_struct_sheet.number_strands 
_struct_sheet.details 
A ? 2 ? 
B ? 3 ? 
# 
loop_
_struct_sheet_order.sheet_id 
_struct_sheet_order.range_id_1 
_struct_sheet_order.range_id_2 
_struct_sheet_order.offset 
_struct_sheet_order.sense 
A 1 2 ? anti-parallel 
B 1 2 ? parallel      
B 2 3 ? anti-parallel 
# 
loop_
_struct_sheet_range.sheet_id 
_struct_sheet_range.id 
_struct_sheet_range.beg_label_comp_id 
_struct_sheet_range.beg_label_asym_id 
_struct_sheet_range.beg_label_seq_id 
_struct_sheet_range.pdbx_beg_PDB_ins_code 
_struct_sheet_range.end_label_comp_id 
_struct_sheet_range.end_label_asym_id 
_struct_sheet_range.end_label_seq_id 
_struct_sheet_range.pdbx_end_PDB_ins_code 
_struct_sheet_range.beg_auth_comp_id 
_struct_sheet_range.beg_auth_asym_id 
_struct_sheet_range.beg_auth_seq_id 
_struct_sheet_range.end_auth_comp_id 
_struct_sheet_range.end_auth_asym_id 
_struct_sheet_range.end_auth_seq_id 
A 1 HIS A 8   ? LEU A 12  ? HIS A 8   LEU A 12  
A 2 ARG A 156 ? GLN A 160 ? ARG A 156 GLN A 160 
B 1 LYS A 52  ? VAL A 58  ? LYS A 52  VAL A 58  
B 2 VAL A 21  ? PHE A 26  ? VAL A 21  PHE A 26  
B 3 ALA A 150 ? ASN A 154 ? ALA A 150 ASN A 154 
# 
loop_
_pdbx_struct_sheet_hbond.sheet_id 
_pdbx_struct_sheet_hbond.range_id_1 
_pdbx_struct_sheet_hbond.range_id_2 
_pdbx_struct_sheet_hbond.range_1_label_atom_id 
_pdbx_struct_sheet_hbond.range_1_label_comp_id 
_pdbx_struct_sheet_hbond.range_1_label_asym_id 
_pdbx_struct_sheet_hbond.range_1_label_seq_id 
_pdbx_struct_sheet_hbond.range_1_PDB_ins_code 
_pdbx_struct_sheet_hbond.range_1_auth_atom_id 
_pdbx_struct_sheet_hbond.range_1_auth_comp_id 
_pdbx_struct_sheet_hbond.range_1_auth_asym_id 
_pdbx_struct_sheet_hbond.range_1_auth_seq_id 
_pdbx_struct_sheet_hbond.range_2_label_atom_id 
_pdbx_struct_sheet_hbond.range_2_label_comp_id 
_pdbx_struct_sheet_hbond.range_2_label_asym_id 
_pdbx_struct_sheet_hbond.range_2_label_seq_id 
_pdbx_struct_sheet_hbond.range_2_PDB_ins_code 
_pdbx_struct_sheet_hbond.range_2_auth_atom_id 
_pdbx_struct_sheet_hbond.range_2_auth_comp_id 
_pdbx_struct_sheet_hbond.range_2_auth_asym_id 
_pdbx_struct_sheet_hbond.range_2_auth_seq_id 
A 1 2 O GLN A 10 ? O GLN A 10 N LEU A 158 ? N LEU A 158 
B 1 2 O LYS A 52 ? O LYS A 52 N VAL A 22  ? N VAL A 22  
B 2 3 O SER A 23 ? O SER A 23 N VAL A 152 ? N VAL A 152 
# 
_pdbx_entry_details.entry_id                   1BED 
_pdbx_entry_details.compound_details           ? 
_pdbx_entry_details.source_details             ? 
_pdbx_entry_details.nonpolymer_details         ? 
_pdbx_entry_details.sequence_details           ? 
_pdbx_entry_details.has_ligand_of_interest     ? 
_pdbx_entry_details.has_protein_modification   Y 
# 
loop_
_pdbx_validate_torsion.id 
_pdbx_validate_torsion.PDB_model_num 
_pdbx_validate_torsion.auth_comp_id 
_pdbx_validate_torsion.auth_asym_id 
_pdbx_validate_torsion.auth_seq_id 
_pdbx_validate_torsion.PDB_ins_code 
_pdbx_validate_torsion.label_alt_id 
_pdbx_validate_torsion.phi 
_pdbx_validate_torsion.psi 
1 1 GLU A 7   ? ? -131.51 -54.56 
2 1 HIS A 94  ? ? -97.73  -60.01 
3 1 ASN A 155 ? ? 70.07   -5.62  
4 1 GLN A 160 ? ? -91.75  52.72  
5 1 GLN A 162 ? ? -62.21  2.00   
6 1 LYS A 165 ? ? -71.84  -91.68 
# 
loop_
_chem_comp_atom.comp_id 
_chem_comp_atom.atom_id 
_chem_comp_atom.type_symbol 
_chem_comp_atom.pdbx_aromatic_flag 
_chem_comp_atom.pdbx_stereo_config 
_chem_comp_atom.pdbx_ordinal 
ALA N    N N N 1   
ALA CA   C N S 2   
ALA C    C N N 3   
ALA O    O N N 4   
ALA CB   C N N 5   
ALA OXT  O N N 6   
ALA H    H N N 7   
ALA H2   H N N 8   
ALA HA   H N N 9   
ALA HB1  H N N 10  
ALA HB2  H N N 11  
ALA HB3  H N N 12  
ALA HXT  H N N 13  
ARG N    N N N 14  
ARG CA   C N S 15  
ARG C    C N N 16  
ARG O    O N N 17  
ARG CB   C N N 18  
ARG CG   C N N 19  
ARG CD   C N N 20  
ARG NE   N N N 21  
ARG CZ   C N N 22  
ARG NH1  N N N 23  
ARG NH2  N N N 24  
ARG OXT  O N N 25  
ARG H    H N N 26  
ARG H2   H N N 27  
ARG HA   H N N 28  
ARG HB2  H N N 29  
ARG HB3  H N N 30  
ARG HG2  H N N 31  
ARG HG3  H N N 32  
ARG HD2  H N N 33  
ARG HD3  H N N 34  
ARG HE   H N N 35  
ARG HH11 H N N 36  
ARG HH12 H N N 37  
ARG HH21 H N N 38  
ARG HH22 H N N 39  
ARG HXT  H N N 40  
ASN N    N N N 41  
ASN CA   C N S 42  
ASN C    C N N 43  
ASN O    O N N 44  
ASN CB   C N N 45  
ASN CG   C N N 46  
ASN OD1  O N N 47  
ASN ND2  N N N 48  
ASN OXT  O N N 49  
ASN H    H N N 50  
ASN H2   H N N 51  
ASN HA   H N N 52  
ASN HB2  H N N 53  
ASN HB3  H N N 54  
ASN HD21 H N N 55  
ASN HD22 H N N 56  
ASN HXT  H N N 57  
ASP N    N N N 58  
ASP CA   C N S 59  
ASP C    C N N 60  
ASP O    O N N 61  
ASP CB   C N N 62  
ASP CG   C N N 63  
ASP OD1  O N N 64  
ASP OD2  O N N 65  
ASP OXT  O N N 66  
ASP H    H N N 67  
ASP H2   H N N 68  
ASP HA   H N N 69  
ASP HB2  H N N 70  
ASP HB3  H N N 71  
ASP HD2  H N N 72  
ASP HXT  H N N 73  
CYS N    N N N 74  
CYS CA   C N R 75  
CYS C    C N N 76  
CYS O    O N N 77  
CYS CB   C N N 78  
CYS SG   S N N 79  
CYS OXT  O N N 80  
CYS H    H N N 81  
CYS H2   H N N 82  
CYS HA   H N N 83  
CYS HB2  H N N 84  
CYS HB3  H N N 85  
CYS HG   H N N 86  
CYS HXT  H N N 87  
GLN N    N N N 88  
GLN CA   C N S 89  
GLN C    C N N 90  
GLN O    O N N 91  
GLN CB   C N N 92  
GLN CG   C N N 93  
GLN CD   C N N 94  
GLN OE1  O N N 95  
GLN NE2  N N N 96  
GLN OXT  O N N 97  
GLN H    H N N 98  
GLN H2   H N N 99  
GLN HA   H N N 100 
GLN HB2  H N N 101 
GLN HB3  H N N 102 
GLN HG2  H N N 103 
GLN HG3  H N N 104 
GLN HE21 H N N 105 
GLN HE22 H N N 106 
GLN HXT  H N N 107 
GLU N    N N N 108 
GLU CA   C N S 109 
GLU C    C N N 110 
GLU O    O N N 111 
GLU CB   C N N 112 
GLU CG   C N N 113 
GLU CD   C N N 114 
GLU OE1  O N N 115 
GLU OE2  O N N 116 
GLU OXT  O N N 117 
GLU H    H N N 118 
GLU H2   H N N 119 
GLU HA   H N N 120 
GLU HB2  H N N 121 
GLU HB3  H N N 122 
GLU HG2  H N N 123 
GLU HG3  H N N 124 
GLU HE2  H N N 125 
GLU HXT  H N N 126 
GLY N    N N N 127 
GLY CA   C N N 128 
GLY C    C N N 129 
GLY O    O N N 130 
GLY OXT  O N N 131 
GLY H    H N N 132 
GLY H2   H N N 133 
GLY HA2  H N N 134 
GLY HA3  H N N 135 
GLY HXT  H N N 136 
HIS N    N N N 137 
HIS CA   C N S 138 
HIS C    C N N 139 
HIS O    O N N 140 
HIS CB   C N N 141 
HIS CG   C Y N 142 
HIS ND1  N Y N 143 
HIS CD2  C Y N 144 
HIS CE1  C Y N 145 
HIS NE2  N Y N 146 
HIS OXT  O N N 147 
HIS H    H N N 148 
HIS H2   H N N 149 
HIS HA   H N N 150 
HIS HB2  H N N 151 
HIS HB3  H N N 152 
HIS HD1  H N N 153 
HIS HD2  H N N 154 
HIS HE1  H N N 155 
HIS HE2  H N N 156 
HIS HXT  H N N 157 
HOH O    O N N 158 
HOH H1   H N N 159 
HOH H2   H N N 160 
ILE N    N N N 161 
ILE CA   C N S 162 
ILE C    C N N 163 
ILE O    O N N 164 
ILE CB   C N S 165 
ILE CG1  C N N 166 
ILE CG2  C N N 167 
ILE CD1  C N N 168 
ILE OXT  O N N 169 
ILE H    H N N 170 
ILE H2   H N N 171 
ILE HA   H N N 172 
ILE HB   H N N 173 
ILE HG12 H N N 174 
ILE HG13 H N N 175 
ILE HG21 H N N 176 
ILE HG22 H N N 177 
ILE HG23 H N N 178 
ILE HD11 H N N 179 
ILE HD12 H N N 180 
ILE HD13 H N N 181 
ILE HXT  H N N 182 
LEU N    N N N 183 
LEU CA   C N S 184 
LEU C    C N N 185 
LEU O    O N N 186 
LEU CB   C N N 187 
LEU CG   C N N 188 
LEU CD1  C N N 189 
LEU CD2  C N N 190 
LEU OXT  O N N 191 
LEU H    H N N 192 
LEU H2   H N N 193 
LEU HA   H N N 194 
LEU HB2  H N N 195 
LEU HB3  H N N 196 
LEU HG   H N N 197 
LEU HD11 H N N 198 
LEU HD12 H N N 199 
LEU HD13 H N N 200 
LEU HD21 H N N 201 
LEU HD22 H N N 202 
LEU HD23 H N N 203 
LEU HXT  H N N 204 
LYS N    N N N 205 
LYS CA   C N S 206 
LYS C    C N N 207 
LYS O    O N N 208 
LYS CB   C N N 209 
LYS CG   C N N 210 
LYS CD   C N N 211 
LYS CE   C N N 212 
LYS NZ   N N N 213 
LYS OXT  O N N 214 
LYS H    H N N 215 
LYS H2   H N N 216 
LYS HA   H N N 217 
LYS HB2  H N N 218 
LYS HB3  H N N 219 
LYS HG2  H N N 220 
LYS HG3  H N N 221 
LYS HD2  H N N 222 
LYS HD3  H N N 223 
LYS HE2  H N N 224 
LYS HE3  H N N 225 
LYS HZ1  H N N 226 
LYS HZ2  H N N 227 
LYS HZ3  H N N 228 
LYS HXT  H N N 229 
MET N    N N N 230 
MET CA   C N S 231 
MET C    C N N 232 
MET O    O N N 233 
MET CB   C N N 234 
MET CG   C N N 235 
MET SD   S N N 236 
MET CE   C N N 237 
MET OXT  O N N 238 
MET H    H N N 239 
MET H2   H N N 240 
MET HA   H N N 241 
MET HB2  H N N 242 
MET HB3  H N N 243 
MET HG2  H N N 244 
MET HG3  H N N 245 
MET HE1  H N N 246 
MET HE2  H N N 247 
MET HE3  H N N 248 
MET HXT  H N N 249 
PHE N    N N N 250 
PHE CA   C N S 251 
PHE C    C N N 252 
PHE O    O N N 253 
PHE CB   C N N 254 
PHE CG   C Y N 255 
PHE CD1  C Y N 256 
PHE CD2  C Y N 257 
PHE CE1  C Y N 258 
PHE CE2  C Y N 259 
PHE CZ   C Y N 260 
PHE OXT  O N N 261 
PHE H    H N N 262 
PHE H2   H N N 263 
PHE HA   H N N 264 
PHE HB2  H N N 265 
PHE HB3  H N N 266 
PHE HD1  H N N 267 
PHE HD2  H N N 268 
PHE HE1  H N N 269 
PHE HE2  H N N 270 
PHE HZ   H N N 271 
PHE HXT  H N N 272 
PRO N    N N N 273 
PRO CA   C N S 274 
PRO C    C N N 275 
PRO O    O N N 276 
PRO CB   C N N 277 
PRO CG   C N N 278 
PRO CD   C N N 279 
PRO OXT  O N N 280 
PRO H    H N N 281 
PRO HA   H N N 282 
PRO HB2  H N N 283 
PRO HB3  H N N 284 
PRO HG2  H N N 285 
PRO HG3  H N N 286 
PRO HD2  H N N 287 
PRO HD3  H N N 288 
PRO HXT  H N N 289 
SER N    N N N 290 
SER CA   C N S 291 
SER C    C N N 292 
SER O    O N N 293 
SER CB   C N N 294 
SER OG   O N N 295 
SER OXT  O N N 296 
SER H    H N N 297 
SER H2   H N N 298 
SER HA   H N N 299 
SER HB2  H N N 300 
SER HB3  H N N 301 
SER HG   H N N 302 
SER HXT  H N N 303 
THR N    N N N 304 
THR CA   C N S 305 
THR C    C N N 306 
THR O    O N N 307 
THR CB   C N R 308 
THR OG1  O N N 309 
THR CG2  C N N 310 
THR OXT  O N N 311 
THR H    H N N 312 
THR H2   H N N 313 
THR HA   H N N 314 
THR HB   H N N 315 
THR HG1  H N N 316 
THR HG21 H N N 317 
THR HG22 H N N 318 
THR HG23 H N N 319 
THR HXT  H N N 320 
TYR N    N N N 321 
TYR CA   C N S 322 
TYR C    C N N 323 
TYR O    O N N 324 
TYR CB   C N N 325 
TYR CG   C Y N 326 
TYR CD1  C Y N 327 
TYR CD2  C Y N 328 
TYR CE1  C Y N 329 
TYR CE2  C Y N 330 
TYR CZ   C Y N 331 
TYR OH   O N N 332 
TYR OXT  O N N 333 
TYR H    H N N 334 
TYR H2   H N N 335 
TYR HA   H N N 336 
TYR HB2  H N N 337 
TYR HB3  H N N 338 
TYR HD1  H N N 339 
TYR HD2  H N N 340 
TYR HE1  H N N 341 
TYR HE2  H N N 342 
TYR HH   H N N 343 
TYR HXT  H N N 344 
VAL N    N N N 345 
VAL CA   C N S 346 
VAL C    C N N 347 
VAL O    O N N 348 
VAL CB   C N N 349 
VAL CG1  C N N 350 
VAL CG2  C N N 351 
VAL OXT  O N N 352 
VAL H    H N N 353 
VAL H2   H N N 354 
VAL HA   H N N 355 
VAL HB   H N N 356 
VAL HG11 H N N 357 
VAL HG12 H N N 358 
VAL HG13 H N N 359 
VAL HG21 H N N 360 
VAL HG22 H N N 361 
VAL HG23 H N N 362 
VAL HXT  H N N 363 
# 
loop_
_chem_comp_bond.comp_id 
_chem_comp_bond.atom_id_1 
_chem_comp_bond.atom_id_2 
_chem_comp_bond.value_order 
_chem_comp_bond.pdbx_aromatic_flag 
_chem_comp_bond.pdbx_stereo_config 
_chem_comp_bond.pdbx_ordinal 
ALA N   CA   sing N N 1   
ALA N   H    sing N N 2   
ALA N   H2   sing N N 3   
ALA CA  C    sing N N 4   
ALA CA  CB   sing N N 5   
ALA CA  HA   sing N N 6   
ALA C   O    doub N N 7   
ALA C   OXT  sing N N 8   
ALA CB  HB1  sing N N 9   
ALA CB  HB2  sing N N 10  
ALA CB  HB3  sing N N 11  
ALA OXT HXT  sing N N 12  
ARG N   CA   sing N N 13  
ARG N   H    sing N N 14  
ARG N   H2   sing N N 15  
ARG CA  C    sing N N 16  
ARG CA  CB   sing N N 17  
ARG CA  HA   sing N N 18  
ARG C   O    doub N N 19  
ARG C   OXT  sing N N 20  
ARG CB  CG   sing N N 21  
ARG CB  HB2  sing N N 22  
ARG CB  HB3  sing N N 23  
ARG CG  CD   sing N N 24  
ARG CG  HG2  sing N N 25  
ARG CG  HG3  sing N N 26  
ARG CD  NE   sing N N 27  
ARG CD  HD2  sing N N 28  
ARG CD  HD3  sing N N 29  
ARG NE  CZ   sing N N 30  
ARG NE  HE   sing N N 31  
ARG CZ  NH1  sing N N 32  
ARG CZ  NH2  doub N N 33  
ARG NH1 HH11 sing N N 34  
ARG NH1 HH12 sing N N 35  
ARG NH2 HH21 sing N N 36  
ARG NH2 HH22 sing N N 37  
ARG OXT HXT  sing N N 38  
ASN N   CA   sing N N 39  
ASN N   H    sing N N 40  
ASN N   H2   sing N N 41  
ASN CA  C    sing N N 42  
ASN CA  CB   sing N N 43  
ASN CA  HA   sing N N 44  
ASN C   O    doub N N 45  
ASN C   OXT  sing N N 46  
ASN CB  CG   sing N N 47  
ASN CB  HB2  sing N N 48  
ASN CB  HB3  sing N N 49  
ASN CG  OD1  doub N N 50  
ASN CG  ND2  sing N N 51  
ASN ND2 HD21 sing N N 52  
ASN ND2 HD22 sing N N 53  
ASN OXT HXT  sing N N 54  
ASP N   CA   sing N N 55  
ASP N   H    sing N N 56  
ASP N   H2   sing N N 57  
ASP CA  C    sing N N 58  
ASP CA  CB   sing N N 59  
ASP CA  HA   sing N N 60  
ASP C   O    doub N N 61  
ASP C   OXT  sing N N 62  
ASP CB  CG   sing N N 63  
ASP CB  HB2  sing N N 64  
ASP CB  HB3  sing N N 65  
ASP CG  OD1  doub N N 66  
ASP CG  OD2  sing N N 67  
ASP OD2 HD2  sing N N 68  
ASP OXT HXT  sing N N 69  
CYS N   CA   sing N N 70  
CYS N   H    sing N N 71  
CYS N   H2   sing N N 72  
CYS CA  C    sing N N 73  
CYS CA  CB   sing N N 74  
CYS CA  HA   sing N N 75  
CYS C   O    doub N N 76  
CYS C   OXT  sing N N 77  
CYS CB  SG   sing N N 78  
CYS CB  HB2  sing N N 79  
CYS CB  HB3  sing N N 80  
CYS SG  HG   sing N N 81  
CYS OXT HXT  sing N N 82  
GLN N   CA   sing N N 83  
GLN N   H    sing N N 84  
GLN N   H2   sing N N 85  
GLN CA  C    sing N N 86  
GLN CA  CB   sing N N 87  
GLN CA  HA   sing N N 88  
GLN C   O    doub N N 89  
GLN C   OXT  sing N N 90  
GLN CB  CG   sing N N 91  
GLN CB  HB2  sing N N 92  
GLN CB  HB3  sing N N 93  
GLN CG  CD   sing N N 94  
GLN CG  HG2  sing N N 95  
GLN CG  HG3  sing N N 96  
GLN CD  OE1  doub N N 97  
GLN CD  NE2  sing N N 98  
GLN NE2 HE21 sing N N 99  
GLN NE2 HE22 sing N N 100 
GLN OXT HXT  sing N N 101 
GLU N   CA   sing N N 102 
GLU N   H    sing N N 103 
GLU N   H2   sing N N 104 
GLU CA  C    sing N N 105 
GLU CA  CB   sing N N 106 
GLU CA  HA   sing N N 107 
GLU C   O    doub N N 108 
GLU C   OXT  sing N N 109 
GLU CB  CG   sing N N 110 
GLU CB  HB2  sing N N 111 
GLU CB  HB3  sing N N 112 
GLU CG  CD   sing N N 113 
GLU CG  HG2  sing N N 114 
GLU CG  HG3  sing N N 115 
GLU CD  OE1  doub N N 116 
GLU CD  OE2  sing N N 117 
GLU OE2 HE2  sing N N 118 
GLU OXT HXT  sing N N 119 
GLY N   CA   sing N N 120 
GLY N   H    sing N N 121 
GLY N   H2   sing N N 122 
GLY CA  C    sing N N 123 
GLY CA  HA2  sing N N 124 
GLY CA  HA3  sing N N 125 
GLY C   O    doub N N 126 
GLY C   OXT  sing N N 127 
GLY OXT HXT  sing N N 128 
HIS N   CA   sing N N 129 
HIS N   H    sing N N 130 
HIS N   H2   sing N N 131 
HIS CA  C    sing N N 132 
HIS CA  CB   sing N N 133 
HIS CA  HA   sing N N 134 
HIS C   O    doub N N 135 
HIS C   OXT  sing N N 136 
HIS CB  CG   sing N N 137 
HIS CB  HB2  sing N N 138 
HIS CB  HB3  sing N N 139 
HIS CG  ND1  sing Y N 140 
HIS CG  CD2  doub Y N 141 
HIS ND1 CE1  doub Y N 142 
HIS ND1 HD1  sing N N 143 
HIS CD2 NE2  sing Y N 144 
HIS CD2 HD2  sing N N 145 
HIS CE1 NE2  sing Y N 146 
HIS CE1 HE1  sing N N 147 
HIS NE2 HE2  sing N N 148 
HIS OXT HXT  sing N N 149 
HOH O   H1   sing N N 150 
HOH O   H2   sing N N 151 
ILE N   CA   sing N N 152 
ILE N   H    sing N N 153 
ILE N   H2   sing N N 154 
ILE CA  C    sing N N 155 
ILE CA  CB   sing N N 156 
ILE CA  HA   sing N N 157 
ILE C   O    doub N N 158 
ILE C   OXT  sing N N 159 
ILE CB  CG1  sing N N 160 
ILE CB  CG2  sing N N 161 
ILE CB  HB   sing N N 162 
ILE CG1 CD1  sing N N 163 
ILE CG1 HG12 sing N N 164 
ILE CG1 HG13 sing N N 165 
ILE CG2 HG21 sing N N 166 
ILE CG2 HG22 sing N N 167 
ILE CG2 HG23 sing N N 168 
ILE CD1 HD11 sing N N 169 
ILE CD1 HD12 sing N N 170 
ILE CD1 HD13 sing N N 171 
ILE OXT HXT  sing N N 172 
LEU N   CA   sing N N 173 
LEU N   H    sing N N 174 
LEU N   H2   sing N N 175 
LEU CA  C    sing N N 176 
LEU CA  CB   sing N N 177 
LEU CA  HA   sing N N 178 
LEU C   O    doub N N 179 
LEU C   OXT  sing N N 180 
LEU CB  CG   sing N N 181 
LEU CB  HB2  sing N N 182 
LEU CB  HB3  sing N N 183 
LEU CG  CD1  sing N N 184 
LEU CG  CD2  sing N N 185 
LEU CG  HG   sing N N 186 
LEU CD1 HD11 sing N N 187 
LEU CD1 HD12 sing N N 188 
LEU CD1 HD13 sing N N 189 
LEU CD2 HD21 sing N N 190 
LEU CD2 HD22 sing N N 191 
LEU CD2 HD23 sing N N 192 
LEU OXT HXT  sing N N 193 
LYS N   CA   sing N N 194 
LYS N   H    sing N N 195 
LYS N   H2   sing N N 196 
LYS CA  C    sing N N 197 
LYS CA  CB   sing N N 198 
LYS CA  HA   sing N N 199 
LYS C   O    doub N N 200 
LYS C   OXT  sing N N 201 
LYS CB  CG   sing N N 202 
LYS CB  HB2  sing N N 203 
LYS CB  HB3  sing N N 204 
LYS CG  CD   sing N N 205 
LYS CG  HG2  sing N N 206 
LYS CG  HG3  sing N N 207 
LYS CD  CE   sing N N 208 
LYS CD  HD2  sing N N 209 
LYS CD  HD3  sing N N 210 
LYS CE  NZ   sing N N 211 
LYS CE  HE2  sing N N 212 
LYS CE  HE3  sing N N 213 
LYS NZ  HZ1  sing N N 214 
LYS NZ  HZ2  sing N N 215 
LYS NZ  HZ3  sing N N 216 
LYS OXT HXT  sing N N 217 
MET N   CA   sing N N 218 
MET N   H    sing N N 219 
MET N   H2   sing N N 220 
MET CA  C    sing N N 221 
MET CA  CB   sing N N 222 
MET CA  HA   sing N N 223 
MET C   O    doub N N 224 
MET C   OXT  sing N N 225 
MET CB  CG   sing N N 226 
MET CB  HB2  sing N N 227 
MET CB  HB3  sing N N 228 
MET CG  SD   sing N N 229 
MET CG  HG2  sing N N 230 
MET CG  HG3  sing N N 231 
MET SD  CE   sing N N 232 
MET CE  HE1  sing N N 233 
MET CE  HE2  sing N N 234 
MET CE  HE3  sing N N 235 
MET OXT HXT  sing N N 236 
PHE N   CA   sing N N 237 
PHE N   H    sing N N 238 
PHE N   H2   sing N N 239 
PHE CA  C    sing N N 240 
PHE CA  CB   sing N N 241 
PHE CA  HA   sing N N 242 
PHE C   O    doub N N 243 
PHE C   OXT  sing N N 244 
PHE CB  CG   sing N N 245 
PHE CB  HB2  sing N N 246 
PHE CB  HB3  sing N N 247 
PHE CG  CD1  doub Y N 248 
PHE CG  CD2  sing Y N 249 
PHE CD1 CE1  sing Y N 250 
PHE CD1 HD1  sing N N 251 
PHE CD2 CE2  doub Y N 252 
PHE CD2 HD2  sing N N 253 
PHE CE1 CZ   doub Y N 254 
PHE CE1 HE1  sing N N 255 
PHE CE2 CZ   sing Y N 256 
PHE CE2 HE2  sing N N 257 
PHE CZ  HZ   sing N N 258 
PHE OXT HXT  sing N N 259 
PRO N   CA   sing N N 260 
PRO N   CD   sing N N 261 
PRO N   H    sing N N 262 
PRO CA  C    sing N N 263 
PRO CA  CB   sing N N 264 
PRO CA  HA   sing N N 265 
PRO C   O    doub N N 266 
PRO C   OXT  sing N N 267 
PRO CB  CG   sing N N 268 
PRO CB  HB2  sing N N 269 
PRO CB  HB3  sing N N 270 
PRO CG  CD   sing N N 271 
PRO CG  HG2  sing N N 272 
PRO CG  HG3  sing N N 273 
PRO CD  HD2  sing N N 274 
PRO CD  HD3  sing N N 275 
PRO OXT HXT  sing N N 276 
SER N   CA   sing N N 277 
SER N   H    sing N N 278 
SER N   H2   sing N N 279 
SER CA  C    sing N N 280 
SER CA  CB   sing N N 281 
SER CA  HA   sing N N 282 
SER C   O    doub N N 283 
SER C   OXT  sing N N 284 
SER CB  OG   sing N N 285 
SER CB  HB2  sing N N 286 
SER CB  HB3  sing N N 287 
SER OG  HG   sing N N 288 
SER OXT HXT  sing N N 289 
THR N   CA   sing N N 290 
THR N   H    sing N N 291 
THR N   H2   sing N N 292 
THR CA  C    sing N N 293 
THR CA  CB   sing N N 294 
THR CA  HA   sing N N 295 
THR C   O    doub N N 296 
THR C   OXT  sing N N 297 
THR CB  OG1  sing N N 298 
THR CB  CG2  sing N N 299 
THR CB  HB   sing N N 300 
THR OG1 HG1  sing N N 301 
THR CG2 HG21 sing N N 302 
THR CG2 HG22 sing N N 303 
THR CG2 HG23 sing N N 304 
THR OXT HXT  sing N N 305 
TYR N   CA   sing N N 306 
TYR N   H    sing N N 307 
TYR N   H2   sing N N 308 
TYR CA  C    sing N N 309 
TYR CA  CB   sing N N 310 
TYR CA  HA   sing N N 311 
TYR C   O    doub N N 312 
TYR C   OXT  sing N N 313 
TYR CB  CG   sing N N 314 
TYR CB  HB2  sing N N 315 
TYR CB  HB3  sing N N 316 
TYR CG  CD1  doub Y N 317 
TYR CG  CD2  sing Y N 318 
TYR CD1 CE1  sing Y N 319 
TYR CD1 HD1  sing N N 320 
TYR CD2 CE2  doub Y N 321 
TYR CD2 HD2  sing N N 322 
TYR CE1 CZ   doub Y N 323 
TYR CE1 HE1  sing N N 324 
TYR CE2 CZ   sing Y N 325 
TYR CE2 HE2  sing N N 326 
TYR CZ  OH   sing N N 327 
TYR OH  HH   sing N N 328 
TYR OXT HXT  sing N N 329 
VAL N   CA   sing N N 330 
VAL N   H    sing N N 331 
VAL N   H2   sing N N 332 
VAL CA  C    sing N N 333 
VAL CA  CB   sing N N 334 
VAL CA  HA   sing N N 335 
VAL C   O    doub N N 336 
VAL C   OXT  sing N N 337 
VAL CB  CG1  sing N N 338 
VAL CB  CG2  sing N N 339 
VAL CB  HB   sing N N 340 
VAL CG1 HG11 sing N N 341 
VAL CG1 HG12 sing N N 342 
VAL CG1 HG13 sing N N 343 
VAL CG2 HG21 sing N N 344 
VAL CG2 HG22 sing N N 345 
VAL CG2 HG23 sing N N 346 
VAL OXT HXT  sing N N 347 
# 
_pdbx_initial_refinement_model.id               1 
_pdbx_initial_refinement_model.entity_id_list   ? 
_pdbx_initial_refinement_model.type             'experimental model' 
_pdbx_initial_refinement_model.source_name      PDB 
_pdbx_initial_refinement_model.accession_code   1DSB 
_pdbx_initial_refinement_model.details          'PDB ENTRY 1DSB' 
# 
_atom_sites.entry_id                    1BED 
_atom_sites.fract_transf_matrix[1][1]   0.00061041 
_atom_sites.fract_transf_matrix[1][2]   -0.01208821 
_atom_sites.fract_transf_matrix[1][3]   0.00988146 
_atom_sites.fract_transf_matrix[2][1]   -0.01079334 
_atom_sites.fract_transf_matrix[2][2]   -0.00137984 
_atom_sites.fract_transf_matrix[2][3]   -0.00102124 
_atom_sites.fract_transf_matrix[3][1]   0.00234778 
_atom_sites.fract_transf_matrix[3][2]   -0.00958193 
_atom_sites.fract_transf_matrix[3][3]   -0.01186681 
_atom_sites.fract_transf_vector[1]      -0.174621 
_atom_sites.fract_transf_vector[2]      -0.360789 
_atom_sites.fract_transf_vector[3]      0.631018 
# 
loop_
_atom_type.symbol 
C 
N 
O 
S 
# 
loop_
_atom_site.group_PDB 
_atom_site.id 
_atom_site.type_symbol 
_atom_site.label_atom_id 
_atom_site.label_alt_id 
_atom_site.label_comp_id 
_atom_site.label_asym_id 
_atom_site.label_entity_id 
_atom_site.label_seq_id 
_atom_site.pdbx_PDB_ins_code 
_atom_site.Cartn_x 
_atom_site.Cartn_y 
_atom_site.Cartn_z 
_atom_site.occupancy 
_atom_site.B_iso_or_equiv 
_atom_site.pdbx_formal_charge 
_atom_site.auth_seq_id 
_atom_site.auth_comp_id 
_atom_site.auth_asym_id 
_atom_site.auth_atom_id 
_atom_site.pdbx_PDB_model_num 
ATOM   1    N N   . ALA A 1 1   ? -25.008 -6.651  15.309  1.00 67.42 ? 1   ALA A N   1 
ATOM   2    C CA  . ALA A 1 1   ? -24.825 -5.519  14.354  1.00 68.17 ? 1   ALA A CA  1 
ATOM   3    C C   . ALA A 1 1   ? -24.592 -6.021  12.928  1.00 69.89 ? 1   ALA A C   1 
ATOM   4    O O   . ALA A 1 1   ? -24.533 -7.234  12.679  1.00 71.76 ? 1   ALA A O   1 
ATOM   5    C CB  . ALA A 1 1   ? -23.667 -4.624  14.799  1.00 64.79 ? 1   ALA A CB  1 
ATOM   6    N N   . GLN A 1 2   ? -24.510 -5.085  11.988  1.00 69.46 ? 2   GLN A N   1 
ATOM   7    C CA  . GLN A 1 2   ? -24.293 -5.432  10.588  1.00 69.69 ? 2   GLN A CA  1 
ATOM   8    C C   . GLN A 1 2   ? -22.892 -6.016  10.368  1.00 68.61 ? 2   GLN A C   1 
ATOM   9    O O   . GLN A 1 2   ? -22.687 -6.854  9.480   1.00 68.01 ? 2   GLN A O   1 
ATOM   10   C CB  . GLN A 1 2   ? -24.490 -4.199  9.710   1.00 69.90 ? 2   GLN A CB  1 
ATOM   11   C CG  . GLN A 1 2   ? -24.494 -4.501  8.220   1.00 71.35 ? 2   GLN A CG  1 
ATOM   12   C CD  . GLN A 1 2   ? -24.652 -3.250  7.382   1.00 72.41 ? 2   GLN A CD  1 
ATOM   13   O OE1 . GLN A 1 2   ? -24.832 -2.148  7.912   1.00 72.49 ? 2   GLN A OE1 1 
ATOM   14   N NE2 . GLN A 1 2   ? -24.584 -3.413  6.065   1.00 75.30 ? 2   GLN A NE2 1 
ATOM   15   N N   . PHE A 1 3   ? -21.932 -5.552  11.160  1.00 66.48 ? 3   PHE A N   1 
ATOM   16   C CA  . PHE A 1 3   ? -20.551 -6.015  11.047  1.00 63.00 ? 3   PHE A CA  1 
ATOM   17   C C   . PHE A 1 3   ? -20.101 -6.738  12.312  1.00 64.24 ? 3   PHE A C   1 
ATOM   18   O O   . PHE A 1 3   ? -19.820 -6.100  13.337  1.00 63.71 ? 3   PHE A O   1 
ATOM   19   C CB  . PHE A 1 3   ? -19.640 -4.830  10.730  1.00 58.97 ? 3   PHE A CB  1 
ATOM   20   C CG  . PHE A 1 3   ? -20.076 -4.043  9.529   1.00 54.96 ? 3   PHE A CG  1 
ATOM   21   C CD1 . PHE A 1 3   ? -20.428 -4.699  8.349   1.00 50.90 ? 3   PHE A CD1 1 
ATOM   22   C CD2 . PHE A 1 3   ? -20.161 -2.654  9.575   1.00 53.72 ? 3   PHE A CD2 1 
ATOM   23   C CE1 . PHE A 1 3   ? -20.857 -3.988  7.230   1.00 49.53 ? 3   PHE A CE1 1 
ATOM   24   C CE2 . PHE A 1 3   ? -20.588 -1.930  8.458   1.00 50.64 ? 3   PHE A CE2 1 
ATOM   25   C CZ  . PHE A 1 3   ? -20.938 -2.603  7.283   1.00 49.60 ? 3   PHE A CZ  1 
ATOM   26   N N   . LYS A 1 4   ? -20.001 -8.062  12.212  1.00 63.76 ? 4   LYS A N   1 
ATOM   27   C CA  . LYS A 1 4   ? -19.611 -8.899  13.348  1.00 63.65 ? 4   LYS A CA  1 
ATOM   28   C C   . LYS A 1 4   ? -18.164 -9.362  13.268  1.00 59.96 ? 4   LYS A C   1 
ATOM   29   O O   . LYS A 1 4   ? -17.654 -9.657  12.184  1.00 57.32 ? 4   LYS A O   1 
ATOM   30   C CB  . LYS A 1 4   ? -20.551 -10.116 13.455  1.00 59.83 ? 4   LYS A CB  1 
ATOM   31   N N   . GLU A 1 5   ? -17.508 -9.414  14.423  1.00 61.27 ? 5   GLU A N   1 
ATOM   32   C CA  . GLU A 1 5   ? -16.127 -9.866  14.494  1.00 61.95 ? 5   GLU A CA  1 
ATOM   33   C C   . GLU A 1 5   ? -16.123 -11.333 14.092  1.00 64.42 ? 5   GLU A C   1 
ATOM   34   O O   . GLU A 1 5   ? -17.038 -12.088 14.445  1.00 65.88 ? 5   GLU A O   1 
ATOM   35   C CB  . GLU A 1 5   ? -15.586 -9.723  15.919  1.00 62.30 ? 5   GLU A CB  1 
ATOM   36   C CG  . GLU A 1 5   ? -14.151 -10.215 16.097  1.00 63.88 ? 5   GLU A CG  1 
ATOM   37   C CD  . GLU A 1 5   ? -13.635 -10.068 17.529  1.00 66.31 ? 5   GLU A CD  1 
ATOM   38   O OE1 . GLU A 1 5   ? -14.308 -9.411  18.358  1.00 65.67 ? 5   GLU A OE1 1 
ATOM   39   O OE2 . GLU A 1 5   ? -12.548 -10.611 17.825  1.00 68.29 ? 5   GLU A OE2 1 
ATOM   40   N N   . GLY A 1 6   ? -15.083 -11.742 13.380  1.00 65.09 ? 6   GLY A N   1 
ATOM   41   C CA  . GLY A 1 6   ? -14.996 -13.119 12.943  1.00 65.39 ? 6   GLY A CA  1 
ATOM   42   C C   . GLY A 1 6   ? -15.805 -13.394 11.687  1.00 66.98 ? 6   GLY A C   1 
ATOM   43   O O   . GLY A 1 6   ? -15.869 -14.550 11.237  1.00 70.77 ? 6   GLY A O   1 
ATOM   44   N N   . GLU A 1 7   ? -16.449 -12.365 11.134  1.00 63.95 ? 7   GLU A N   1 
ATOM   45   C CA  . GLU A 1 7   ? -17.229 -12.533 9.912   1.00 63.49 ? 7   GLU A CA  1 
ATOM   46   C C   . GLU A 1 7   ? -16.884 -11.455 8.895   1.00 63.48 ? 7   GLU A C   1 
ATOM   47   O O   . GLU A 1 7   ? -16.527 -11.761 7.752   1.00 63.90 ? 7   GLU A O   1 
ATOM   48   C CB  . GLU A 1 7   ? -18.734 -12.520 10.192  1.00 63.63 ? 7   GLU A CB  1 
ATOM   49   C CG  . GLU A 1 7   ? -19.567 -12.792 8.939   1.00 60.42 ? 7   GLU A CG  1 
ATOM   50   C CD  . GLU A 1 7   ? -21.060 -12.854 9.205   1.00 61.68 ? 7   GLU A CD  1 
ATOM   51   O OE1 . GLU A 1 7   ? -21.478 -13.640 10.091  1.00 61.03 ? 7   GLU A OE1 1 
ATOM   52   O OE2 . GLU A 1 7   ? -21.808 -12.128 8.506   1.00 59.36 ? 7   GLU A OE2 1 
ATOM   53   N N   . HIS A 1 8   ? -16.994 -10.200 9.318   1.00 62.27 ? 8   HIS A N   1 
ATOM   54   C CA  . HIS A 1 8   ? -16.693 -9.067  8.452   1.00 61.30 ? 8   HIS A CA  1 
ATOM   55   C C   . HIS A 1 8   ? -15.274 -8.522  8.654   1.00 58.41 ? 8   HIS A C   1 
ATOM   56   O O   . HIS A 1 8   ? -14.689 -7.921  7.747   1.00 55.94 ? 8   HIS A O   1 
ATOM   57   C CB  . HIS A 1 8   ? -17.745 -7.967  8.651   1.00 62.45 ? 8   HIS A CB  1 
ATOM   58   C CG  . HIS A 1 8   ? -19.082 -8.297  8.048   1.00 65.51 ? 8   HIS A CG  1 
ATOM   59   N ND1 . HIS A 1 8   ? -19.572 -7.657  6.931   1.00 67.18 ? 8   HIS A ND1 1 
ATOM   60   C CD2 . HIS A 1 8   ? -20.014 -9.219  8.388   1.00 63.58 ? 8   HIS A CD2 1 
ATOM   61   C CE1 . HIS A 1 8   ? -20.744 -8.169  6.607   1.00 65.35 ? 8   HIS A CE1 1 
ATOM   62   N NE2 . HIS A 1 8   ? -21.036 -9.117  7.476   1.00 62.70 ? 8   HIS A NE2 1 
ATOM   63   N N   . TYR A 1 9   ? -14.726 -8.730  9.845   1.00 57.57 ? 9   TYR A N   1 
ATOM   64   C CA  . TYR A 1 9   ? -13.382 -8.253  10.167  1.00 56.97 ? 9   TYR A CA  1 
ATOM   65   C C   . TYR A 1 9   ? -12.747 -9.150  11.218  1.00 57.86 ? 9   TYR A C   1 
ATOM   66   O O   . TYR A 1 9   ? -13.450 -9.824  11.975  1.00 59.54 ? 9   TYR A O   1 
ATOM   67   C CB  . TYR A 1 9   ? -13.429 -6.804  10.685  1.00 56.43 ? 9   TYR A CB  1 
ATOM   68   C CG  . TYR A 1 9   ? -14.250 -6.607  11.943  1.00 58.44 ? 9   TYR A CG  1 
ATOM   69   C CD1 . TYR A 1 9   ? -15.631 -6.407  11.875  1.00 63.49 ? 9   TYR A CD1 1 
ATOM   70   C CD2 . TYR A 1 9   ? -13.648 -6.613  13.201  1.00 56.51 ? 9   TYR A CD2 1 
ATOM   71   C CE1 . TYR A 1 9   ? -16.402 -6.216  13.039  1.00 63.67 ? 9   TYR A CE1 1 
ATOM   72   C CE2 . TYR A 1 9   ? -14.406 -6.424  14.371  1.00 59.51 ? 9   TYR A CE2 1 
ATOM   73   C CZ  . TYR A 1 9   ? -15.781 -6.226  14.281  1.00 60.82 ? 9   TYR A CZ  1 
ATOM   74   O OH  . TYR A 1 9   ? -16.522 -6.050  15.428  1.00 61.16 ? 9   TYR A OH  1 
ATOM   75   N N   . GLN A 1 10  ? -11.419 -9.150  11.270  1.00 55.57 ? 10  GLN A N   1 
ATOM   76   C CA  . GLN A 1 10  ? -10.689 -9.959  12.239  1.00 52.76 ? 10  GLN A CA  1 
ATOM   77   C C   . GLN A 1 10  ? -9.761  -9.068  13.066  1.00 51.58 ? 10  GLN A C   1 
ATOM   78   O O   . GLN A 1 10  ? -9.053  -8.217  12.517  1.00 52.33 ? 10  GLN A O   1 
ATOM   79   C CB  . GLN A 1 10  ? -9.890  -11.053 11.525  1.00 46.49 ? 10  GLN A CB  1 
ATOM   80   N N   . VAL A 1 11  ? -9.806  -9.226  14.385  1.00 52.72 ? 11  VAL A N   1 
ATOM   81   C CA  . VAL A 1 11  ? -8.963  -8.446  15.289  1.00 51.73 ? 11  VAL A CA  1 
ATOM   82   C C   . VAL A 1 11  ? -7.536  -8.996  15.293  1.00 52.97 ? 11  VAL A C   1 
ATOM   83   O O   . VAL A 1 11  ? -7.324  -10.195 15.503  1.00 53.84 ? 11  VAL A O   1 
ATOM   84   C CB  . VAL A 1 11  ? -9.540  -8.459  16.698  1.00 51.31 ? 11  VAL A CB  1 
ATOM   85   N N   . LEU A 1 12  ? -6.567  -8.121  15.026  1.00 52.86 ? 12  LEU A N   1 
ATOM   86   C CA  . LEU A 1 12  ? -5.151  -8.495  14.993  1.00 48.42 ? 12  LEU A CA  1 
ATOM   87   C C   . LEU A 1 12  ? -4.522  -8.345  16.374  1.00 50.09 ? 12  LEU A C   1 
ATOM   88   O O   . LEU A 1 12  ? -4.989  -7.552  17.204  1.00 48.83 ? 12  LEU A O   1 
ATOM   89   C CB  . LEU A 1 12  ? -4.378  -7.623  13.997  1.00 44.65 ? 12  LEU A CB  1 
ATOM   90   C CG  . LEU A 1 12  ? -4.754  -7.620  12.516  1.00 40.40 ? 12  LEU A CG  1 
ATOM   91   C CD1 . LEU A 1 12  ? -3.983  -6.513  11.827  1.00 38.09 ? 12  LEU A CD1 1 
ATOM   92   C CD2 . LEU A 1 12  ? -4.455  -8.963  11.866  1.00 37.23 ? 12  LEU A CD2 1 
ATOM   93   N N   . LYS A 1 13  ? -3.475  -9.124  16.620  1.00 50.01 ? 13  LYS A N   1 
ATOM   94   C CA  . LYS A 1 13  ? -2.765  -9.089  17.887  1.00 53.34 ? 13  LYS A CA  1 
ATOM   95   C C   . LYS A 1 13  ? -1.767  -7.921  17.923  1.00 55.02 ? 13  LYS A C   1 
ATOM   96   O O   . LYS A 1 13  ? -0.571  -8.108  18.180  1.00 55.45 ? 13  LYS A O   1 
ATOM   97   C CB  . LYS A 1 13  ? -2.054  -10.427 18.120  1.00 51.20 ? 13  LYS A CB  1 
ATOM   98   N N   . THR A 1 14  ? -2.273  -6.705  17.742  1.00 56.00 ? 14  THR A N   1 
ATOM   99   C CA  . THR A 1 14  ? -1.419  -5.519  17.742  1.00 59.09 ? 14  THR A CA  1 
ATOM   100  C C   . THR A 1 14  ? -2.097  -4.339  18.426  1.00 61.42 ? 14  THR A C   1 
ATOM   101  O O   . THR A 1 14  ? -3.332  -4.252  18.457  1.00 61.88 ? 14  THR A O   1 
ATOM   102  C CB  . THR A 1 14  ? -1.023  -5.090  16.299  1.00 62.34 ? 14  THR A CB  1 
ATOM   103  O OG1 . THR A 1 14  ? -2.165  -5.177  15.439  1.00 62.55 ? 14  THR A OG1 1 
ATOM   104  C CG2 . THR A 1 14  ? 0.098   -5.967  15.758  1.00 60.56 ? 14  THR A CG2 1 
ATOM   105  N N   . PRO A 1 15  ? -1.295  -3.431  19.021  1.00 62.06 ? 15  PRO A N   1 
ATOM   106  C CA  . PRO A 1 15  ? -1.841  -2.252  19.702  1.00 59.21 ? 15  PRO A CA  1 
ATOM   107  C C   . PRO A 1 15  ? -2.576  -1.340  18.726  1.00 56.16 ? 15  PRO A C   1 
ATOM   108  O O   . PRO A 1 15  ? -2.034  -0.978  17.682  1.00 57.85 ? 15  PRO A O   1 
ATOM   109  C CB  . PRO A 1 15  ? -0.590  -1.574  20.277  1.00 59.63 ? 15  PRO A CB  1 
ATOM   110  C CG  . PRO A 1 15  ? 0.496   -1.972  19.316  1.00 60.41 ? 15  PRO A CG  1 
ATOM   111  C CD  . PRO A 1 15  ? 0.181   -3.436  19.086  1.00 61.41 ? 15  PRO A CD  1 
ATOM   112  N N   . ALA A 1 16  ? -3.816  -0.995  19.061  1.00 52.68 ? 16  ALA A N   1 
ATOM   113  C CA  . ALA A 1 16  ? -4.626  -0.122  18.218  1.00 51.26 ? 16  ALA A CA  1 
ATOM   114  C C   . ALA A 1 16  ? -3.920  1.216   18.015  1.00 48.71 ? 16  ALA A C   1 
ATOM   115  O O   . ALA A 1 16  ? -3.112  1.632   18.850  1.00 50.46 ? 16  ALA A O   1 
ATOM   116  C CB  . ALA A 1 16  ? -6.003  0.094   18.848  1.00 52.40 ? 16  ALA A CB  1 
ATOM   117  N N   . SER A 1 17  ? -4.192  1.869   16.894  1.00 47.54 ? 17  SER A N   1 
ATOM   118  C CA  . SER A 1 17  ? -3.571  3.154   16.609  1.00 49.38 ? 17  SER A CA  1 
ATOM   119  C C   . SER A 1 17  ? -4.145  4.266   17.484  1.00 54.00 ? 17  SER A C   1 
ATOM   120  O O   . SER A 1 17  ? -5.344  4.292   17.808  1.00 53.52 ? 17  SER A O   1 
ATOM   121  C CB  . SER A 1 17  ? -3.731  3.522   15.136  1.00 47.07 ? 17  SER A CB  1 
ATOM   122  O OG  . SER A 1 17  ? -5.100  3.654   14.802  1.00 52.66 ? 17  SER A OG  1 
ATOM   123  N N   . SER A 1 18  ? -3.267  5.175   17.894  1.00 57.75 ? 18  SER A N   1 
ATOM   124  C CA  . SER A 1 18  ? -3.668  6.298   18.727  1.00 59.68 ? 18  SER A CA  1 
ATOM   125  C C   . SER A 1 18  ? -4.391  7.345   17.887  1.00 58.86 ? 18  SER A C   1 
ATOM   126  O O   . SER A 1 18  ? -4.792  8.391   18.400  1.00 60.18 ? 18  SER A O   1 
ATOM   127  C CB  . SER A 1 18  ? -2.440  6.912   19.403  1.00 60.42 ? 18  SER A CB  1 
ATOM   128  N N   . SER A 1 19  ? -4.560  7.053   16.602  1.00 58.89 ? 19  SER A N   1 
ATOM   129  C CA  . SER A 1 19  ? -5.219  7.970   15.677  1.00 59.93 ? 19  SER A CA  1 
ATOM   130  C C   . SER A 1 19  ? -5.733  7.206   14.452  1.00 58.58 ? 19  SER A C   1 
ATOM   131  O O   . SER A 1 19  ? -5.049  6.309   13.948  1.00 60.61 ? 19  SER A O   1 
ATOM   132  C CB  . SER A 1 19  ? -4.231  9.051   15.241  1.00 59.86 ? 19  SER A CB  1 
ATOM   133  O OG  . SER A 1 19  ? -4.896  10.074  14.527  1.00 62.53 ? 19  SER A OG  1 
ATOM   134  N N   . PRO A 1 20  ? -6.940  7.562   13.953  1.00 54.32 ? 20  PRO A N   1 
ATOM   135  C CA  . PRO A 1 20  ? -7.599  6.946   12.788  1.00 51.03 ? 20  PRO A CA  1 
ATOM   136  C C   . PRO A 1 20  ? -6.752  6.872   11.509  1.00 49.30 ? 20  PRO A C   1 
ATOM   137  O O   . PRO A 1 20  ? -6.471  7.893   10.881  1.00 44.40 ? 20  PRO A O   1 
ATOM   138  C CB  . PRO A 1 20  ? -8.832  7.829   12.589  1.00 50.63 ? 20  PRO A CB  1 
ATOM   139  C CG  . PRO A 1 20  ? -9.159  8.246   13.991  1.00 53.41 ? 20  PRO A CG  1 
ATOM   140  C CD  . PRO A 1 20  ? -7.792  8.619   14.524  1.00 51.90 ? 20  PRO A CD  1 
ATOM   141  N N   . VAL A 1 21  ? -6.447  5.646   11.081  1.00 46.34 ? 21  VAL A N   1 
ATOM   142  C CA  . VAL A 1 21  ? -5.630  5.403   9.891   1.00 39.81 ? 21  VAL A CA  1 
ATOM   143  C C   . VAL A 1 21  ? -6.048  4.125   9.152   1.00 38.75 ? 21  VAL A C   1 
ATOM   144  O O   . VAL A 1 21  ? -6.411  3.126   9.780   1.00 33.86 ? 21  VAL A O   1 
ATOM   145  C CB  . VAL A 1 21  ? -4.124  5.295   10.277  1.00 38.14 ? 21  VAL A CB  1 
ATOM   146  C CG1 . VAL A 1 21  ? -3.885  4.105   11.192  1.00 34.49 ? 21  VAL A CG1 1 
ATOM   147  C CG2 . VAL A 1 21  ? -3.254  5.205   9.041   1.00 38.22 ? 21  VAL A CG2 1 
ATOM   148  N N   . VAL A 1 22  ? -6.148  4.220   7.828   1.00 37.20 ? 22  VAL A N   1 
ATOM   149  C CA  . VAL A 1 22  ? -6.469  3.056   7.005   1.00 31.78 ? 22  VAL A CA  1 
ATOM   150  C C   . VAL A 1 22  ? -5.180  2.718   6.257   1.00 27.94 ? 22  VAL A C   1 
ATOM   151  O O   . VAL A 1 22  ? -4.632  3.553   5.533   1.00 24.56 ? 22  VAL A O   1 
ATOM   152  C CB  . VAL A 1 22  ? -7.609  3.325   5.999   1.00 32.69 ? 22  VAL A CB  1 
ATOM   153  C CG1 . VAL A 1 22  ? -7.756  2.148   5.031   1.00 29.95 ? 22  VAL A CG1 1 
ATOM   154  C CG2 . VAL A 1 22  ? -8.909  3.538   6.740   1.00 31.00 ? 22  VAL A CG2 1 
ATOM   155  N N   . SER A 1 23  ? -4.709  1.496   6.448   1.00 24.71 ? 23  SER A N   1 
ATOM   156  C CA  . SER A 1 23  ? -3.484  1.028   5.827   1.00 25.44 ? 23  SER A CA  1 
ATOM   157  C C   . SER A 1 23  ? -3.740  -0.045  4.788   1.00 25.05 ? 23  SER A C   1 
ATOM   158  O O   . SER A 1 23  ? -4.617  -0.888  4.953   1.00 22.72 ? 23  SER A O   1 
ATOM   159  C CB  . SER A 1 23  ? -2.556  0.480   6.903   1.00 23.70 ? 23  SER A CB  1 
ATOM   160  O OG  . SER A 1 23  ? -2.256  1.502   7.820   1.00 37.65 ? 23  SER A OG  1 
ATOM   161  N N   . GLU A 1 24  ? -3.020  0.022   3.676   1.00 23.16 ? 24  GLU A N   1 
ATOM   162  C CA  . GLU A 1 24  ? -3.162  -0.987  2.643   1.00 19.96 ? 24  GLU A CA  1 
ATOM   163  C C   . GLU A 1 24  ? -1.788  -1.612  2.368   1.00 21.75 ? 24  GLU A C   1 
ATOM   164  O O   . GLU A 1 24  ? -0.821  -0.895  2.147   1.00 21.80 ? 24  GLU A O   1 
ATOM   165  C CB  . GLU A 1 24  ? -3.721  -0.382  1.356   1.00 19.84 ? 24  GLU A CB  1 
ATOM   166  C CG  . GLU A 1 24  ? -4.046  -1.476  0.365   1.00 20.72 ? 24  GLU A CG  1 
ATOM   167  C CD  . GLU A 1 24  ? -3.745  -1.159  -1.084  1.00 22.98 ? 24  GLU A CD  1 
ATOM   168  O OE1 . GLU A 1 24  ? -3.401  -0.023  -1.458  1.00 26.14 ? 24  GLU A OE1 1 
ATOM   169  O OE2 . GLU A 1 24  ? -3.874  -2.099  -1.876  1.00 28.19 ? 24  GLU A OE2 1 
ATOM   170  N N   . PHE A 1 25  ? -1.676  -2.936  2.481   1.00 18.75 ? 25  PHE A N   1 
ATOM   171  C CA  . PHE A 1 25  ? -0.418  -3.622  2.206   1.00 13.28 ? 25  PHE A CA  1 
ATOM   172  C C   . PHE A 1 25  ? -0.642  -4.165  0.828   1.00 17.75 ? 25  PHE A C   1 
ATOM   173  O O   . PHE A 1 25  ? -1.727  -4.669  0.525   1.00 14.81 ? 25  PHE A O   1 
ATOM   174  C CB  . PHE A 1 25  ? -0.180  -4.765  3.202   1.00 17.68 ? 25  PHE A CB  1 
ATOM   175  C CG  . PHE A 1 25  ? 0.035   -4.294  4.606   1.00 21.03 ? 25  PHE A CG  1 
ATOM   176  C CD1 . PHE A 1 25  ? -1.047  -4.058  5.452   1.00 28.11 ? 25  PHE A CD1 1 
ATOM   177  C CD2 . PHE A 1 25  ? 1.310   -3.983  5.051   1.00 24.61 ? 25  PHE A CD2 1 
ATOM   178  C CE1 . PHE A 1 25  ? -0.858  -3.504  6.721   1.00 25.77 ? 25  PHE A CE1 1 
ATOM   179  C CE2 . PHE A 1 25  ? 1.515   -3.426  6.323   1.00 25.03 ? 25  PHE A CE2 1 
ATOM   180  C CZ  . PHE A 1 25  ? 0.427   -3.183  7.156   1.00 26.12 ? 25  PHE A CZ  1 
ATOM   181  N N   . PHE A 1 26  ? 0.341   -3.955  -0.040  1.00 18.48 ? 26  PHE A N   1 
ATOM   182  C CA  . PHE A 1 26  ? 0.282   -4.412  -1.421  1.00 18.93 ? 26  PHE A CA  1 
ATOM   183  C C   . PHE A 1 26  ? 1.706   -4.553  -1.945  1.00 18.99 ? 26  PHE A C   1 
ATOM   184  O O   . PHE A 1 26  ? 2.680   -4.339  -1.226  1.00 18.71 ? 26  PHE A O   1 
ATOM   185  C CB  . PHE A 1 26  ? -0.468  -3.385  -2.294  1.00 19.62 ? 26  PHE A CB  1 
ATOM   186  C CG  . PHE A 1 26  ? 0.361   -2.170  -2.663  1.00 19.99 ? 26  PHE A CG  1 
ATOM   187  C CD1 . PHE A 1 26  ? 0.746   -1.244  -1.692  1.00 20.16 ? 26  PHE A CD1 1 
ATOM   188  C CD2 . PHE A 1 26  ? 0.821   -1.994  -3.964  1.00 18.61 ? 26  PHE A CD2 1 
ATOM   189  C CE1 . PHE A 1 26  ? 1.582   -0.167  -2.011  1.00 14.59 ? 26  PHE A CE1 1 
ATOM   190  C CE2 . PHE A 1 26  ? 1.655   -0.920  -4.294  1.00 19.26 ? 26  PHE A CE2 1 
ATOM   191  C CZ  . PHE A 1 26  ? 2.038   -0.007  -3.315  1.00 18.44 ? 26  PHE A CZ  1 
ATOM   192  N N   . SER A 1 27  ? 1.804   -4.875  -3.219  1.00 19.80 ? 27  SER A N   1 
ATOM   193  C CA  . SER A 1 27  ? 3.079   -5.005  -3.896  1.00 21.38 ? 27  SER A CA  1 
ATOM   194  C C   . SER A 1 27  ? 2.789   -4.680  -5.347  1.00 21.60 ? 27  SER A C   1 
ATOM   195  O O   . SER A 1 27  ? 1.694   -4.951  -5.847  1.00 21.37 ? 27  SER A O   1 
ATOM   196  C CB  . SER A 1 27  ? 3.630   -6.427  -3.769  1.00 23.21 ? 27  SER A CB  1 
ATOM   197  O OG  . SER A 1 27  ? 4.604   -6.678  -4.766  1.00 21.79 ? 27  SER A OG  1 
ATOM   198  N N   . PHE A 1 28  ? 3.715   -3.993  -5.992  1.00 21.75 ? 28  PHE A N   1 
ATOM   199  C CA  . PHE A 1 28  ? 3.523   -3.664  -7.391  1.00 23.30 ? 28  PHE A CA  1 
ATOM   200  C C   . PHE A 1 28  ? 3.512   -4.925  -8.261  1.00 21.06 ? 28  PHE A C   1 
ATOM   201  O O   . PHE A 1 28  ? 3.042   -4.895  -9.391  1.00 24.24 ? 28  PHE A O   1 
ATOM   202  C CB  . PHE A 1 28  ? 4.593   -2.683  -7.860  1.00 18.49 ? 28  PHE A CB  1 
ATOM   203  C CG  . PHE A 1 28  ? 4.277   -1.250  -7.540  1.00 18.78 ? 28  PHE A CG  1 
ATOM   204  C CD1 . PHE A 1 28  ? 3.142   -0.646  -8.065  1.00 18.85 ? 28  PHE A CD1 1 
ATOM   205  C CD2 . PHE A 1 28  ? 5.138   -0.488  -6.760  1.00 17.13 ? 28  PHE A CD2 1 
ATOM   206  C CE1 . PHE A 1 28  ? 2.867   0.697   -7.827  1.00 13.89 ? 28  PHE A CE1 1 
ATOM   207  C CE2 . PHE A 1 28  ? 4.865   0.859   -6.516  1.00 18.54 ? 28  PHE A CE2 1 
ATOM   208  C CZ  . PHE A 1 28  ? 3.727   1.448   -7.056  1.00 9.36  ? 28  PHE A CZ  1 
ATOM   209  N N   . TYR A 1 29  ? 4.049   -6.019  -7.734  1.00 19.03 ? 29  TYR A N   1 
ATOM   210  C CA  . TYR A 1 29  ? 4.077   -7.290  -8.456  1.00 22.45 ? 29  TYR A CA  1 
ATOM   211  C C   . TYR A 1 29  ? 2.793   -8.077  -8.259  1.00 24.68 ? 29  TYR A C   1 
ATOM   212  O O   . TYR A 1 29  ? 2.624   -9.152  -8.831  1.00 33.10 ? 29  TYR A O   1 
ATOM   213  C CB  . TYR A 1 29  ? 5.241   -8.155  -7.973  1.00 17.88 ? 29  TYR A CB  1 
ATOM   214  C CG  . TYR A 1 29  ? 6.597   -7.598  -8.295  1.00 17.35 ? 29  TYR A CG  1 
ATOM   215  C CD1 . TYR A 1 29  ? 7.081   -7.602  -9.606  1.00 22.18 ? 29  TYR A CD1 1 
ATOM   216  C CD2 . TYR A 1 29  ? 7.401   -7.049  -7.297  1.00 20.36 ? 29  TYR A CD2 1 
ATOM   217  C CE1 . TYR A 1 29  ? 8.332   -7.068  -9.914  1.00 21.48 ? 29  TYR A CE1 1 
ATOM   218  C CE2 . TYR A 1 29  ? 8.654   -6.512  -7.590  1.00 17.90 ? 29  TYR A CE2 1 
ATOM   219  C CZ  . TYR A 1 29  ? 9.110   -6.524  -8.897  1.00 19.55 ? 29  TYR A CZ  1 
ATOM   220  O OH  . TYR A 1 29  ? 10.331  -5.970  -9.183  1.00 23.95 ? 29  TYR A OH  1 
ATOM   221  N N   . CYS A 1 30  ? 1.899   -7.554  -7.426  1.00 26.59 ? 30  CYS A N   1 
ATOM   222  C CA  . CYS A 1 30  ? 0.636   -8.213  -7.117  1.00 26.09 ? 30  CYS A CA  1 
ATOM   223  C C   . CYS A 1 30  ? -0.482  -7.787  -8.070  1.00 29.64 ? 30  CYS A C   1 
ATOM   224  O O   . CYS A 1 30  ? -0.849  -6.614  -8.139  1.00 28.66 ? 30  CYS A O   1 
ATOM   225  C CB  . CYS A 1 30  ? 0.310   -7.945  -5.648  1.00 26.75 ? 30  CYS A CB  1 
ATOM   226  S SG  . CYS A 1 30  ? -1.418  -8.054  -5.135  1.00 31.50 ? 30  CYS A SG  1 
ATOM   227  N N   . PRO A 1 31  ? -0.965  -8.734  -8.899  1.00 30.27 ? 31  PRO A N   1 
ATOM   228  C CA  . PRO A 1 31  ? -2.029  -8.540  -9.889  1.00 30.57 ? 31  PRO A CA  1 
ATOM   229  C C   . PRO A 1 31  ? -3.349  -7.963  -9.364  1.00 29.35 ? 31  PRO A C   1 
ATOM   230  O O   . PRO A 1 31  ? -3.841  -6.973  -9.902  1.00 28.71 ? 31  PRO A O   1 
ATOM   231  C CB  . PRO A 1 31  ? -2.209  -9.946  -10.473 1.00 29.22 ? 31  PRO A CB  1 
ATOM   232  C CG  . PRO A 1 31  ? -0.861  -10.520 -10.369 1.00 27.00 ? 31  PRO A CG  1 
ATOM   233  C CD  . PRO A 1 31  ? -0.452  -10.112 -8.975  1.00 29.41 ? 31  PRO A CD  1 
ATOM   234  N N   . HIS A 1 32  ? -3.956  -8.593  -8.366  1.00 29.22 ? 32  HIS A N   1 
ATOM   235  C CA  . HIS A 1 32  ? -5.210  -8.068  -7.835  1.00 31.96 ? 32  HIS A CA  1 
ATOM   236  C C   . HIS A 1 32  ? -5.012  -6.687  -7.188  1.00 30.51 ? 32  HIS A C   1 
ATOM   237  O O   . HIS A 1 32  ? -5.951  -5.905  -7.102  1.00 31.18 ? 32  HIS A O   1 
ATOM   238  C CB  . HIS A 1 32  ? -5.847  -9.033  -6.831  1.00 36.81 ? 32  HIS A CB  1 
ATOM   239  C CG  . HIS A 1 32  ? -7.261  -8.672  -6.487  1.00 51.12 ? 32  HIS A CG  1 
ATOM   240  N ND1 . HIS A 1 32  ? -8.248  -8.550  -7.442  1.00 55.26 ? 32  HIS A ND1 1 
ATOM   241  C CD2 . HIS A 1 32  ? -7.846  -8.353  -5.307  1.00 56.76 ? 32  HIS A CD2 1 
ATOM   242  C CE1 . HIS A 1 32  ? -9.371  -8.163  -6.868  1.00 58.29 ? 32  HIS A CE1 1 
ATOM   243  N NE2 . HIS A 1 32  ? -9.154  -8.036  -5.573  1.00 58.62 ? 32  HIS A NE2 1 
ATOM   244  N N   . CYS A 1 33  ? -3.811  -6.425  -6.676  1.00 31.07 ? 33  CYS A N   1 
ATOM   245  C CA  . CYS A 1 33  ? -3.499  -5.131  -6.059  1.00 30.31 ? 33  CYS A CA  1 
ATOM   246  C C   . CYS A 1 33  ? -3.636  -4.075  -7.145  1.00 31.47 ? 33  CYS A C   1 
ATOM   247  O O   . CYS A 1 33  ? -3.931  -2.919  -6.877  1.00 32.40 ? 33  CYS A O   1 
ATOM   248  C CB  . CYS A 1 33  ? -2.069  -5.112  -5.495  1.00 27.19 ? 33  CYS A CB  1 
ATOM   249  S SG  . CYS A 1 33  ? -1.726  -6.296  -4.151  1.00 26.66 ? 33  CYS A SG  1 
ATOM   250  N N   . ASN A 1 34  ? -3.378  -4.470  -8.384  1.00 33.38 ? 34  ASN A N   1 
ATOM   251  C CA  . ASN A 1 34  ? -3.505  -3.555  -9.502  1.00 33.66 ? 34  ASN A CA  1 
ATOM   252  C C   . ASN A 1 34  ? -4.991  -3.350  -9.802  1.00 32.59 ? 34  ASN A C   1 
ATOM   253  O O   . ASN A 1 34  ? -5.449  -2.238  -10.064 1.00 29.95 ? 34  ASN A O   1 
ATOM   254  C CB  . ASN A 1 34  ? -2.784  -4.130  -10.711 1.00 35.99 ? 34  ASN A CB  1 
ATOM   255  C CG  . ASN A 1 34  ? -2.793  -3.193  -11.885 1.00 42.59 ? 34  ASN A CG  1 
ATOM   256  O OD1 . ASN A 1 34  ? -2.810  -3.627  -13.036 1.00 51.42 ? 34  ASN A OD1 1 
ATOM   257  N ND2 . ASN A 1 34  ? -2.773  -1.899  -11.607 1.00 45.69 ? 34  ASN A ND2 1 
ATOM   258  N N   . THR A 1 35  ? -5.748  -4.435  -9.738  1.00 31.20 ? 35  THR A N   1 
ATOM   259  C CA  . THR A 1 35  ? -7.179  -4.387  -9.994  1.00 35.11 ? 35  THR A CA  1 
ATOM   260  C C   . THR A 1 35  ? -7.889  -3.627  -8.870  1.00 35.79 ? 35  THR A C   1 
ATOM   261  O O   . THR A 1 35  ? -8.954  -3.037  -9.073  1.00 37.85 ? 35  THR A O   1 
ATOM   262  C CB  . THR A 1 35  ? -7.763  -5.825  -10.073 1.00 35.95 ? 35  THR A CB  1 
ATOM   263  O OG1 . THR A 1 35  ? -7.091  -6.558  -11.106 1.00 36.47 ? 35  THR A OG1 1 
ATOM   264  C CG2 . THR A 1 35  ? -9.259  -5.798  -10.369 1.00 33.63 ? 35  THR A CG2 1 
ATOM   265  N N   . PHE A 1 36  ? -7.276  -3.646  -7.694  1.00 35.10 ? 36  PHE A N   1 
ATOM   266  C CA  . PHE A 1 36  ? -7.810  -3.011  -6.499  1.00 35.23 ? 36  PHE A CA  1 
ATOM   267  C C   . PHE A 1 36  ? -7.678  -1.481  -6.461  1.00 37.08 ? 36  PHE A C   1 
ATOM   268  O O   . PHE A 1 36  ? -8.412  -0.809  -5.725  1.00 35.83 ? 36  PHE A O   1 
ATOM   269  C CB  . PHE A 1 36  ? -7.118  -3.622  -5.278  1.00 37.56 ? 36  PHE A CB  1 
ATOM   270  C CG  . PHE A 1 36  ? -7.898  -3.501  -4.002  1.00 40.80 ? 36  PHE A CG  1 
ATOM   271  C CD1 . PHE A 1 36  ? -9.292  -3.567  -4.006  1.00 43.57 ? 36  PHE A CD1 1 
ATOM   272  C CD2 . PHE A 1 36  ? -7.234  -3.342  -2.785  1.00 43.77 ? 36  PHE A CD2 1 
ATOM   273  C CE1 . PHE A 1 36  ? -10.013 -3.481  -2.813  1.00 45.68 ? 36  PHE A CE1 1 
ATOM   274  C CE2 . PHE A 1 36  ? -7.941  -3.256  -1.587  1.00 46.70 ? 36  PHE A CE2 1 
ATOM   275  C CZ  . PHE A 1 36  ? -9.336  -3.326  -1.601  1.00 48.62 ? 36  PHE A CZ  1 
ATOM   276  N N   . GLU A 1 37  ? -6.793  -0.933  -7.291  1.00 37.90 ? 37  GLU A N   1 
ATOM   277  C CA  . GLU A 1 37  ? -6.551  0.509   -7.318  1.00 40.50 ? 37  GLU A CA  1 
ATOM   278  C C   . GLU A 1 37  ? -7.757  1.439   -7.418  1.00 44.47 ? 37  GLU A C   1 
ATOM   279  O O   . GLU A 1 37  ? -7.837  2.424   -6.677  1.00 44.07 ? 37  GLU A O   1 
ATOM   280  C CB  . GLU A 1 37  ? -5.523  0.873   -8.388  1.00 40.06 ? 37  GLU A CB  1 
ATOM   281  C CG  . GLU A 1 37  ? -4.091  0.653   -7.953  1.00 42.51 ? 37  GLU A CG  1 
ATOM   282  C CD  . GLU A 1 37  ? -3.729  1.435   -6.696  1.00 46.42 ? 37  GLU A CD  1 
ATOM   283  O OE1 . GLU A 1 37  ? -3.545  2.671   -6.785  1.00 47.95 ? 37  GLU A OE1 1 
ATOM   284  O OE2 . GLU A 1 37  ? -3.632  0.811   -5.616  1.00 42.88 ? 37  GLU A OE2 1 
ATOM   285  N N   . PRO A 1 38  ? -8.658  1.201   -8.390  1.00 44.08 ? 38  PRO A N   1 
ATOM   286  C CA  . PRO A 1 38  ? -9.831  2.072   -8.515  1.00 39.97 ? 38  PRO A CA  1 
ATOM   287  C C   . PRO A 1 38  ? -10.627 2.123   -7.210  1.00 36.44 ? 38  PRO A C   1 
ATOM   288  O O   . PRO A 1 38  ? -11.106 3.183   -6.812  1.00 37.16 ? 38  PRO A O   1 
ATOM   289  C CB  . PRO A 1 38  ? -10.618 1.405   -9.641  1.00 40.76 ? 38  PRO A CB  1 
ATOM   290  C CG  . PRO A 1 38  ? -9.537  0.867   -10.512 1.00 38.41 ? 38  PRO A CG  1 
ATOM   291  C CD  . PRO A 1 38  ? -8.626  0.225   -9.494  1.00 39.64 ? 38  PRO A CD  1 
ATOM   292  N N   . ILE A 1 39  ? -10.776 0.965   -6.570  1.00 35.03 ? 39  ILE A N   1 
ATOM   293  C CA  . ILE A 1 39  ? -11.502 0.845   -5.306  1.00 35.34 ? 39  ILE A CA  1 
ATOM   294  C C   . ILE A 1 39  ? -10.788 1.630   -4.209  1.00 40.26 ? 39  ILE A C   1 
ATOM   295  O O   . ILE A 1 39  ? -11.429 2.189   -3.312  1.00 43.58 ? 39  ILE A O   1 
ATOM   296  C CB  . ILE A 1 39  ? -11.625 -0.638  -4.872  1.00 34.57 ? 39  ILE A CB  1 
ATOM   297  C CG1 . ILE A 1 39  ? -12.610 -1.386  -5.777  1.00 35.33 ? 39  ILE A CG1 1 
ATOM   298  C CG2 . ILE A 1 39  ? -12.083 -0.744  -3.433  1.00 31.26 ? 39  ILE A CG2 1 
ATOM   299  C CD1 . ILE A 1 39  ? -12.135 -1.573  -7.206  1.00 38.03 ? 39  ILE A CD1 1 
ATOM   300  N N   . ILE A 1 40  ? -9.461  1.607   -4.242  1.00 40.26 ? 40  ILE A N   1 
ATOM   301  C CA  . ILE A 1 40  ? -8.664  2.335   -3.261  1.00 43.53 ? 40  ILE A CA  1 
ATOM   302  C C   . ILE A 1 40  ? -8.879  3.850   -3.442  1.00 44.76 ? 40  ILE A C   1 
ATOM   303  O O   . ILE A 1 40  ? -9.008  4.601   -2.467  1.00 39.89 ? 40  ILE A O   1 
ATOM   304  C CB  . ILE A 1 40  ? -7.158  1.982   -3.406  1.00 41.25 ? 40  ILE A CB  1 
ATOM   305  C CG1 . ILE A 1 40  ? -6.930  0.508   -3.071  1.00 40.74 ? 40  ILE A CG1 1 
ATOM   306  C CG2 . ILE A 1 40  ? -6.302  2.861   -2.501  1.00 41.22 ? 40  ILE A CG2 1 
ATOM   307  C CD1 . ILE A 1 40  ? -7.346  0.129   -1.658  1.00 35.84 ? 40  ILE A CD1 1 
ATOM   308  N N   . ALA A 1 41  ? -8.925  4.278   -4.701  1.00 46.51 ? 41  ALA A N   1 
ATOM   309  C CA  . ALA A 1 41  ? -9.121  5.682   -5.051  1.00 48.83 ? 41  ALA A CA  1 
ATOM   310  C C   . ALA A 1 41  ? -10.428 6.247   -4.506  1.00 48.02 ? 41  ALA A C   1 
ATOM   311  O O   . ALA A 1 41  ? -10.469 7.386   -4.041  1.00 48.70 ? 41  ALA A O   1 
ATOM   312  C CB  . ALA A 1 41  ? -9.074  5.849   -6.567  1.00 53.44 ? 41  ALA A CB  1 
ATOM   313  N N   . GLN A 1 42  ? -11.504 5.479   -4.636  1.00 47.31 ? 42  GLN A N   1 
ATOM   314  C CA  . GLN A 1 42  ? -12.812 5.905   -4.159  1.00 51.31 ? 42  GLN A CA  1 
ATOM   315  C C   . GLN A 1 42  ? -12.875 5.902   -2.633  1.00 51.26 ? 42  GLN A C   1 
ATOM   316  O O   . GLN A 1 42  ? -13.442 6.812   -2.028  1.00 53.99 ? 42  GLN A O   1 
ATOM   317  C CB  . GLN A 1 42  ? -13.914 5.010   -4.737  1.00 53.68 ? 42  GLN A CB  1 
ATOM   318  C CG  . GLN A 1 42  ? -13.939 4.968   -6.261  1.00 58.99 ? 42  GLN A CG  1 
ATOM   319  C CD  . GLN A 1 42  ? -15.071 4.109   -6.824  1.00 62.57 ? 42  GLN A CD  1 
ATOM   320  O OE1 . GLN A 1 42  ? -15.247 2.942   -6.441  1.00 66.43 ? 42  GLN A OE1 1 
ATOM   321  N NE2 . GLN A 1 42  ? -15.834 4.683   -7.746  1.00 61.76 ? 42  GLN A NE2 1 
ATOM   322  N N   . LEU A 1 43  ? -12.317 4.862   -2.018  1.00 49.54 ? 43  LEU A N   1 
ATOM   323  C CA  . LEU A 1 43  ? -12.309 4.734   -0.563  1.00 48.18 ? 43  LEU A CA  1 
ATOM   324  C C   . LEU A 1 43  ? -11.641 5.916   0.146   1.00 49.52 ? 43  LEU A C   1 
ATOM   325  O O   . LEU A 1 43  ? -12.070 6.290   1.239   1.00 51.85 ? 43  LEU A O   1 
ATOM   326  C CB  . LEU A 1 43  ? -11.629 3.425   -0.151  1.00 43.27 ? 43  LEU A CB  1 
ATOM   327  C CG  . LEU A 1 43  ? -11.421 3.159   1.341   1.00 41.71 ? 43  LEU A CG  1 
ATOM   328  C CD1 . LEU A 1 43  ? -12.754 3.145   2.078   1.00 43.39 ? 43  LEU A CD1 1 
ATOM   329  C CD2 . LEU A 1 43  ? -10.711 1.835   1.510   1.00 36.65 ? 43  LEU A CD2 1 
ATOM   330  N N   . LYS A 1 44  ? -10.562 6.447   -0.436  1.00 49.93 ? 44  LYS A N   1 
ATOM   331  C CA  . LYS A 1 44  ? -9.852  7.592   0.141   1.00 51.94 ? 44  LYS A CA  1 
ATOM   332  C C   . LYS A 1 44  ? -10.739 8.828   0.155   1.00 54.71 ? 44  LYS A C   1 
ATOM   333  O O   . LYS A 1 44  ? -10.854 9.515   1.181   1.00 55.43 ? 44  LYS A O   1 
ATOM   334  C CB  . LYS A 1 44  ? -8.595  7.926   -0.655  1.00 53.26 ? 44  LYS A CB  1 
ATOM   335  C CG  . LYS A 1 44  ? -7.349  7.212   -0.204  1.00 57.18 ? 44  LYS A CG  1 
ATOM   336  C CD  . LYS A 1 44  ? -6.089  7.913   -0.739  1.00 58.89 ? 44  LYS A CD  1 
ATOM   337  C CE  . LYS A 1 44  ? -6.046  7.938   -2.264  1.00 59.44 ? 44  LYS A CE  1 
ATOM   338  N NZ  . LYS A 1 44  ? -6.125  6.571   -2.859  1.00 62.26 ? 44  LYS A NZ  1 
ATOM   339  N N   . GLN A 1 45  ? -11.290 9.158   -1.012  1.00 52.43 ? 45  GLN A N   1 
ATOM   340  C CA  . GLN A 1 45  ? -12.174 10.304  -1.145  1.00 48.86 ? 45  GLN A CA  1 
ATOM   341  C C   . GLN A 1 45  ? -13.405 10.137  -0.241  1.00 49.18 ? 45  GLN A C   1 
ATOM   342  O O   . GLN A 1 45  ? -13.952 11.119  0.258   1.00 54.19 ? 45  GLN A O   1 
ATOM   343  C CB  . GLN A 1 45  ? -12.591 10.472  -2.595  1.00 47.28 ? 45  GLN A CB  1 
ATOM   344  N N   . GLN A 1 46  ? -13.842 8.894   -0.044  1.00 48.84 ? 46  GLN A N   1 
ATOM   345  C CA  . GLN A 1 46  ? -14.996 8.591   0.806   1.00 44.73 ? 46  GLN A CA  1 
ATOM   346  C C   . GLN A 1 46  ? -14.678 8.572   2.307   1.00 42.81 ? 46  GLN A C   1 
ATOM   347  O O   . GLN A 1 46  ? -15.581 8.436   3.135   1.00 45.70 ? 46  GLN A O   1 
ATOM   348  C CB  . GLN A 1 46  ? -15.622 7.257   0.391   1.00 42.38 ? 46  GLN A CB  1 
ATOM   349  N N   . LEU A 1 47  ? -13.401 8.697   2.659   1.00 42.98 ? 47  LEU A N   1 
ATOM   350  C CA  . LEU A 1 47  ? -12.988 8.681   4.063   1.00 44.97 ? 47  LEU A CA  1 
ATOM   351  C C   . LEU A 1 47  ? -13.456 9.909   4.841   1.00 45.07 ? 47  LEU A C   1 
ATOM   352  O O   . LEU A 1 47  ? -13.508 11.025  4.305   1.00 45.38 ? 47  LEU A O   1 
ATOM   353  C CB  . LEU A 1 47  ? -11.461 8.565   4.197   1.00 43.41 ? 47  LEU A CB  1 
ATOM   354  C CG  . LEU A 1 47  ? -10.779 7.196   4.098   1.00 42.36 ? 47  LEU A CG  1 
ATOM   355  C CD1 . LEU A 1 47  ? -9.332  7.356   4.513   1.00 42.05 ? 47  LEU A CD1 1 
ATOM   356  C CD2 . LEU A 1 47  ? -11.457 6.187   4.998   1.00 41.05 ? 47  LEU A CD2 1 
ATOM   357  N N   . PRO A 1 48  ? -13.831 9.710   6.116   1.00 40.92 ? 48  PRO A N   1 
ATOM   358  C CA  . PRO A 1 48  ? -14.296 10.792  6.982   1.00 42.65 ? 48  PRO A CA  1 
ATOM   359  C C   . PRO A 1 48  ? -13.116 11.684  7.342   1.00 45.30 ? 48  PRO A C   1 
ATOM   360  O O   . PRO A 1 48  ? -12.011 11.185  7.544   1.00 50.32 ? 48  PRO A O   1 
ATOM   361  C CB  . PRO A 1 48  ? -14.793 10.040  8.213   1.00 43.18 ? 48  PRO A CB  1 
ATOM   362  C CG  . PRO A 1 48  ? -13.856 8.871   8.279   1.00 43.27 ? 48  PRO A CG  1 
ATOM   363  C CD  . PRO A 1 48  ? -13.848 8.424   6.835   1.00 44.17 ? 48  PRO A CD  1 
ATOM   364  N N   . GLU A 1 49  ? -13.360 12.988  7.446   1.00 46.86 ? 49  GLU A N   1 
ATOM   365  C CA  . GLU A 1 49  ? -12.313 13.952  7.801   1.00 44.37 ? 49  GLU A CA  1 
ATOM   366  C C   . GLU A 1 49  ? -11.531 13.558  9.049   1.00 43.31 ? 49  GLU A C   1 
ATOM   367  O O   . GLU A 1 49  ? -12.116 13.199  10.084  1.00 42.32 ? 49  GLU A O   1 
ATOM   368  C CB  . GLU A 1 49  ? -12.916 15.327  8.054   1.00 47.40 ? 49  GLU A CB  1 
ATOM   369  C CG  . GLU A 1 49  ? -13.253 16.116  6.834   1.00 52.54 ? 49  GLU A CG  1 
ATOM   370  C CD  . GLU A 1 49  ? -13.344 17.591  7.161   1.00 57.32 ? 49  GLU A CD  1 
ATOM   371  O OE1 . GLU A 1 49  ? -14.442 18.051  7.549   1.00 60.55 ? 49  GLU A OE1 1 
ATOM   372  O OE2 . GLU A 1 49  ? -12.302 18.279  7.068   1.00 61.91 ? 49  GLU A OE2 1 
ATOM   373  N N   . GLY A 1 50  ? -10.214 13.725  8.975   1.00 42.13 ? 50  GLY A N   1 
ATOM   374  C CA  . GLY A 1 50  ? -9.367  13.389  10.099  1.00 42.94 ? 50  GLY A CA  1 
ATOM   375  C C   . GLY A 1 50  ? -8.592  12.097  9.944   1.00 44.45 ? 50  GLY A C   1 
ATOM   376  O O   . GLY A 1 50  ? -7.553  11.938  10.584  1.00 47.39 ? 50  GLY A O   1 
ATOM   377  N N   . ALA A 1 51  ? -9.121  11.162  9.156   1.00 43.80 ? 51  ALA A N   1 
ATOM   378  C CA  . ALA A 1 51  ? -8.469  9.868   8.923   1.00 44.37 ? 51  ALA A CA  1 
ATOM   379  C C   . ALA A 1 51  ? -7.396  9.946   7.829   1.00 42.03 ? 51  ALA A C   1 
ATOM   380  O O   . ALA A 1 51  ? -7.551  10.661  6.839   1.00 45.78 ? 51  ALA A O   1 
ATOM   381  C CB  . ALA A 1 51  ? -9.514  8.809   8.563   1.00 42.25 ? 51  ALA A CB  1 
ATOM   382  N N   . LYS A 1 52  ? -6.319  9.187   7.995   1.00 40.84 ? 52  LYS A N   1 
ATOM   383  C CA  . LYS A 1 52  ? -5.233  9.184   7.021   1.00 38.27 ? 52  LYS A CA  1 
ATOM   384  C C   . LYS A 1 52  ? -5.136  7.832   6.332   1.00 35.89 ? 52  LYS A C   1 
ATOM   385  O O   . LYS A 1 52  ? -5.380  6.791   6.944   1.00 34.81 ? 52  LYS A O   1 
ATOM   386  C CB  . LYS A 1 52  ? -3.909  9.517   7.706   1.00 36.34 ? 52  LYS A CB  1 
ATOM   387  N N   . PHE A 1 53  ? -4.823  7.857   5.043   1.00 35.06 ? 53  PHE A N   1 
ATOM   388  C CA  . PHE A 1 53  ? -4.674  6.620   4.296   1.00 33.46 ? 53  PHE A CA  1 
ATOM   389  C C   . PHE A 1 53  ? -3.196  6.355   4.056   1.00 31.59 ? 53  PHE A C   1 
ATOM   390  O O   . PHE A 1 53  ? -2.510  7.193   3.474   1.00 32.49 ? 53  PHE A O   1 
ATOM   391  C CB  . PHE A 1 53  ? -5.389  6.696   2.954   1.00 31.34 ? 53  PHE A CB  1 
ATOM   392  C CG  . PHE A 1 53  ? -5.203  5.473   2.128   1.00 29.44 ? 53  PHE A CG  1 
ATOM   393  C CD1 . PHE A 1 53  ? -5.925  4.318   2.411   1.00 30.17 ? 53  PHE A CD1 1 
ATOM   394  C CD2 . PHE A 1 53  ? -4.260  5.447   1.105   1.00 30.23 ? 53  PHE A CD2 1 
ATOM   395  C CE1 . PHE A 1 53  ? -5.710  3.148   1.693   1.00 26.46 ? 53  PHE A CE1 1 
ATOM   396  C CE2 . PHE A 1 53  ? -4.034  4.285   0.378   1.00 29.90 ? 53  PHE A CE2 1 
ATOM   397  C CZ  . PHE A 1 53  ? -4.764  3.130   0.676   1.00 30.01 ? 53  PHE A CZ  1 
ATOM   398  N N   . GLN A 1 54  ? -2.718  5.186   4.460   1.00 27.32 ? 54  GLN A N   1 
ATOM   399  C CA  . GLN A 1 54  ? -1.314  4.856   4.276   1.00 25.78 ? 54  GLN A CA  1 
ATOM   400  C C   . GLN A 1 54  ? -1.083  3.549   3.529   1.00 25.40 ? 54  GLN A C   1 
ATOM   401  O O   . GLN A 1 54  ? -1.614  2.510   3.909   1.00 24.06 ? 54  GLN A O   1 
ATOM   402  C CB  . GLN A 1 54  ? -0.592  4.806   5.620   1.00 27.05 ? 54  GLN A CB  1 
ATOM   403  C CG  . GLN A 1 54  ? 0.923   4.741   5.488   1.00 38.32 ? 54  GLN A CG  1 
ATOM   404  C CD  . GLN A 1 54  ? 1.476   5.922   4.715   1.00 45.27 ? 54  GLN A CD  1 
ATOM   405  O OE1 . GLN A 1 54  ? 1.596   7.018   5.256   1.00 58.63 ? 54  GLN A OE1 1 
ATOM   406  N NE2 . GLN A 1 54  ? 1.779   5.719   3.433   1.00 49.59 ? 54  GLN A NE2 1 
ATOM   407  N N   . LYS A 1 55  ? -0.366  3.639   2.412   1.00 23.54 ? 55  LYS A N   1 
ATOM   408  C CA  . LYS A 1 55  ? -0.024  2.470   1.607   1.00 18.60 ? 55  LYS A CA  1 
ATOM   409  C C   . LYS A 1 55  ? 1.302   1.912   2.111   1.00 17.64 ? 55  LYS A C   1 
ATOM   410  O O   . LYS A 1 55  ? 2.232   2.663   2.388   1.00 19.53 ? 55  LYS A O   1 
ATOM   411  C CB  . LYS A 1 55  ? 0.164   2.855   0.137   1.00 20.01 ? 55  LYS A CB  1 
ATOM   412  C CG  . LYS A 1 55  ? -0.979  2.579   -0.819  1.00 18.03 ? 55  LYS A CG  1 
ATOM   413  C CD  . LYS A 1 55  ? -0.449  2.610   -2.260  1.00 23.72 ? 55  LYS A CD  1 
ATOM   414  C CE  . LYS A 1 55  ? -1.540  2.754   -3.321  1.00 27.33 ? 55  LYS A CE  1 
ATOM   415  N NZ  . LYS A 1 55  ? -2.610  1.716   -3.265  1.00 29.12 ? 55  LYS A NZ  1 
ATOM   416  N N   . ASN A 1 56  ? 1.406   0.594   2.187   1.00 17.27 ? 56  ASN A N   1 
ATOM   417  C CA  . ASN A 1 56  ? 2.641   -0.054  2.622   1.00 20.93 ? 56  ASN A CA  1 
ATOM   418  C C   . ASN A 1 56  ? 3.066   -1.073  1.581   1.00 19.53 ? 56  ASN A C   1 
ATOM   419  O O   . ASN A 1 56  ? 2.330   -2.013  1.301   1.00 22.56 ? 56  ASN A O   1 
ATOM   420  C CB  . ASN A 1 56  ? 2.444   -0.787  3.945   1.00 19.14 ? 56  ASN A CB  1 
ATOM   421  C CG  . ASN A 1 56  ? 2.200   0.148   5.085   1.00 22.62 ? 56  ASN A CG  1 
ATOM   422  O OD1 . ASN A 1 56  ? 3.127   0.552   5.782   1.00 25.17 ? 56  ASN A OD1 1 
ATOM   423  N ND2 . ASN A 1 56  ? 0.948   0.507   5.280   1.00 29.21 ? 56  ASN A ND2 1 
ATOM   424  N N   . HIS A 1 57  ? 4.241   -0.894  0.998   1.00 15.87 ? 57  HIS A N   1 
ATOM   425  C CA  . HIS A 1 57  ? 4.694   -1.850  0.007   1.00 15.62 ? 57  HIS A CA  1 
ATOM   426  C C   . HIS A 1 57  ? 5.481   -2.976  0.669   1.00 20.75 ? 57  HIS A C   1 
ATOM   427  O O   . HIS A 1 57  ? 6.371   -2.708  1.461   1.00 24.11 ? 57  HIS A O   1 
ATOM   428  C CB  . HIS A 1 57  ? 5.545   -1.161  -1.044  1.00 14.09 ? 57  HIS A CB  1 
ATOM   429  C CG  . HIS A 1 57  ? 5.842   -2.031  -2.221  1.00 17.76 ? 57  HIS A CG  1 
ATOM   430  N ND1 . HIS A 1 57  ? 6.840   -2.981  -2.211  1.00 16.60 ? 57  HIS A ND1 1 
ATOM   431  C CD2 . HIS A 1 57  ? 5.259   -2.110  -3.440  1.00 9.40  ? 57  HIS A CD2 1 
ATOM   432  C CE1 . HIS A 1 57  ? 6.861   -3.611  -3.369  1.00 13.02 ? 57  HIS A CE1 1 
ATOM   433  N NE2 . HIS A 1 57  ? 5.913   -3.099  -4.135  1.00 13.72 ? 57  HIS A NE2 1 
ATOM   434  N N   . VAL A 1 58  ? 5.098   -4.222  0.391   1.00 20.45 ? 58  VAL A N   1 
ATOM   435  C CA  . VAL A 1 58  ? 5.782   -5.397  0.940   1.00 19.97 ? 58  VAL A CA  1 
ATOM   436  C C   . VAL A 1 58  ? 6.942   -5.801  0.028   1.00 19.63 ? 58  VAL A C   1 
ATOM   437  O O   . VAL A 1 58  ? 6.912   -5.517  -1.162  1.00 19.12 ? 58  VAL A O   1 
ATOM   438  C CB  . VAL A 1 58  ? 4.815   -6.585  1.103   1.00 20.00 ? 58  VAL A CB  1 
ATOM   439  C CG1 . VAL A 1 58  ? 3.710   -6.216  2.079   1.00 23.76 ? 58  VAL A CG1 1 
ATOM   440  C CG2 . VAL A 1 58  ? 4.239   -6.981  -0.241  1.00 21.62 ? 58  VAL A CG2 1 
ATOM   441  N N   . SER A 1 59  ? 7.919   -6.519  0.566   1.00 21.74 ? 59  SER A N   1 
ATOM   442  C CA  . SER A 1 59  ? 9.075   -6.901  -0.228  1.00 19.47 ? 59  SER A CA  1 
ATOM   443  C C   . SER A 1 59  ? 9.204   -8.374  -0.566  1.00 18.21 ? 59  SER A C   1 
ATOM   444  O O   . SER A 1 59  ? 10.211  -8.766  -1.142  1.00 26.86 ? 59  SER A O   1 
ATOM   445  C CB  . SER A 1 59  ? 10.373  -6.458  0.462   1.00 17.99 ? 59  SER A CB  1 
ATOM   446  O OG  A SER A 1 59  ? 10.357  -5.095  0.823   0.50 16.87 ? 59  SER A OG  1 
ATOM   447  O OG  B SER A 1 59  ? 10.624  -7.143  1.676   0.50 16.87 ? 59  SER A OG  1 
ATOM   448  N N   . PHE A 1 60  ? 8.220   -9.192  -0.229  1.00 17.56 ? 60  PHE A N   1 
ATOM   449  C CA  . PHE A 1 60  ? 8.338   -10.623 -0.499  1.00 19.41 ? 60  PHE A CA  1 
ATOM   450  C C   . PHE A 1 60  ? 8.108   -11.112 -1.923  1.00 23.55 ? 60  PHE A C   1 
ATOM   451  O O   . PHE A 1 60  ? 8.459   -12.243 -2.242  1.00 29.19 ? 60  PHE A O   1 
ATOM   452  C CB  . PHE A 1 60  ? 7.541   -11.461 0.517   1.00 19.11 ? 60  PHE A CB  1 
ATOM   453  C CG  . PHE A 1 60  ? 6.039   -11.392 0.360   1.00 22.11 ? 60  PHE A CG  1 
ATOM   454  C CD1 . PHE A 1 60  ? 5.374   -12.232 -0.538  1.00 24.17 ? 60  PHE A CD1 1 
ATOM   455  C CD2 . PHE A 1 60  ? 5.284   -10.520 1.139   1.00 22.28 ? 60  PHE A CD2 1 
ATOM   456  C CE1 . PHE A 1 60  ? 3.985   -12.204 -0.660  1.00 22.78 ? 60  PHE A CE1 1 
ATOM   457  C CE2 . PHE A 1 60  ? 3.890   -10.482 1.027   1.00 25.64 ? 60  PHE A CE2 1 
ATOM   458  C CZ  . PHE A 1 60  ? 3.240   -11.326 0.125   1.00 23.73 ? 60  PHE A CZ  1 
ATOM   459  N N   . MET A 1 61  ? 7.483   -10.294 -2.757  1.00 22.26 ? 61  MET A N   1 
ATOM   460  C CA  . MET A 1 61  ? 7.238   -10.656 -4.142  1.00 19.61 ? 61  MET A CA  1 
ATOM   461  C C   . MET A 1 61  ? 8.316   -10.012 -5.007  1.00 25.11 ? 61  MET A C   1 
ATOM   462  O O   . MET A 1 61  ? 8.946   -9.033  -4.593  1.00 26.65 ? 61  MET A O   1 
ATOM   463  C CB  . MET A 1 61  ? 5.851   -10.202 -4.569  1.00 18.04 ? 61  MET A CB  1 
ATOM   464  C CG  . MET A 1 61  ? 4.724   -10.947 -3.893  1.00 14.80 ? 61  MET A CG  1 
ATOM   465  S SD  . MET A 1 61  ? 3.212   -10.470 -4.670  1.00 26.76 ? 61  MET A SD  1 
ATOM   466  C CE  . MET A 1 61  ? 3.429   -11.228 -6.315  1.00 22.43 ? 61  MET A CE  1 
ATOM   467  N N   . GLY A 1 62  ? 8.560   -10.589 -6.183  1.00 27.45 ? 62  GLY A N   1 
ATOM   468  C CA  . GLY A 1 62  ? 9.569   -10.074 -7.098  1.00 22.59 ? 62  GLY A CA  1 
ATOM   469  C C   . GLY A 1 62  ? 10.989  -10.574 -6.886  1.00 23.00 ? 62  GLY A C   1 
ATOM   470  O O   . GLY A 1 62  ? 11.935  -10.017 -7.435  1.00 21.36 ? 62  GLY A O   1 
ATOM   471  N N   . GLY A 1 63  ? 11.161  -11.574 -6.035  1.00 22.84 ? 63  GLY A N   1 
ATOM   472  C CA  . GLY A 1 63  ? 12.487  -12.111 -5.808  1.00 28.74 ? 63  GLY A CA  1 
ATOM   473  C C   . GLY A 1 63  ? 13.464  -11.091 -5.273  1.00 32.87 ? 63  GLY A C   1 
ATOM   474  O O   . GLY A 1 63  ? 13.177  -10.401 -4.296  1.00 32.74 ? 63  GLY A O   1 
ATOM   475  N N   . ASN A 1 64  ? 14.636  -11.013 -5.896  1.00 34.91 ? 64  ASN A N   1 
ATOM   476  C CA  . ASN A 1 64  ? 15.657  -10.070 -5.448  1.00 38.87 ? 64  ASN A CA  1 
ATOM   477  C C   . ASN A 1 64  ? 15.381  -8.612  -5.803  1.00 34.59 ? 64  ASN A C   1 
ATOM   478  O O   . ASN A 1 64  ? 16.227  -7.747  -5.581  1.00 38.32 ? 64  ASN A O   1 
ATOM   479  C CB  . ASN A 1 64  ? 17.049  -10.491 -5.932  1.00 43.17 ? 64  ASN A CB  1 
ATOM   480  C CG  . ASN A 1 64  ? 17.131  -10.630 -7.437  1.00 46.97 ? 64  ASN A CG  1 
ATOM   481  O OD1 . ASN A 1 64  ? 16.770  -9.715  -8.187  1.00 46.17 ? 64  ASN A OD1 1 
ATOM   482  N ND2 . ASN A 1 64  ? 17.637  -11.779 -7.896  1.00 57.75 ? 64  ASN A ND2 1 
ATOM   483  N N   . MET A 1 65  ? 14.240  -8.355  -6.435  1.00 32.19 ? 65  MET A N   1 
ATOM   484  C CA  . MET A 1 65  ? 13.859  -6.990  -6.774  1.00 28.96 ? 65  MET A CA  1 
ATOM   485  C C   . MET A 1 65  ? 12.748  -6.504  -5.833  1.00 27.60 ? 65  MET A C   1 
ATOM   486  O O   . MET A 1 65  ? 12.273  -5.378  -5.955  1.00 29.76 ? 65  MET A O   1 
ATOM   487  C CB  . MET A 1 65  ? 13.401  -6.899  -8.235  1.00 29.08 ? 65  MET A CB  1 
ATOM   488  C CG  . MET A 1 65  ? 14.532  -6.846  -9.253  1.00 24.94 ? 65  MET A CG  1 
ATOM   489  S SD  . MET A 1 65  ? 15.600  -5.385  -9.103  1.00 26.33 ? 65  MET A SD  1 
ATOM   490  C CE  . MET A 1 65  ? 14.469  -4.117  -9.704  1.00 32.91 ? 65  MET A CE  1 
ATOM   491  N N   . GLY A 1 66  ? 12.334  -7.373  -4.916  1.00 26.81 ? 66  GLY A N   1 
ATOM   492  C CA  . GLY A 1 66  ? 11.289  -7.035  -3.968  1.00 26.26 ? 66  GLY A CA  1 
ATOM   493  C C   . GLY A 1 66  ? 11.657  -5.849  -3.099  1.00 26.16 ? 66  GLY A C   1 
ATOM   494  O O   . GLY A 1 66  ? 10.949  -4.846  -3.076  1.00 30.12 ? 66  GLY A O   1 
ATOM   495  N N   . GLN A 1 67  ? 12.793  -5.944  -2.425  1.00 23.66 ? 67  GLN A N   1 
ATOM   496  C CA  . GLN A 1 67  ? 13.265  -4.887  -1.547  1.00 27.05 ? 67  GLN A CA  1 
ATOM   497  C C   . GLN A 1 67  ? 13.451  -3.576  -2.317  1.00 25.86 ? 67  GLN A C   1 
ATOM   498  O O   . GLN A 1 67  ? 13.094  -2.499  -1.838  1.00 23.06 ? 67  GLN A O   1 
ATOM   499  C CB  . GLN A 1 67  ? 14.578  -5.331  -0.902  1.00 31.40 ? 67  GLN A CB  1 
ATOM   500  C CG  . GLN A 1 67  ? 15.079  -4.443  0.221   1.00 48.58 ? 67  GLN A CG  1 
ATOM   501  C CD  . GLN A 1 67  ? 14.177  -4.462  1.453   1.00 56.28 ? 67  GLN A CD  1 
ATOM   502  O OE1 . GLN A 1 67  ? 13.025  -4.025  1.409   1.00 63.84 ? 67  GLN A OE1 1 
ATOM   503  N NE2 . GLN A 1 67  ? 14.727  -4.916  2.578   1.00 60.65 ? 67  GLN A NE2 1 
ATOM   504  N N   . ALA A 1 68  ? 14.021  -3.672  -3.515  1.00 29.16 ? 68  ALA A N   1 
ATOM   505  C CA  . ALA A 1 68  ? 14.249  -2.506  -4.363  1.00 24.90 ? 68  ALA A CA  1 
ATOM   506  C C   . ALA A 1 68  ? 12.917  -1.878  -4.747  1.00 23.25 ? 68  ALA A C   1 
ATOM   507  O O   . ALA A 1 68  ? 12.786  -0.663  -4.779  1.00 21.75 ? 68  ALA A O   1 
ATOM   508  C CB  . ALA A 1 68  ? 15.018  -2.906  -5.619  1.00 23.56 ? 68  ALA A CB  1 
ATOM   509  N N   . MET A 1 69  ? 11.943  -2.714  -5.089  1.00 16.27 ? 69  MET A N   1 
ATOM   510  C CA  . MET A 1 69  ? 10.622  -2.227  -5.462  1.00 20.87 ? 69  MET A CA  1 
ATOM   511  C C   . MET A 1 69  ? 9.949   -1.482  -4.298  1.00 21.75 ? 69  MET A C   1 
ATOM   512  O O   . MET A 1 69  ? 9.131   -0.590  -4.520  1.00 21.98 ? 69  MET A O   1 
ATOM   513  C CB  . MET A 1 69  ? 9.742   -3.382  -5.949  1.00 22.72 ? 69  MET A CB  1 
ATOM   514  C CG  . MET A 1 69  ? 8.412   -2.948  -6.579  1.00 20.53 ? 69  MET A CG  1 
ATOM   515  S SD  . MET A 1 69  ? 8.582   -1.823  -7.991  1.00 22.27 ? 69  MET A SD  1 
ATOM   516  C CE  . MET A 1 69  ? 9.457   -2.851  -9.140  1.00 23.09 ? 69  MET A CE  1 
ATOM   517  N N   . SER A 1 70  ? 10.254  -1.884  -3.069  1.00 17.81 ? 70  SER A N   1 
ATOM   518  C CA  . SER A 1 70  ? 9.699   -1.225  -1.893  1.00 17.08 ? 70  SER A CA  1 
ATOM   519  C C   . SER A 1 70  ? 10.340  0.141   -1.736  1.00 20.04 ? 70  SER A C   1 
ATOM   520  O O   . SER A 1 70  ? 9.667   1.106   -1.381  1.00 20.57 ? 70  SER A O   1 
ATOM   521  C CB  . SER A 1 70  ? 9.921   -2.070  -0.638  1.00 13.89 ? 70  SER A CB  1 
ATOM   522  O OG  . SER A 1 70  ? 8.989   -3.129  -0.608  1.00 18.64 ? 70  SER A OG  1 
ATOM   523  N N   . LYS A 1 71  ? 11.644  0.217   -1.998  1.00 17.60 ? 71  LYS A N   1 
ATOM   524  C CA  . LYS A 1 71  ? 12.379  1.470   -1.920  1.00 17.75 ? 71  LYS A CA  1 
ATOM   525  C C   . LYS A 1 71  ? 11.857  2.420   -2.979  1.00 21.87 ? 71  LYS A C   1 
ATOM   526  O O   . LYS A 1 71  ? 11.770  3.619   -2.750  1.00 21.91 ? 71  LYS A O   1 
ATOM   527  C CB  . LYS A 1 71  ? 13.876  1.246   -2.141  1.00 16.23 ? 71  LYS A CB  1 
ATOM   528  C CG  . LYS A 1 71  ? 14.559  0.498   -1.025  1.00 23.58 ? 71  LYS A CG  1 
ATOM   529  C CD  . LYS A 1 71  ? 16.041  0.317   -1.304  1.00 27.88 ? 71  LYS A CD  1 
ATOM   530  C CE  . LYS A 1 71  ? 16.738  1.655   -1.428  1.00 34.80 ? 71  LYS A CE  1 
ATOM   531  N NZ  . LYS A 1 71  ? 18.206  1.500   -1.567  1.00 41.74 ? 71  LYS A NZ  1 
ATOM   532  N N   . ALA A 1 72  ? 11.553  1.885   -4.159  1.00 20.62 ? 72  ALA A N   1 
ATOM   533  C CA  . ALA A 1 72  ? 11.029  2.700   -5.242  1.00 18.63 ? 72  ALA A CA  1 
ATOM   534  C C   . ALA A 1 72  ? 9.723   3.335   -4.780  1.00 20.05 ? 72  ALA A C   1 
ATOM   535  O O   . ALA A 1 72  ? 9.483   4.524   -5.006  1.00 18.89 ? 72  ALA A O   1 
ATOM   536  C CB  . ALA A 1 72  ? 10.805  1.852   -6.488  1.00 18.16 ? 72  ALA A CB  1 
ATOM   537  N N   . TYR A 1 73  ? 8.860   2.530   -4.166  1.00 16.25 ? 73  TYR A N   1 
ATOM   538  C CA  . TYR A 1 73  ? 7.595   3.073   -3.673  1.00 20.07 ? 73  TYR A CA  1 
ATOM   539  C C   . TYR A 1 73  ? 7.885   4.138   -2.631  1.00 23.47 ? 73  TYR A C   1 
ATOM   540  O O   . TYR A 1 73  ? 7.320   5.232   -2.693  1.00 24.16 ? 73  TYR A O   1 
ATOM   541  C CB  . TYR A 1 73  ? 6.711   1.993   -3.063  1.00 19.71 ? 73  TYR A CB  1 
ATOM   542  C CG  . TYR A 1 73  ? 5.488   2.546   -2.367  1.00 21.61 ? 73  TYR A CG  1 
ATOM   543  C CD1 . TYR A 1 73  ? 4.499   3.238   -3.072  1.00 22.58 ? 73  TYR A CD1 1 
ATOM   544  C CD2 . TYR A 1 73  ? 5.330   2.412   -0.993  1.00 25.94 ? 73  TYR A CD2 1 
ATOM   545  C CE1 . TYR A 1 73  ? 3.401   3.788   -2.423  1.00 22.35 ? 73  TYR A CE1 1 
ATOM   546  C CE2 . TYR A 1 73  ? 4.243   2.952   -0.341  1.00 25.85 ? 73  TYR A CE2 1 
ATOM   547  C CZ  . TYR A 1 73  ? 3.289   3.645   -1.063  1.00 25.40 ? 73  TYR A CZ  1 
ATOM   548  O OH  . TYR A 1 73  ? 2.250   4.253   -0.415  1.00 33.08 ? 73  TYR A OH  1 
ATOM   549  N N   . ALA A 1 74  ? 8.731   3.817   -1.652  1.00 22.97 ? 74  ALA A N   1 
ATOM   550  C CA  . ALA A 1 74  ? 9.086   4.789   -0.617  1.00 23.48 ? 74  ALA A CA  1 
ATOM   551  C C   . ALA A 1 74  ? 9.642   6.071   -1.266  1.00 26.16 ? 74  ALA A C   1 
ATOM   552  O O   . ALA A 1 74  ? 9.414   7.174   -0.757  1.00 20.96 ? 74  ALA A O   1 
ATOM   553  C CB  . ALA A 1 74  ? 10.094  4.195   0.352   1.00 17.49 ? 74  ALA A CB  1 
ATOM   554  N N   . THR A 1 75  ? 10.336  5.916   -2.399  1.00 23.28 ? 75  THR A N   1 
ATOM   555  C CA  . THR A 1 75  ? 10.905  7.050   -3.141  1.00 21.56 ? 75  THR A CA  1 
ATOM   556  C C   . THR A 1 75  ? 9.792   7.929   -3.716  1.00 21.96 ? 75  THR A C   1 
ATOM   557  O O   . THR A 1 75  ? 9.935   9.152   -3.789  1.00 20.43 ? 75  THR A O   1 
ATOM   558  C CB  . THR A 1 75  ? 11.848  6.583   -4.303  1.00 22.49 ? 75  THR A CB  1 
ATOM   559  O OG1 . THR A 1 75  ? 13.029  5.979   -3.761  1.00 25.02 ? 75  THR A OG1 1 
ATOM   560  C CG2 . THR A 1 75  ? 12.280  7.757   -5.164  1.00 20.03 ? 75  THR A CG2 1 
ATOM   561  N N   . MET A 1 76  ? 8.696   7.303   -4.136  1.00 24.67 ? 76  MET A N   1 
ATOM   562  C CA  . MET A 1 76  ? 7.564   8.034   -4.699  1.00 27.00 ? 76  MET A CA  1 
ATOM   563  C C   . MET A 1 76  ? 6.928   8.969   -3.669  1.00 29.17 ? 76  MET A C   1 
ATOM   564  O O   . MET A 1 76  ? 6.452   10.043  -4.024  1.00 27.31 ? 76  MET A O   1 
ATOM   565  C CB  . MET A 1 76  ? 6.512   7.071   -5.255  1.00 20.95 ? 76  MET A CB  1 
ATOM   566  C CG  . MET A 1 76  ? 6.955   6.292   -6.480  1.00 24.50 ? 76  MET A CG  1 
ATOM   567  S SD  . MET A 1 76  ? 5.694   5.076   -6.900  1.00 19.94 ? 76  MET A SD  1 
ATOM   568  C CE  . MET A 1 76  ? 6.646   3.937   -7.935  1.00 23.72 ? 76  MET A CE  1 
ATOM   569  N N   . ILE A 1 77  ? 6.864   8.526   -2.413  1.00 24.41 ? 77  ILE A N   1 
ATOM   570  C CA  . ILE A 1 77  ? 6.307   9.348   -1.344  1.00 24.82 ? 77  ILE A CA  1 
ATOM   571  C C   . ILE A 1 77  ? 7.274   10.501  -1.054  1.00 24.99 ? 77  ILE A C   1 
ATOM   572  O O   . ILE A 1 77  ? 6.851   11.651  -0.933  1.00 30.25 ? 77  ILE A O   1 
ATOM   573  C CB  . ILE A 1 77  ? 6.109   8.540   -0.039  1.00 24.88 ? 77  ILE A CB  1 
ATOM   574  C CG1 . ILE A 1 77  ? 5.182   7.349   -0.276  1.00 23.31 ? 77  ILE A CG1 1 
ATOM   575  C CG2 . ILE A 1 77  ? 5.519   9.436   1.056   1.00 24.02 ? 77  ILE A CG2 1 
ATOM   576  C CD1 . ILE A 1 77  ? 5.113   6.400   0.902   1.00 20.00 ? 77  ILE A CD1 1 
ATOM   577  N N   . ALA A 1 78  ? 8.565   10.184  -0.971  1.00 23.86 ? 78  ALA A N   1 
ATOM   578  C CA  . ALA A 1 78  ? 9.591   11.183  -0.696  1.00 26.09 ? 78  ALA A CA  1 
ATOM   579  C C   . ALA A 1 78  ? 9.638   12.283  -1.765  1.00 31.67 ? 78  ALA A C   1 
ATOM   580  O O   . ALA A 1 78  ? 9.885   13.454  -1.456  1.00 38.90 ? 78  ALA A O   1 
ATOM   581  C CB  . ALA A 1 78  ? 10.950  10.512  -0.559  1.00 24.85 ? 78  ALA A CB  1 
ATOM   582  N N   . LEU A 1 79  ? 9.437   11.907  -3.024  1.00 28.78 ? 79  LEU A N   1 
ATOM   583  C CA  . LEU A 1 79  ? 9.452   12.877  -4.113  1.00 25.76 ? 79  LEU A CA  1 
ATOM   584  C C   . LEU A 1 79  ? 8.068   13.419  -4.451  1.00 27.86 ? 79  LEU A C   1 
ATOM   585  O O   . LEU A 1 79  ? 7.926   14.236  -5.361  1.00 34.55 ? 79  LEU A O   1 
ATOM   586  C CB  . LEU A 1 79  ? 10.090  12.261  -5.356  1.00 21.56 ? 79  LEU A CB  1 
ATOM   587  C CG  . LEU A 1 79  ? 11.606  12.382  -5.517  1.00 23.91 ? 79  LEU A CG  1 
ATOM   588  C CD1 . LEU A 1 79  ? 12.315  12.303  -4.178  1.00 24.96 ? 79  LEU A CD1 1 
ATOM   589  C CD2 . LEU A 1 79  ? 12.100  11.305  -6.477  1.00 22.32 ? 79  LEU A CD2 1 
ATOM   590  N N   . GLU A 1 80  ? 7.056   12.977  -3.706  1.00 30.68 ? 80  GLU A N   1 
ATOM   591  C CA  . GLU A 1 80  ? 5.663   13.394  -3.903  1.00 36.01 ? 80  GLU A CA  1 
ATOM   592  C C   . GLU A 1 80  ? 5.154   13.198  -5.331  1.00 35.61 ? 80  GLU A C   1 
ATOM   593  O O   . GLU A 1 80  ? 4.203   13.853  -5.771  1.00 33.29 ? 80  GLU A O   1 
ATOM   594  C CB  . GLU A 1 80  ? 5.458   14.839  -3.443  1.00 40.76 ? 80  GLU A CB  1 
ATOM   595  C CG  . GLU A 1 80  ? 5.621   15.017  -1.945  1.00 45.88 ? 80  GLU A CG  1 
ATOM   596  C CD  . GLU A 1 80  ? 5.639   16.477  -1.522  1.00 54.10 ? 80  GLU A CD  1 
ATOM   597  O OE1 . GLU A 1 80  ? 5.948   17.353  -2.368  1.00 54.93 ? 80  GLU A OE1 1 
ATOM   598  O OE2 . GLU A 1 80  ? 5.352   16.745  -0.332  1.00 58.77 ? 80  GLU A OE2 1 
ATOM   599  N N   . VAL A 1 81  ? 5.797   12.279  -6.042  1.00 34.70 ? 81  VAL A N   1 
ATOM   600  C CA  . VAL A 1 81  ? 5.448   11.955  -7.414  1.00 33.84 ? 81  VAL A CA  1 
ATOM   601  C C   . VAL A 1 81  ? 4.608   10.681  -7.421  1.00 35.31 ? 81  VAL A C   1 
ATOM   602  O O   . VAL A 1 81  ? 4.554   9.946   -8.408  1.00 35.73 ? 81  VAL A O   1 
ATOM   603  C CB  . VAL A 1 81  ? 6.726   11.750  -8.257  1.00 32.25 ? 81  VAL A CB  1 
ATOM   604  C CG1 . VAL A 1 81  ? 7.531   13.047  -8.300  1.00 28.18 ? 81  VAL A CG1 1 
ATOM   605  C CG2 . VAL A 1 81  ? 7.571   10.607  -7.686  1.00 25.19 ? 81  VAL A CG2 1 
ATOM   606  N N   . GLU A 1 82  ? 3.912   10.455  -6.318  1.00 35.73 ? 82  GLU A N   1 
ATOM   607  C CA  . GLU A 1 82  ? 3.107   9.258   -6.154  1.00 37.77 ? 82  GLU A CA  1 
ATOM   608  C C   . GLU A 1 82  ? 1.926   9.133   -7.108  1.00 39.22 ? 82  GLU A C   1 
ATOM   609  O O   . GLU A 1 82  ? 1.660   8.055   -7.635  1.00 41.02 ? 82  GLU A O   1 
ATOM   610  C CB  . GLU A 1 82  ? 2.626   9.168   -4.710  1.00 42.32 ? 82  GLU A CB  1 
ATOM   611  C CG  . GLU A 1 82  ? 2.344   7.759   -4.235  1.00 48.00 ? 82  GLU A CG  1 
ATOM   612  C CD  . GLU A 1 82  ? 1.960   7.709   -2.772  1.00 48.41 ? 82  GLU A CD  1 
ATOM   613  O OE1 . GLU A 1 82  ? 2.512   8.513   -1.986  1.00 48.33 ? 82  GLU A OE1 1 
ATOM   614  O OE2 . GLU A 1 82  ? 1.104   6.867   -2.412  1.00 46.33 ? 82  GLU A OE2 1 
ATOM   615  N N   . ASP A 1 83  ? 1.204   10.229  -7.307  1.00 40.29 ? 83  ASP A N   1 
ATOM   616  C CA  . ASP A 1 83  ? 0.040   10.226  -8.184  1.00 37.01 ? 83  ASP A CA  1 
ATOM   617  C C   . ASP A 1 83  ? 0.297   9.765   -9.622  1.00 40.12 ? 83  ASP A C   1 
ATOM   618  O O   . ASP A 1 83  ? -0.550  9.089   -10.207 1.00 41.10 ? 83  ASP A O   1 
ATOM   619  C CB  . ASP A 1 83  ? -0.674  11.588  -8.143  1.00 39.55 ? 83  ASP A CB  1 
ATOM   620  C CG  A ASP A 1 83  ? -1.191  11.931  -6.757  0.50 37.54 ? 83  ASP A CG  1 
ATOM   621  C CG  B ASP A 1 83  ? 0.254   12.771  -8.441  0.50 38.74 ? 83  ASP A CG  1 
ATOM   622  O OD1 A ASP A 1 83  ? -0.426  12.525  -5.964  0.50 40.01 ? 83  ASP A OD1 1 
ATOM   623  O OD1 B ASP A 1 83  ? 1.476   12.584  -8.650  0.50 37.53 ? 83  ASP A OD1 1 
ATOM   624  O OD2 A ASP A 1 83  ? -2.355  11.591  -6.457  0.50 37.80 ? 83  ASP A OD2 1 
ATOM   625  O OD2 B ASP A 1 83  ? -0.257  13.910  -8.456  0.50 38.78 ? 83  ASP A OD2 1 
ATOM   626  N N   . LYS A 1 84  ? 1.448   10.133  -10.188 1.00 37.89 ? 84  LYS A N   1 
ATOM   627  C CA  . LYS A 1 84  ? 1.789   9.724   -11.553 1.00 38.96 ? 84  LYS A CA  1 
ATOM   628  C C   . LYS A 1 84  ? 2.564   8.409   -11.623 1.00 36.56 ? 84  LYS A C   1 
ATOM   629  O O   . LYS A 1 84  ? 2.311   7.571   -12.487 1.00 37.95 ? 84  LYS A O   1 
ATOM   630  C CB  . LYS A 1 84  ? 2.575   10.824  -12.290 1.00 40.82 ? 84  LYS A CB  1 
ATOM   631  C CG  . LYS A 1 84  ? 3.799   11.363  -11.556 1.00 47.38 ? 84  LYS A CG  1 
ATOM   632  C CD  . LYS A 1 84  ? 4.896   11.808  -12.529 1.00 53.37 ? 84  LYS A CD  1 
ATOM   633  C CE  . LYS A 1 84  ? 4.434   12.889  -13.502 1.00 53.77 ? 84  LYS A CE  1 
ATOM   634  N NZ  . LYS A 1 84  ? 5.515   13.224  -14.480 1.00 52.53 ? 84  LYS A NZ  1 
ATOM   635  N N   . MET A 1 85  ? 3.504   8.228   -10.702 1.00 35.03 ? 85  MET A N   1 
ATOM   636  C CA  . MET A 1 85  ? 4.333   7.034   -10.676 1.00 32.35 ? 85  MET A CA  1 
ATOM   637  C C   . MET A 1 85  ? 3.676   5.717   -10.270 1.00 29.20 ? 85  MET A C   1 
ATOM   638  O O   . MET A 1 85  ? 4.112   4.661   -10.720 1.00 30.81 ? 85  MET A O   1 
ATOM   639  C CB  . MET A 1 85  ? 5.584   7.274   -9.831  1.00 35.22 ? 85  MET A CB  1 
ATOM   640  C CG  . MET A 1 85  ? 6.582   8.223   -10.467 1.00 35.12 ? 85  MET A CG  1 
ATOM   641  S SD  . MET A 1 85  ? 6.983   7.783   -12.182 1.00 37.71 ? 85  MET A SD  1 
ATOM   642  C CE  . MET A 1 85  ? 8.106   6.399   -11.965 1.00 25.73 ? 85  MET A CE  1 
ATOM   643  N N   . VAL A 1 86  ? 2.679   5.748   -9.391  1.00 25.64 ? 86  VAL A N   1 
ATOM   644  C CA  . VAL A 1 86  ? 2.031   4.499   -9.001  1.00 26.02 ? 86  VAL A CA  1 
ATOM   645  C C   . VAL A 1 86  ? 1.421   3.808   -10.220 1.00 30.84 ? 86  VAL A C   1 
ATOM   646  O O   . VAL A 1 86  ? 1.752   2.652   -10.488 1.00 33.68 ? 86  VAL A O   1 
ATOM   647  C CB  . VAL A 1 86  ? 0.974   4.672   -7.874  1.00 25.81 ? 86  VAL A CB  1 
ATOM   648  C CG1 . VAL A 1 86  ? 0.217   3.367   -7.652  1.00 22.89 ? 86  VAL A CG1 1 
ATOM   649  C CG2 . VAL A 1 86  ? 1.647   5.088   -6.582  1.00 21.27 ? 86  VAL A CG2 1 
ATOM   650  N N   . PRO A 1 87  ? 0.522   4.493   -10.968 1.00 33.87 ? 87  PRO A N   1 
ATOM   651  C CA  . PRO A 1 87  ? -0.072  3.848   -12.154 1.00 35.03 ? 87  PRO A CA  1 
ATOM   652  C C   . PRO A 1 87  ? 0.981   3.473   -13.230 1.00 30.89 ? 87  PRO A C   1 
ATOM   653  O O   . PRO A 1 87  ? 0.865   2.459   -13.905 1.00 31.79 ? 87  PRO A O   1 
ATOM   654  C CB  . PRO A 1 87  ? -1.085  4.895   -12.646 1.00 30.89 ? 87  PRO A CB  1 
ATOM   655  C CG  . PRO A 1 87  ? -0.531  6.200   -12.133 1.00 31.81 ? 87  PRO A CG  1 
ATOM   656  C CD  . PRO A 1 87  ? -0.057  5.834   -10.758 1.00 33.92 ? 87  PRO A CD  1 
ATOM   657  N N   . VAL A 1 88  ? 2.026   4.282   -13.362 1.00 26.84 ? 88  VAL A N   1 
ATOM   658  C CA  . VAL A 1 88  ? 3.079   4.004   -14.333 1.00 26.35 ? 88  VAL A CA  1 
ATOM   659  C C   . VAL A 1 88  ? 3.812   2.708   -13.991 1.00 26.65 ? 88  VAL A C   1 
ATOM   660  O O   . VAL A 1 88  ? 4.259   1.975   -14.879 1.00 21.76 ? 88  VAL A O   1 
ATOM   661  C CB  . VAL A 1 88  ? 4.091   5.173   -14.380 1.00 23.66 ? 88  VAL A CB  1 
ATOM   662  C CG1 . VAL A 1 88  ? 5.385   4.761   -15.077 1.00 22.91 ? 88  VAL A CG1 1 
ATOM   663  C CG2 . VAL A 1 88  ? 3.463   6.357   -15.097 1.00 25.54 ? 88  VAL A CG2 1 
ATOM   664  N N   . MET A 1 89  ? 3.957   2.448   -12.697 1.00 25.83 ? 89  MET A N   1 
ATOM   665  C CA  . MET A 1 89  ? 4.658   1.256   -12.246 1.00 25.80 ? 89  MET A CA  1 
ATOM   666  C C   . MET A 1 89  ? 3.791   0.011   -12.341 1.00 24.36 ? 89  MET A C   1 
ATOM   667  O O   . MET A 1 89  ? 4.284   -1.066  -12.657 1.00 26.35 ? 89  MET A O   1 
ATOM   668  C CB  . MET A 1 89  ? 5.187   1.447   -10.823 1.00 23.95 ? 89  MET A CB  1 
ATOM   669  C CG  . MET A 1 89  ? 6.208   0.403   -10.395 1.00 21.72 ? 89  MET A CG  1 
ATOM   670  S SD  . MET A 1 89  ? 7.710   0.369   -11.392 1.00 27.80 ? 89  MET A SD  1 
ATOM   671  C CE  . MET A 1 89  ? 8.677   1.746   -10.705 1.00 26.26 ? 89  MET A CE  1 
ATOM   672  N N   . PHE A 1 90  ? 2.510   0.145   -12.005 1.00 21.92 ? 90  PHE A N   1 
ATOM   673  C CA  . PHE A 1 90  ? 1.572   -0.969  -12.090 1.00 24.42 ? 90  PHE A CA  1 
ATOM   674  C C   . PHE A 1 90  ? 1.410   -1.347  -13.570 1.00 33.62 ? 90  PHE A C   1 
ATOM   675  O O   . PHE A 1 90  ? 1.276   -2.524  -13.924 1.00 34.91 ? 90  PHE A O   1 
ATOM   676  C CB  . PHE A 1 90  ? 0.203   -0.556  -11.526 1.00 21.91 ? 90  PHE A CB  1 
ATOM   677  C CG  . PHE A 1 90  ? -0.050  -0.996  -10.106 1.00 24.41 ? 90  PHE A CG  1 
ATOM   678  C CD1 . PHE A 1 90  ? 0.184   -2.310  -9.708  1.00 24.36 ? 90  PHE A CD1 1 
ATOM   679  C CD2 . PHE A 1 90  ? -0.574  -0.102  -9.173  1.00 24.63 ? 90  PHE A CD2 1 
ATOM   680  C CE1 . PHE A 1 90  ? -0.105  -2.728  -8.407  1.00 25.78 ? 90  PHE A CE1 1 
ATOM   681  C CE2 . PHE A 1 90  ? -0.865  -0.509  -7.875  1.00 25.45 ? 90  PHE A CE2 1 
ATOM   682  C CZ  . PHE A 1 90  ? -0.632  -1.825  -7.491  1.00 26.16 ? 90  PHE A CZ  1 
ATOM   683  N N   . ASN A 1 91  ? 1.461   -0.331  -14.432 1.00 38.04 ? 91  ASN A N   1 
ATOM   684  C CA  . ASN A 1 91  ? 1.303   -0.509  -15.870 1.00 40.47 ? 91  ASN A CA  1 
ATOM   685  C C   . ASN A 1 91  ? 2.501   -1.153  -16.564 1.00 41.85 ? 91  ASN A C   1 
ATOM   686  O O   . ASN A 1 91  ? 2.320   -1.998  -17.438 1.00 44.67 ? 91  ASN A O   1 
ATOM   687  C CB  . ASN A 1 91  ? 0.974   0.836   -16.528 1.00 44.91 ? 91  ASN A CB  1 
ATOM   688  C CG  . ASN A 1 91  ? 0.776   0.730   -18.037 1.00 45.52 ? 91  ASN A CG  1 
ATOM   689  O OD1 . ASN A 1 91  ? 1.649   1.126   -18.821 1.00 47.66 ? 91  ASN A OD1 1 
ATOM   690  N ND2 . ASN A 1 91  ? -0.388  0.236   -18.456 1.00 46.72 ? 91  ASN A ND2 1 
ATOM   691  N N   . ARG A 1 92  ? 3.724   -0.753  -16.207 1.00 43.59 ? 92  ARG A N   1 
ATOM   692  C CA  . ARG A 1 92  ? 4.906   -1.334  -16.854 1.00 44.08 ? 92  ARG A CA  1 
ATOM   693  C C   . ARG A 1 92  ? 5.165   -2.798  -16.518 1.00 40.88 ? 92  ARG A C   1 
ATOM   694  O O   . ARG A 1 92  ? 5.805   -3.519  -17.284 1.00 41.66 ? 92  ARG A O   1 
ATOM   695  C CB  . ARG A 1 92  ? 6.177   -0.520  -16.576 1.00 45.89 ? 92  ARG A CB  1 
ATOM   696  C CG  . ARG A 1 92  ? 7.405   -1.148  -17.235 1.00 50.73 ? 92  ARG A CG  1 
ATOM   697  C CD  . ARG A 1 92  ? 8.427   -0.147  -17.740 1.00 51.26 ? 92  ARG A CD  1 
ATOM   698  N NE  . ARG A 1 92  ? 9.509   -0.840  -18.440 1.00 54.21 ? 92  ARG A NE  1 
ATOM   699  C CZ  . ARG A 1 92  ? 10.787  -0.464  -18.430 1.00 59.71 ? 92  ARG A CZ  1 
ATOM   700  N NH1 . ARG A 1 92  ? 11.164  0.617   -17.756 1.00 66.69 ? 92  ARG A NH1 1 
ATOM   701  N NH2 . ARG A 1 92  ? 11.701  -1.182  -19.076 1.00 62.21 ? 92  ARG A NH2 1 
ATOM   702  N N   . ILE A 1 93  ? 4.681   -3.223  -15.364 1.00 39.25 ? 93  ILE A N   1 
ATOM   703  C CA  . ILE A 1 93  ? 4.863   -4.588  -14.912 1.00 40.37 ? 93  ILE A CA  1 
ATOM   704  C C   . ILE A 1 93  ? 3.723   -5.523  -15.328 1.00 42.71 ? 93  ILE A C   1 
ATOM   705  O O   . ILE A 1 93  ? 3.957   -6.697  -15.635 1.00 43.50 ? 93  ILE A O   1 
ATOM   706  C CB  . ILE A 1 93  ? 5.072   -4.606  -13.378 1.00 37.90 ? 93  ILE A CB  1 
ATOM   707  C CG1 . ILE A 1 93  ? 6.461   -4.056  -13.057 1.00 34.11 ? 93  ILE A CG1 1 
ATOM   708  C CG2 . ILE A 1 93  ? 4.878   -6.006  -12.799 1.00 37.93 ? 93  ILE A CG2 1 
ATOM   709  C CD1 . ILE A 1 93  ? 6.792   -4.069  -11.598 1.00 41.90 ? 93  ILE A CD1 1 
ATOM   710  N N   . HIS A 1 94  ? 2.498   -5.008  -15.349 1.00 41.95 ? 94  HIS A N   1 
ATOM   711  C CA  . HIS A 1 94  ? 1.342   -5.824  -15.704 1.00 45.71 ? 94  HIS A CA  1 
ATOM   712  C C   . HIS A 1 94  ? 0.851   -5.728  -17.154 1.00 50.36 ? 94  HIS A C   1 
ATOM   713  O O   . HIS A 1 94  ? 0.789   -6.741  -17.863 1.00 50.58 ? 94  HIS A O   1 
ATOM   714  C CB  . HIS A 1 94  ? 0.211   -5.567  -14.711 1.00 45.13 ? 94  HIS A CB  1 
ATOM   715  C CG  . HIS A 1 94  ? 0.520   -6.043  -13.325 1.00 45.82 ? 94  HIS A CG  1 
ATOM   716  N ND1 . HIS A 1 94  ? 0.988   -5.206  -12.336 1.00 46.78 ? 94  HIS A ND1 1 
ATOM   717  C CD2 . HIS A 1 94  ? 0.463   -7.278  -12.773 1.00 42.10 ? 94  HIS A CD2 1 
ATOM   718  C CE1 . HIS A 1 94  ? 1.208   -5.905  -11.238 1.00 45.88 ? 94  HIS A CE1 1 
ATOM   719  N NE2 . HIS A 1 94  ? 0.895   -7.164  -11.477 1.00 45.63 ? 94  HIS A NE2 1 
ATOM   720  N N   . THR A 1 95  ? 0.462   -4.528  -17.578 1.00 50.06 ? 95  THR A N   1 
ATOM   721  C CA  . THR A 1 95  ? -0.011  -4.309  -18.938 1.00 49.35 ? 95  THR A CA  1 
ATOM   722  C C   . THR A 1 95  ? 1.143   -4.507  -19.937 1.00 49.26 ? 95  THR A C   1 
ATOM   723  O O   . THR A 1 95  ? 1.055   -5.336  -20.851 1.00 52.83 ? 95  THR A O   1 
ATOM   724  C CB  . THR A 1 95  ? -0.624  -2.901  -19.082 1.00 49.67 ? 95  THR A CB  1 
ATOM   725  O OG1 . THR A 1 95  ? -1.720  -2.761  -18.166 1.00 53.04 ? 95  THR A OG1 1 
ATOM   726  C CG2 . THR A 1 95  ? -1.146  -2.688  -20.491 1.00 53.30 ? 95  THR A CG2 1 
ATOM   727  N N   . LEU A 1 96  ? 2.232   -3.761  -19.758 1.00 46.63 ? 96  LEU A N   1 
ATOM   728  C CA  . LEU A 1 96  ? 3.390   -3.882  -20.641 1.00 45.69 ? 96  LEU A CA  1 
ATOM   729  C C   . LEU A 1 96  ? 4.148   -5.187  -20.441 1.00 47.07 ? 96  LEU A C   1 
ATOM   730  O O   . LEU A 1 96  ? 4.955   -5.573  -21.295 1.00 49.20 ? 96  LEU A O   1 
ATOM   731  C CB  . LEU A 1 96  ? 4.349   -2.711  -20.441 1.00 45.32 ? 96  LEU A CB  1 
ATOM   732  C CG  . LEU A 1 96  ? 4.186   -1.518  -21.381 1.00 45.81 ? 96  LEU A CG  1 
ATOM   733  C CD1 . LEU A 1 96  ? 2.723   -1.102  -21.475 1.00 48.59 ? 96  LEU A CD1 1 
ATOM   734  C CD2 . LEU A 1 96  ? 5.050   -0.372  -20.884 1.00 47.27 ? 96  LEU A CD2 1 
ATOM   735  N N   . ARG A 1 97  ? 3.895   -5.852  -19.313 1.00 43.76 ? 97  ARG A N   1 
ATOM   736  C CA  . ARG A 1 97  ? 4.553   -7.116  -18.974 1.00 44.18 ? 97  ARG A CA  1 
ATOM   737  C C   . ARG A 1 97  ? 6.083   -7.042  -19.145 1.00 47.02 ? 97  ARG A C   1 
ATOM   738  O O   . ARG A 1 97  ? 6.734   -8.022  -19.536 1.00 46.13 ? 97  ARG A O   1 
ATOM   739  C CB  . ARG A 1 97  ? 3.962   -8.266  -19.804 1.00 44.10 ? 97  ARG A CB  1 
ATOM   740  N N   . LYS A 1 98  ? 6.651   -5.878  -18.816 1.00 45.06 ? 98  LYS A N   1 
ATOM   741  C CA  . LYS A 1 98  ? 8.090   -5.641  -18.923 1.00 43.34 ? 98  LYS A CA  1 
ATOM   742  C C   . LYS A 1 98  ? 8.719   -5.224  -17.576 1.00 43.37 ? 98  LYS A C   1 
ATOM   743  O O   . LYS A 1 98  ? 9.106   -4.062  -17.394 1.00 45.44 ? 98  LYS A O   1 
ATOM   744  C CB  . LYS A 1 98  ? 8.361   -4.573  -19.997 1.00 43.64 ? 98  LYS A CB  1 
ATOM   745  N N   . PRO A 1 99  ? 8.853   -6.174  -16.626 1.00 38.21 ? 99  PRO A N   1 
ATOM   746  C CA  . PRO A 1 99  ? 9.422   -5.969  -15.285 1.00 37.19 ? 99  PRO A CA  1 
ATOM   747  C C   . PRO A 1 99  ? 10.876  -5.479  -15.260 1.00 39.83 ? 99  PRO A C   1 
ATOM   748  O O   . PRO A 1 99  ? 11.698  -5.893  -16.084 1.00 43.60 ? 99  PRO A O   1 
ATOM   749  C CB  . PRO A 1 99  ? 9.326   -7.363  -14.661 1.00 34.14 ? 99  PRO A CB  1 
ATOM   750  C CG  . PRO A 1 99  ? 8.147   -7.954  -15.327 1.00 33.96 ? 99  PRO A CG  1 
ATOM   751  C CD  . PRO A 1 99  ? 8.374   -7.562  -16.758 1.00 37.96 ? 99  PRO A CD  1 
ATOM   752  N N   . PRO A 1 100 ? 11.194  -4.543  -14.345 1.00 37.85 ? 100 PRO A N   1 
ATOM   753  C CA  . PRO A 1 100 ? 12.576  -4.061  -14.282 1.00 36.66 ? 100 PRO A CA  1 
ATOM   754  C C   . PRO A 1 100 ? 13.486  -5.194  -13.812 1.00 37.67 ? 100 PRO A C   1 
ATOM   755  O O   . PRO A 1 100 ? 13.345  -5.693  -12.704 1.00 37.14 ? 100 PRO A O   1 
ATOM   756  C CB  . PRO A 1 100 ? 12.497  -2.918  -13.257 1.00 35.39 ? 100 PRO A CB  1 
ATOM   757  C CG  . PRO A 1 100 ? 11.346  -3.308  -12.387 1.00 29.89 ? 100 PRO A CG  1 
ATOM   758  C CD  . PRO A 1 100 ? 10.340  -3.812  -13.392 1.00 33.23 ? 100 PRO A CD  1 
ATOM   759  N N   . LYS A 1 101 ? 14.417  -5.593  -14.672 1.00 38.27 ? 101 LYS A N   1 
ATOM   760  C CA  . LYS A 1 101 ? 15.351  -6.674  -14.366 1.00 41.09 ? 101 LYS A CA  1 
ATOM   761  C C   . LYS A 1 101 ? 16.380  -6.353  -13.291 1.00 36.82 ? 101 LYS A C   1 
ATOM   762  O O   . LYS A 1 101 ? 16.984  -7.259  -12.708 1.00 32.73 ? 101 LYS A O   1 
ATOM   763  C CB  . LYS A 1 101 ? 16.061  -7.128  -15.649 1.00 47.52 ? 101 LYS A CB  1 
ATOM   764  C CG  . LYS A 1 101 ? 15.383  -8.315  -16.334 1.00 59.30 ? 101 LYS A CG  1 
ATOM   765  C CD  . LYS A 1 101 ? 15.477  -8.243  -17.862 1.00 62.76 ? 101 LYS A CD  1 
ATOM   766  C CE  . LYS A 1 101 ? 14.411  -7.304  -18.426 1.00 66.34 ? 101 LYS A CE  1 
ATOM   767  N NZ  . LYS A 1 101 ? 14.394  -7.313  -19.914 1.00 63.47 ? 101 LYS A NZ  1 
ATOM   768  N N   . ASP A 1 102 ? 16.574  -5.067  -13.019 1.00 32.34 ? 102 ASP A N   1 
ATOM   769  C CA  . ASP A 1 102 ? 17.548  -4.643  -12.025 1.00 33.44 ? 102 ASP A CA  1 
ATOM   770  C C   . ASP A 1 102 ? 17.328  -3.204  -11.567 1.00 32.05 ? 102 ASP A C   1 
ATOM   771  O O   . ASP A 1 102 ? 16.425  -2.522  -12.050 1.00 31.39 ? 102 ASP A O   1 
ATOM   772  C CB  . ASP A 1 102 ? 18.960  -4.796  -12.592 1.00 35.68 ? 102 ASP A CB  1 
ATOM   773  C CG  . ASP A 1 102 ? 19.214  -3.909  -13.805 1.00 39.44 ? 102 ASP A CG  1 
ATOM   774  O OD1 . ASP A 1 102 ? 18.244  -3.445  -14.444 1.00 43.48 ? 102 ASP A OD1 1 
ATOM   775  O OD2 . ASP A 1 102 ? 20.396  -3.672  -14.117 1.00 44.74 ? 102 ASP A OD2 1 
ATOM   776  N N   . GLU A 1 103 ? 18.189  -2.752  -10.651 1.00 32.29 ? 103 GLU A N   1 
ATOM   777  C CA  . GLU A 1 103 ? 18.122  -1.403  -10.087 1.00 36.08 ? 103 GLU A CA  1 
ATOM   778  C C   . GLU A 1 103 ? 18.233  -0.314  -11.147 1.00 38.94 ? 103 GLU A C   1 
ATOM   779  O O   . GLU A 1 103 ? 17.484  0.656   -11.124 1.00 39.22 ? 103 GLU A O   1 
ATOM   780  C CB  . GLU A 1 103 ? 19.228  -1.195  -9.050  1.00 40.52 ? 103 GLU A CB  1 
ATOM   781  C CG  . GLU A 1 103 ? 19.251  -2.223  -7.931  1.00 50.72 ? 103 GLU A CG  1 
ATOM   782  C CD  . GLU A 1 103 ? 18.852  -1.650  -6.588  1.00 54.74 ? 103 GLU A CD  1 
ATOM   783  O OE1 . GLU A 1 103 ? 19.105  -0.454  -6.337  1.00 54.77 ? 103 GLU A OE1 1 
ATOM   784  O OE2 . GLU A 1 103 ? 18.301  -2.409  -5.767  1.00 62.14 ? 103 GLU A OE2 1 
ATOM   785  N N   . GLN A 1 104 ? 19.188  -0.461  -12.064 1.00 41.63 ? 104 GLN A N   1 
ATOM   786  C CA  . GLN A 1 104 ? 19.355  0.540   -13.111 1.00 41.73 ? 104 GLN A CA  1 
ATOM   787  C C   . GLN A 1 104 ? 18.100  0.645   -13.975 1.00 38.05 ? 104 GLN A C   1 
ATOM   788  O O   . GLN A 1 104 ? 17.698  1.743   -14.352 1.00 37.49 ? 104 GLN A O   1 
ATOM   789  C CB  . GLN A 1 104 ? 20.604  0.248   -13.954 1.00 46.29 ? 104 GLN A CB  1 
ATOM   790  C CG  . GLN A 1 104 ? 20.820  1.197   -15.137 1.00 56.02 ? 104 GLN A CG  1 
ATOM   791  C CD  . GLN A 1 104 ? 20.037  0.785   -16.391 1.00 62.23 ? 104 GLN A CD  1 
ATOM   792  O OE1 . GLN A 1 104 ? 20.119  -0.364  -16.838 1.00 63.16 ? 104 GLN A OE1 1 
ATOM   793  N NE2 . GLN A 1 104 ? 19.286  1.725   -16.965 1.00 67.02 ? 104 GLN A NE2 1 
ATOM   794  N N   . GLU A 1 105 ? 17.475  -0.490  -14.284 1.00 36.75 ? 105 GLU A N   1 
ATOM   795  C CA  . GLU A 1 105 ? 16.265  -0.470  -15.101 1.00 36.62 ? 105 GLU A CA  1 
ATOM   796  C C   . GLU A 1 105 ? 15.115  0.185   -14.331 1.00 34.59 ? 105 GLU A C   1 
ATOM   797  O O   . GLU A 1 105 ? 14.306  0.914   -14.903 1.00 33.27 ? 105 GLU A O   1 
ATOM   798  C CB  . GLU A 1 105 ? 15.884  -1.881  -15.553 1.00 38.54 ? 105 GLU A CB  1 
ATOM   799  C CG  . GLU A 1 105 ? 15.042  -1.905  -16.823 1.00 45.14 ? 105 GLU A CG  1 
ATOM   800  C CD  . GLU A 1 105 ? 14.730  -3.309  -17.298 1.00 49.13 ? 105 GLU A CD  1 
ATOM   801  O OE1 . GLU A 1 105 ? 15.636  -4.170  -17.246 1.00 49.95 ? 105 GLU A OE1 1 
ATOM   802  O OE2 . GLU A 1 105 ? 13.576  -3.544  -17.725 1.00 52.04 ? 105 GLU A OE2 1 
ATOM   803  N N   . LEU A 1 106 ? 15.021  -0.125  -13.040 1.00 32.33 ? 106 LEU A N   1 
ATOM   804  C CA  . LEU A 1 106 ? 13.996  0.452   -12.173 1.00 29.40 ? 106 LEU A CA  1 
ATOM   805  C C   . LEU A 1 106 ? 14.156  1.983   -12.174 1.00 26.96 ? 106 LEU A C   1 
ATOM   806  O O   . LEU A 1 106 ? 13.186  2.726   -12.350 1.00 24.74 ? 106 LEU A O   1 
ATOM   807  C CB  . LEU A 1 106 ? 14.160  -0.121  -10.763 1.00 26.81 ? 106 LEU A CB  1 
ATOM   808  C CG  . LEU A 1 106 ? 13.229  0.273   -9.620  1.00 22.62 ? 106 LEU A CG  1 
ATOM   809  C CD1 . LEU A 1 106 ? 11.787  -0.065  -9.940  1.00 19.21 ? 106 LEU A CD1 1 
ATOM   810  C CD2 . LEU A 1 106 ? 13.679  -0.471  -8.383  1.00 22.27 ? 106 LEU A CD2 1 
ATOM   811  N N   . ARG A 1 107 ? 15.393  2.435   -11.984 1.00 26.48 ? 107 ARG A N   1 
ATOM   812  C CA  . ARG A 1 107 ? 15.746  3.848   -11.991 1.00 29.35 ? 107 ARG A CA  1 
ATOM   813  C C   . ARG A 1 107 ? 15.304  4.507   -13.300 1.00 33.02 ? 107 ARG A C   1 
ATOM   814  O O   . ARG A 1 107 ? 14.753  5.614   -13.306 1.00 33.76 ? 107 ARG A O   1 
ATOM   815  C CB  . ARG A 1 107 ? 17.262  3.970   -11.835 1.00 24.77 ? 107 ARG A CB  1 
ATOM   816  C CG  . ARG A 1 107 ? 17.840  5.358   -12.030 1.00 29.08 ? 107 ARG A CG  1 
ATOM   817  C CD  . ARG A 1 107 ? 19.324  5.326   -11.692 1.00 32.34 ? 107 ARG A CD  1 
ATOM   818  N NE  . ARG A 1 107 ? 19.992  6.616   -11.843 1.00 36.89 ? 107 ARG A NE  1 
ATOM   819  C CZ  . ARG A 1 107 ? 20.473  7.082   -12.992 1.00 39.43 ? 107 ARG A CZ  1 
ATOM   820  N NH1 . ARG A 1 107 ? 20.350  6.379   -14.107 1.00 40.44 ? 107 ARG A NH1 1 
ATOM   821  N NH2 . ARG A 1 107 ? 21.157  8.212   -13.004 1.00 39.36 ? 107 ARG A NH2 1 
ATOM   822  N N   . GLN A 1 108 ? 15.566  3.820   -14.405 1.00 36.66 ? 108 GLN A N   1 
ATOM   823  C CA  . GLN A 1 108 ? 15.202  4.304   -15.729 1.00 33.86 ? 108 GLN A CA  1 
ATOM   824  C C   . GLN A 1 108 ? 13.703  4.590   -15.835 1.00 32.77 ? 108 GLN A C   1 
ATOM   825  O O   . GLN A 1 108 ? 13.303  5.549   -16.487 1.00 39.00 ? 108 GLN A O   1 
ATOM   826  C CB  . GLN A 1 108 ? 15.623  3.284   -16.796 1.00 38.55 ? 108 GLN A CB  1 
ATOM   827  C CG  . GLN A 1 108 ? 15.664  3.836   -18.210 1.00 36.85 ? 108 GLN A CG  1 
ATOM   828  C CD  . GLN A 1 108 ? 16.552  5.065   -18.327 1.00 41.69 ? 108 GLN A CD  1 
ATOM   829  O OE1 . GLN A 1 108 ? 17.740  5.031   -18.000 1.00 45.75 ? 108 GLN A OE1 1 
ATOM   830  N NE2 . GLN A 1 108 ? 15.979  6.160   -18.795 1.00 36.34 ? 108 GLN A NE2 1 
ATOM   831  N N   . ILE A 1 109 ? 12.876  3.757   -15.212 1.00 27.44 ? 109 ILE A N   1 
ATOM   832  C CA  . ILE A 1 109 ? 11.429  3.952   -15.256 1.00 27.06 ? 109 ILE A CA  1 
ATOM   833  C C   . ILE A 1 109 ? 11.056  5.351   -14.763 1.00 28.87 ? 109 ILE A C   1 
ATOM   834  O O   . ILE A 1 109 ? 10.123  5.977   -15.268 1.00 29.15 ? 109 ILE A O   1 
ATOM   835  C CB  . ILE A 1 109 ? 10.692  2.880   -14.416 1.00 27.58 ? 109 ILE A CB  1 
ATOM   836  C CG1 . ILE A 1 109 ? 11.103  1.481   -14.890 1.00 25.21 ? 109 ILE A CG1 1 
ATOM   837  C CG2 . ILE A 1 109 ? 9.178   3.071   -14.513 1.00 27.23 ? 109 ILE A CG2 1 
ATOM   838  C CD1 . ILE A 1 109 ? 10.316  0.341   -14.288 1.00 22.04 ? 109 ILE A CD1 1 
ATOM   839  N N   . PHE A 1 110 ? 11.764  5.815   -13.736 1.00 29.78 ? 110 PHE A N   1 
ATOM   840  C CA  . PHE A 1 110 ? 11.522  7.138   -13.184 1.00 27.41 ? 110 PHE A CA  1 
ATOM   841  C C   . PHE A 1 110 ? 12.059  8.199   -14.127 1.00 29.57 ? 110 PHE A C   1 
ATOM   842  O O   . PHE A 1 110 ? 11.374  9.180   -14.413 1.00 26.44 ? 110 PHE A O   1 
ATOM   843  C CB  . PHE A 1 110 ? 12.196  7.281   -11.825 1.00 20.81 ? 110 PHE A CB  1 
ATOM   844  C CG  . PHE A 1 110 ? 11.539  6.483   -10.744 1.00 27.11 ? 110 PHE A CG  1 
ATOM   845  C CD1 . PHE A 1 110 ? 11.695  5.100   -10.686 1.00 25.98 ? 110 PHE A CD1 1 
ATOM   846  C CD2 . PHE A 1 110 ? 10.774  7.119   -9.767  1.00 27.42 ? 110 PHE A CD2 1 
ATOM   847  C CE1 . PHE A 1 110 ? 11.096  4.359   -9.669  1.00 28.54 ? 110 PHE A CE1 1 
ATOM   848  C CE2 . PHE A 1 110 ? 10.170  6.391   -8.745  1.00 28.22 ? 110 PHE A CE2 1 
ATOM   849  C CZ  . PHE A 1 110 ? 10.333  5.004   -8.695  1.00 25.72 ? 110 PHE A CZ  1 
ATOM   850  N N   . LEU A 1 111 ? 13.293  8.000   -14.585 1.00 29.93 ? 111 LEU A N   1 
ATOM   851  C CA  . LEU A 1 111 ? 13.943  8.938   -15.493 1.00 29.26 ? 111 LEU A CA  1 
ATOM   852  C C   . LEU A 1 111 ? 13.153  9.136   -16.769 1.00 28.65 ? 111 LEU A C   1 
ATOM   853  O O   . LEU A 1 111 ? 13.167  10.207  -17.347 1.00 34.08 ? 111 LEU A O   1 
ATOM   854  C CB  . LEU A 1 111 ? 15.365  8.491   -15.836 1.00 27.19 ? 111 LEU A CB  1 
ATOM   855  C CG  . LEU A 1 111 ? 16.374  8.424   -14.690 1.00 33.50 ? 111 LEU A CG  1 
ATOM   856  C CD1 . LEU A 1 111 ? 17.776  8.289   -15.265 1.00 30.45 ? 111 LEU A CD1 1 
ATOM   857  C CD2 . LEU A 1 111 ? 16.276  9.664   -13.817 1.00 32.85 ? 111 LEU A CD2 1 
ATOM   858  N N   . ASP A 1 112 ? 12.436  8.106   -17.201 1.00 27.74 ? 112 ASP A N   1 
ATOM   859  C CA  . ASP A 1 112 ? 11.652  8.225   -18.421 1.00 30.94 ? 112 ASP A CA  1 
ATOM   860  C C   . ASP A 1 112 ? 10.390  9.030   -18.194 1.00 32.51 ? 112 ASP A C   1 
ATOM   861  O O   . ASP A 1 112 ? 9.695   9.386   -19.146 1.00 34.67 ? 112 ASP A O   1 
ATOM   862  C CB  . ASP A 1 112 ? 11.296  6.842   -18.975 1.00 33.78 ? 112 ASP A CB  1 
ATOM   863  C CG  . ASP A 1 112 ? 12.492  6.126   -19.600 1.00 33.96 ? 112 ASP A CG  1 
ATOM   864  O OD1 . ASP A 1 112 ? 13.441  6.799   -20.065 1.00 32.78 ? 112 ASP A OD1 1 
ATOM   865  O OD2 . ASP A 1 112 ? 12.479  4.881   -19.631 1.00 38.21 ? 112 ASP A OD2 1 
ATOM   866  N N   . GLU A 1 113 ? 10.081  9.319   -16.939 1.00 32.28 ? 113 GLU A N   1 
ATOM   867  C CA  . GLU A 1 113 ? 8.872   10.063  -16.631 1.00 32.87 ? 113 GLU A CA  1 
ATOM   868  C C   . GLU A 1 113 ? 9.124   11.523  -16.293 1.00 29.43 ? 113 GLU A C   1 
ATOM   869  O O   . GLU A 1 113 ? 8.205   12.251  -15.917 1.00 31.64 ? 113 GLU A O   1 
ATOM   870  C CB  . GLU A 1 113 ? 8.107   9.368   -15.508 1.00 35.80 ? 113 GLU A CB  1 
ATOM   871  C CG  . GLU A 1 113 ? 7.720   7.941   -15.851 1.00 36.73 ? 113 GLU A CG  1 
ATOM   872  C CD  . GLU A 1 113 ? 6.877   7.849   -17.104 1.00 37.95 ? 113 GLU A CD  1 
ATOM   873  O OE1 . GLU A 1 113 ? 6.058   8.757   -17.340 1.00 34.86 ? 113 GLU A OE1 1 
ATOM   874  O OE2 . GLU A 1 113 ? 7.025   6.863   -17.851 1.00 41.78 ? 113 GLU A OE2 1 
ATOM   875  N N   . GLY A 1 114 ? 10.368  11.947  -16.446 1.00 28.55 ? 114 GLY A N   1 
ATOM   876  C CA  . GLY A 1 114 ? 10.712  13.325  -16.164 1.00 30.18 ? 114 GLY A CA  1 
ATOM   877  C C   . GLY A 1 114 ? 11.285  13.604  -14.791 1.00 35.66 ? 114 GLY A C   1 
ATOM   878  O O   . GLY A 1 114 ? 11.607  14.751  -14.490 1.00 40.85 ? 114 GLY A O   1 
ATOM   879  N N   . ILE A 1 115 ? 11.300  12.600  -13.912 1.00 36.41 ? 115 ILE A N   1 
ATOM   880  C CA  . ILE A 1 115 ? 11.868  12.794  -12.580 1.00 40.12 ? 115 ILE A CA  1 
ATOM   881  C C   . ILE A 1 115 ? 13.394  12.950  -12.709 1.00 42.65 ? 115 ILE A C   1 
ATOM   882  O O   . ILE A 1 115 ? 14.078  12.039  -13.196 1.00 43.00 ? 115 ILE A O   1 
ATOM   883  C CB  . ILE A 1 115 ? 11.512  11.607  -11.619 1.00 41.90 ? 115 ILE A CB  1 
ATOM   884  C CG1 . ILE A 1 115 ? 10.111  11.792  -11.020 1.00 38.84 ? 115 ILE A CG1 1 
ATOM   885  C CG2 . ILE A 1 115 ? 12.505  11.521  -10.463 1.00 43.70 ? 115 ILE A CG2 1 
ATOM   886  C CD1 . ILE A 1 115 ? 8.961   11.557  -11.978 1.00 41.89 ? 115 ILE A CD1 1 
ATOM   887  N N   . ASP A 1 116 ? 13.920  14.070  -12.213 1.00 43.66 ? 116 ASP A N   1 
ATOM   888  C CA  . ASP A 1 116 ? 15.352  14.356  -12.279 1.00 46.21 ? 116 ASP A CA  1 
ATOM   889  C C   . ASP A 1 116 ? 16.203  13.269  -11.615 1.00 46.35 ? 116 ASP A C   1 
ATOM   890  O O   . ASP A 1 116 ? 15.934  12.848  -10.488 1.00 44.80 ? 116 ASP A O   1 
ATOM   891  C CB  . ASP A 1 116 ? 15.648  15.717  -11.636 1.00 52.04 ? 116 ASP A CB  1 
ATOM   892  C CG  . ASP A 1 116 ? 17.142  16.034  -11.589 1.00 54.52 ? 116 ASP A CG  1 
ATOM   893  O OD1 . ASP A 1 116 ? 17.718  16.343  -12.656 1.00 61.03 ? 116 ASP A OD1 1 
ATOM   894  O OD2 . ASP A 1 116 ? 17.738  15.967  -10.489 1.00 50.12 ? 116 ASP A OD2 1 
ATOM   895  N N   . ALA A 1 117 ? 17.275  12.871  -12.295 1.00 43.95 ? 117 ALA A N   1 
ATOM   896  C CA  . ALA A 1 117 ? 18.183  11.837  -11.804 1.00 45.53 ? 117 ALA A CA  1 
ATOM   897  C C   . ALA A 1 117 ? 18.816  12.154  -10.449 1.00 46.24 ? 117 ALA A C   1 
ATOM   898  O O   . ALA A 1 117 ? 18.957  11.269  -9.604  1.00 45.43 ? 117 ALA A O   1 
ATOM   899  C CB  . ALA A 1 117 ? 19.274  11.574  -12.832 1.00 41.64 ? 117 ALA A CB  1 
ATOM   900  N N   . ALA A 1 118 ? 19.280  13.390  -10.279 1.00 43.32 ? 118 ALA A N   1 
ATOM   901  C CA  . ALA A 1 118 ? 19.906  13.790  -9.028  1.00 40.60 ? 118 ALA A CA  1 
ATOM   902  C C   . ALA A 1 118 ? 18.912  13.708  -7.866  1.00 41.82 ? 118 ALA A C   1 
ATOM   903  O O   . ALA A 1 118 ? 19.303  13.379  -6.750  1.00 41.78 ? 118 ALA A O   1 
ATOM   904  C CB  . ALA A 1 118 ? 20.482  15.199  -9.147  1.00 41.44 ? 118 ALA A CB  1 
ATOM   905  N N   . LYS A 1 119 ? 17.649  14.053  -8.131  1.00 43.23 ? 119 LYS A N   1 
ATOM   906  C CA  . LYS A 1 119 ? 16.576  14.008  -7.123  1.00 41.53 ? 119 LYS A CA  1 
ATOM   907  C C   . LYS A 1 119 ? 16.264  12.562  -6.728  1.00 39.64 ? 119 LYS A C   1 
ATOM   908  O O   . LYS A 1 119 ? 16.055  12.258  -5.556  1.00 42.19 ? 119 LYS A O   1 
ATOM   909  C CB  . LYS A 1 119 ? 15.292  14.665  -7.655  1.00 43.30 ? 119 LYS A CB  1 
ATOM   910  C CG  . LYS A 1 119 ? 15.415  16.144  -7.993  1.00 53.48 ? 119 LYS A CG  1 
ATOM   911  C CD  . LYS A 1 119 ? 15.608  16.999  -6.745  1.00 61.07 ? 119 LYS A CD  1 
ATOM   912  C CE  . LYS A 1 119 ? 15.918  18.462  -7.095  1.00 66.45 ? 119 LYS A CE  1 
ATOM   913  N NZ  . LYS A 1 119 ? 17.269  18.640  -7.734  1.00 73.31 ? 119 LYS A NZ  1 
ATOM   914  N N   . PHE A 1 120 ? 16.178  11.688  -7.728  1.00 36.54 ? 120 PHE A N   1 
ATOM   915  C CA  . PHE A 1 120 ? 15.901  10.277  -7.502  1.00 31.74 ? 120 PHE A CA  1 
ATOM   916  C C   . PHE A 1 120 ? 17.036  9.611   -6.728  1.00 34.31 ? 120 PHE A C   1 
ATOM   917  O O   . PHE A 1 120 ? 16.789  8.917   -5.748  1.00 37.83 ? 120 PHE A O   1 
ATOM   918  C CB  . PHE A 1 120 ? 15.695  9.553   -8.841  1.00 27.56 ? 120 PHE A CB  1 
ATOM   919  C CG  . PHE A 1 120 ? 15.561  8.055   -8.717  1.00 20.27 ? 120 PHE A CG  1 
ATOM   920  C CD1 . PHE A 1 120 ? 16.684  7.235   -8.769  1.00 18.91 ? 120 PHE A CD1 1 
ATOM   921  C CD2 . PHE A 1 120 ? 14.315  7.468   -8.537  1.00 17.75 ? 120 PHE A CD2 1 
ATOM   922  C CE1 . PHE A 1 120 ? 16.565  5.863   -8.643  1.00 13.96 ? 120 PHE A CE1 1 
ATOM   923  C CE2 . PHE A 1 120 ? 14.187  6.093   -8.411  1.00 10.36 ? 120 PHE A CE2 1 
ATOM   924  C CZ  . PHE A 1 120 ? 15.312  5.290   -8.462  1.00 12.10 ? 120 PHE A CZ  1 
ATOM   925  N N   . ASP A 1 121 ? 18.266  9.797   -7.194  1.00 34.07 ? 121 ASP A N   1 
ATOM   926  C CA  . ASP A 1 121 ? 19.434  9.190   -6.557  1.00 33.42 ? 121 ASP A CA  1 
ATOM   927  C C   . ASP A 1 121 ? 19.631  9.580   -5.102  1.00 32.60 ? 121 ASP A C   1 
ATOM   928  O O   . ASP A 1 121 ? 20.142  8.797   -4.311  1.00 31.20 ? 121 ASP A O   1 
ATOM   929  C CB  . ASP A 1 121 ? 20.692  9.515   -7.355  1.00 32.63 ? 121 ASP A CB  1 
ATOM   930  C CG  . ASP A 1 121 ? 20.708  8.850   -8.708  1.00 35.47 ? 121 ASP A CG  1 
ATOM   931  O OD1 . ASP A 1 121 ? 19.677  8.273   -9.118  1.00 36.56 ? 121 ASP A OD1 1 
ATOM   932  O OD2 . ASP A 1 121 ? 21.763  8.906   -9.371  1.00 37.26 ? 121 ASP A OD2 1 
ATOM   933  N N   . ALA A 1 122 ? 19.276  10.817  -4.772  1.00 30.30 ? 122 ALA A N   1 
ATOM   934  C CA  . ALA A 1 122 ? 19.409  11.324  -3.412  1.00 31.88 ? 122 ALA A CA  1 
ATOM   935  C C   . ALA A 1 122 ? 18.415  10.637  -2.490  1.00 31.61 ? 122 ALA A C   1 
ATOM   936  O O   . ALA A 1 122 ? 18.796  10.165  -1.422  1.00 32.88 ? 122 ALA A O   1 
ATOM   937  C CB  . ALA A 1 122 ? 19.195  12.833  -3.390  1.00 28.06 ? 122 ALA A CB  1 
ATOM   938  N N   . ALA A 1 123 ? 17.149  10.608  -2.907  1.00 31.22 ? 123 ALA A N   1 
ATOM   939  C CA  . ALA A 1 123 ? 16.060  9.989   -2.150  1.00 32.09 ? 123 ALA A CA  1 
ATOM   940  C C   . ALA A 1 123 ? 16.128  8.460   -2.124  1.00 31.75 ? 123 ALA A C   1 
ATOM   941  O O   . ALA A 1 123 ? 15.995  7.858   -1.073  1.00 31.98 ? 123 ALA A O   1 
ATOM   942  C CB  . ALA A 1 123 ? 14.710  10.432  -2.711  1.00 31.13 ? 123 ALA A CB  1 
ATOM   943  N N   . TYR A 1 124 ? 16.293  7.835   -3.288  1.00 28.65 ? 124 TYR A N   1 
ATOM   944  C CA  . TYR A 1 124 ? 16.358  6.378   -3.368  1.00 27.88 ? 124 TYR A CA  1 
ATOM   945  C C   . TYR A 1 124 ? 17.367  5.777   -2.393  1.00 26.21 ? 124 TYR A C   1 
ATOM   946  O O   . TYR A 1 124 ? 17.110  4.725   -1.814  1.00 27.60 ? 124 TYR A O   1 
ATOM   947  C CB  . TYR A 1 124 ? 16.688  5.923   -4.799  1.00 22.03 ? 124 TYR A CB  1 
ATOM   948  C CG  . TYR A 1 124 ? 16.607  4.414   -5.011  1.00 25.81 ? 124 TYR A CG  1 
ATOM   949  C CD1 . TYR A 1 124 ? 15.382  3.781   -5.237  1.00 21.67 ? 124 TYR A CD1 1 
ATOM   950  C CD2 . TYR A 1 124 ? 17.754  3.621   -4.972  1.00 21.34 ? 124 TYR A CD2 1 
ATOM   951  C CE1 . TYR A 1 124 ? 15.304  2.398   -5.420  1.00 19.54 ? 124 TYR A CE1 1 
ATOM   952  C CE2 . TYR A 1 124 ? 17.684  2.241   -5.149  1.00 22.85 ? 124 TYR A CE2 1 
ATOM   953  C CZ  . TYR A 1 124 ? 16.458  1.637   -5.369  1.00 24.01 ? 124 TYR A CZ  1 
ATOM   954  O OH  . TYR A 1 124 ? 16.389  0.264   -5.490  1.00 25.78 ? 124 TYR A OH  1 
ATOM   955  N N   . ASN A 1 125 ? 18.518  6.420   -2.251  1.00 27.51 ? 125 ASN A N   1 
ATOM   956  C CA  . ASN A 1 125 ? 19.568  5.939   -1.355  1.00 28.26 ? 125 ASN A CA  1 
ATOM   957  C C   . ASN A 1 125 ? 19.599  6.703   -0.024  1.00 31.59 ? 125 ASN A C   1 
ATOM   958  O O   . ASN A 1 125 ? 20.562  6.584   0.743   1.00 33.02 ? 125 ASN A O   1 
ATOM   959  C CB  . ASN A 1 125 ? 20.930  6.070   -2.044  1.00 28.02 ? 125 ASN A CB  1 
ATOM   960  C CG  . ASN A 1 125 ? 20.923  5.532   -3.455  1.00 30.67 ? 125 ASN A CG  1 
ATOM   961  O OD1 . ASN A 1 125 ? 20.975  4.330   -3.666  1.00 33.95 ? 125 ASN A OD1 1 
ATOM   962  N ND2 . ASN A 1 125 ? 20.874  6.425   -4.430  1.00 31.24 ? 125 ASN A ND2 1 
ATOM   963  N N   . GLY A 1 126 ? 18.578  7.526   0.216   1.00 27.90 ? 126 GLY A N   1 
ATOM   964  C CA  . GLY A 1 126 ? 18.497  8.323   1.432   1.00 26.13 ? 126 GLY A CA  1 
ATOM   965  C C   . GLY A 1 126 ? 17.997  7.649   2.696   1.00 24.38 ? 126 GLY A C   1 
ATOM   966  O O   . GLY A 1 126 ? 17.561  6.498   2.687   1.00 21.32 ? 126 GLY A O   1 
ATOM   967  N N   . PHE A 1 127 ? 18.147  8.349   3.815   1.00 22.10 ? 127 PHE A N   1 
ATOM   968  C CA  . PHE A 1 127 ? 17.726  7.858   5.121   1.00 20.24 ? 127 PHE A CA  1 
ATOM   969  C C   . PHE A 1 127 ? 16.203  7.760   5.266   1.00 17.19 ? 127 PHE A C   1 
ATOM   970  O O   . PHE A 1 127 ? 15.698  6.829   5.893   1.00 15.48 ? 127 PHE A O   1 
ATOM   971  C CB  . PHE A 1 127 ? 18.323  8.763   6.202   1.00 21.94 ? 127 PHE A CB  1 
ATOM   972  C CG  . PHE A 1 127 ? 17.958  8.373   7.615   1.00 25.94 ? 127 PHE A CG  1 
ATOM   973  C CD1 . PHE A 1 127 ? 18.571  7.287   8.241   1.00 23.30 ? 127 PHE A CD1 1 
ATOM   974  C CD2 . PHE A 1 127 ? 17.038  9.138   8.342   1.00 20.49 ? 127 PHE A CD2 1 
ATOM   975  C CE1 . PHE A 1 127 ? 18.280  6.970   9.573   1.00 27.14 ? 127 PHE A CE1 1 
ATOM   976  C CE2 . PHE A 1 127 ? 16.742  8.828   9.666   1.00 24.15 ? 127 PHE A CE2 1 
ATOM   977  C CZ  . PHE A 1 127 ? 17.364  7.740   10.282  1.00 22.62 ? 127 PHE A CZ  1 
ATOM   978  N N   . ALA A 1 128 ? 15.484  8.737   4.720   1.00 15.63 ? 128 ALA A N   1 
ATOM   979  C CA  . ALA A 1 128 ? 14.023  8.772   4.790   1.00 20.79 ? 128 ALA A CA  1 
ATOM   980  C C   . ALA A 1 128 ? 13.423  7.535   4.160   1.00 20.94 ? 128 ALA A C   1 
ATOM   981  O O   . ALA A 1 128 ? 12.526  6.916   4.731   1.00 22.14 ? 128 ALA A O   1 
ATOM   982  C CB  . ALA A 1 128 ? 13.480  10.020  4.101   1.00 16.58 ? 128 ALA A CB  1 
ATOM   983  N N   . VAL A 1 129 ? 13.868  7.238   2.943   1.00 21.49 ? 129 VAL A N   1 
ATOM   984  C CA  . VAL A 1 129 ? 13.411  6.075   2.199   1.00 19.44 ? 129 VAL A CA  1 
ATOM   985  C C   . VAL A 1 129 ? 13.774  4.793   2.949   1.00 20.04 ? 129 VAL A C   1 
ATOM   986  O O   . VAL A 1 129 ? 12.947  3.886   3.064   1.00 19.56 ? 129 VAL A O   1 
ATOM   987  C CB  . VAL A 1 129 ? 13.991  6.084   0.759   1.00 18.84 ? 129 VAL A CB  1 
ATOM   988  C CG1 . VAL A 1 129 ? 13.971  4.675   0.130   1.00 14.66 ? 129 VAL A CG1 1 
ATOM   989  C CG2 . VAL A 1 129 ? 13.196  7.067   -0.102  1.00 10.04 ? 129 VAL A CG2 1 
ATOM   990  N N   . ASP A 1 130 ? 14.983  4.743   3.499   1.00 18.13 ? 130 ASP A N   1 
ATOM   991  C CA  . ASP A 1 130 ? 15.424  3.573   4.243   1.00 18.85 ? 130 ASP A CA  1 
ATOM   992  C C   . ASP A 1 130 ? 14.557  3.354   5.479   1.00 22.17 ? 130 ASP A C   1 
ATOM   993  O O   . ASP A 1 130 ? 14.171  2.221   5.779   1.00 19.85 ? 130 ASP A O   1 
ATOM   994  C CB  . ASP A 1 130 ? 16.890  3.713   4.654   1.00 23.91 ? 130 ASP A CB  1 
ATOM   995  C CG  . ASP A 1 130 ? 17.399  2.500   5.435   1.00 25.20 ? 130 ASP A CG  1 
ATOM   996  O OD1 . ASP A 1 130 ? 17.146  1.361   5.009   1.00 34.92 ? 130 ASP A OD1 1 
ATOM   997  O OD2 . ASP A 1 130 ? 18.062  2.683   6.474   1.00 31.87 ? 130 ASP A OD2 1 
ATOM   998  N N   . SER A 1 131 ? 14.272  4.437   6.200   1.00 15.38 ? 131 SER A N   1 
ATOM   999  C CA  . SER A 1 131 ? 13.451  4.376   7.409   1.00 15.18 ? 131 SER A CA  1 
ATOM   1000 C C   . SER A 1 131 ? 12.040  3.930   7.077   1.00 14.51 ? 131 SER A C   1 
ATOM   1001 O O   . SER A 1 131 ? 11.414  3.213   7.855   1.00 12.83 ? 131 SER A O   1 
ATOM   1002 C CB  . SER A 1 131 ? 13.392  5.748   8.088   1.00 13.26 ? 131 SER A CB  1 
ATOM   1003 O OG  . SER A 1 131 ? 14.691  6.237   8.377   1.00 23.36 ? 131 SER A OG  1 
ATOM   1004 N N   . MET A 1 132 ? 11.530  4.379   5.928   1.00 17.96 ? 132 MET A N   1 
ATOM   1005 C CA  . MET A 1 132 ? 10.187  4.015   5.484   1.00 16.18 ? 132 MET A CA  1 
ATOM   1006 C C   . MET A 1 132 ? 10.042  2.550   5.071   1.00 17.89 ? 132 MET A C   1 
ATOM   1007 O O   . MET A 1 132 ? 9.058   1.908   5.412   1.00 15.68 ? 132 MET A O   1 
ATOM   1008 C CB  . MET A 1 132 ? 9.711   4.939   4.364   1.00 17.60 ? 132 MET A CB  1 
ATOM   1009 C CG  . MET A 1 132 ? 9.403   6.363   4.835   1.00 16.84 ? 132 MET A CG  1 
ATOM   1010 S SD  . MET A 1 132 ? 8.560   7.376   3.591   1.00 17.52 ? 132 MET A SD  1 
ATOM   1011 C CE  . MET A 1 132 ? 9.923   8.067   2.737   1.00 13.42 ? 132 MET A CE  1 
ATOM   1012 N N   . VAL A 1 133 ? 11.004  2.014   4.333   1.00 18.38 ? 133 VAL A N   1 
ATOM   1013 C CA  . VAL A 1 133 ? 10.924  0.616   3.936   1.00 19.14 ? 133 VAL A CA  1 
ATOM   1014 C C   . VAL A 1 133 ? 10.954  -0.293  5.161   1.00 22.26 ? 133 VAL A C   1 
ATOM   1015 O O   . VAL A 1 133 ? 10.209  -1.267  5.234   1.00 27.39 ? 133 VAL A O   1 
ATOM   1016 C CB  . VAL A 1 133 ? 12.063  0.234   2.974   1.00 18.25 ? 133 VAL A CB  1 
ATOM   1017 C CG1 . VAL A 1 133 ? 12.043  -1.260  2.688   1.00 19.66 ? 133 VAL A CG1 1 
ATOM   1018 C CG2 . VAL A 1 133 ? 11.908  1.007   1.681   1.00 18.18 ? 133 VAL A CG2 1 
ATOM   1019 N N   . ARG A 1 134 ? 11.837  0.006   6.103   1.00 20.71 ? 134 ARG A N   1 
ATOM   1020 C CA  . ARG A 1 134 ? 11.946  -0.787  7.323   1.00 23.13 ? 134 ARG A CA  1 
ATOM   1021 C C   . ARG A 1 134 ? 10.600  -0.818  8.030   1.00 22.58 ? 134 ARG A C   1 
ATOM   1022 O O   . ARG A 1 134 ? 10.164  -1.857  8.518   1.00 23.78 ? 134 ARG A O   1 
ATOM   1023 C CB  . ARG A 1 134 ? 13.003  -0.194  8.243   1.00 20.93 ? 134 ARG A CB  1 
ATOM   1024 C CG  . ARG A 1 134 ? 14.390  -0.288  7.682   1.00 21.70 ? 134 ARG A CG  1 
ATOM   1025 C CD  . ARG A 1 134 ? 15.370  0.356   8.619   1.00 25.20 ? 134 ARG A CD  1 
ATOM   1026 N NE  . ARG A 1 134 ? 16.733  0.292   8.105   1.00 37.86 ? 134 ARG A NE  1 
ATOM   1027 C CZ  . ARG A 1 134 ? 17.646  -0.587  8.507   1.00 38.05 ? 134 ARG A CZ  1 
ATOM   1028 N NH1 . ARG A 1 134 ? 17.343  -1.492  9.430   1.00 38.04 ? 134 ARG A NH1 1 
ATOM   1029 N NH2 . ARG A 1 134 ? 18.873  -0.537  8.014   1.00 38.40 ? 134 ARG A NH2 1 
ATOM   1030 N N   . ARG A 1 135 ? 9.967   0.347   8.075   1.00 21.09 ? 135 ARG A N   1 
ATOM   1031 C CA  . ARG A 1 135 ? 8.665   0.524   8.685   1.00 20.80 ? 135 ARG A CA  1 
ATOM   1032 C C   . ARG A 1 135 ? 7.631   -0.332  7.936   1.00 24.06 ? 135 ARG A C   1 
ATOM   1033 O O   . ARG A 1 135 ? 6.773   -0.951  8.565   1.00 23.47 ? 135 ARG A O   1 
ATOM   1034 C CB  . ARG A 1 135 ? 8.292   2.005   8.615   1.00 16.56 ? 135 ARG A CB  1 
ATOM   1035 C CG  . ARG A 1 135 ? 6.985   2.370   9.258   1.00 22.91 ? 135 ARG A CG  1 
ATOM   1036 C CD  . ARG A 1 135 ? 7.133   2.607   10.754  1.00 32.98 ? 135 ARG A CD  1 
ATOM   1037 N NE  . ARG A 1 135 ? 5.827   2.818   11.375  1.00 31.28 ? 135 ARG A NE  1 
ATOM   1038 C CZ  A ARG A 1 135 ? 5.304   1.998   12.283  0.50 27.77 ? 135 ARG A CZ  1 
ATOM   1039 C CZ  B ARG A 1 135 ? 5.148   3.962   11.307  0.50 26.92 ? 135 ARG A CZ  1 
ATOM   1040 N NH1 A ARG A 1 135 ? 5.989   0.940   12.696  0.50 24.63 ? 135 ARG A NH1 1 
ATOM   1041 N NH1 B ARG A 1 135 ? 5.667   5.014   10.688  0.50 20.10 ? 135 ARG A NH1 1 
ATOM   1042 N NH2 A ARG A 1 135 ? 4.108   2.245   12.798  0.50 26.55 ? 135 ARG A NH2 1 
ATOM   1043 N NH2 B ARG A 1 135 ? 3.961   4.066   11.887  0.50 26.96 ? 135 ARG A NH2 1 
ATOM   1044 N N   . PHE A 1 136 ? 7.724   -0.375  6.603   1.00 21.52 ? 136 PHE A N   1 
ATOM   1045 C CA  . PHE A 1 136 ? 6.792   -1.166  5.783   1.00 21.60 ? 136 PHE A CA  1 
ATOM   1046 C C   . PHE A 1 136 ? 6.869   -2.635  6.203   1.00 24.99 ? 136 PHE A C   1 
ATOM   1047 O O   . PHE A 1 136 ? 5.845   -3.262  6.497   1.00 20.34 ? 136 PHE A O   1 
ATOM   1048 C CB  . PHE A 1 136 ? 7.137   -1.082  4.280   1.00 21.46 ? 136 PHE A CB  1 
ATOM   1049 C CG  . PHE A 1 136 ? 6.815   0.248   3.617   1.00 14.76 ? 136 PHE A CG  1 
ATOM   1050 C CD1 . PHE A 1 136 ? 5.811   1.075   4.100   1.00 15.75 ? 136 PHE A CD1 1 
ATOM   1051 C CD2 . PHE A 1 136 ? 7.524   0.652   2.481   1.00 12.63 ? 136 PHE A CD2 1 
ATOM   1052 C CE1 . PHE A 1 136 ? 5.516   2.292   3.459   1.00 13.73 ? 136 PHE A CE1 1 
ATOM   1053 C CE2 . PHE A 1 136 ? 7.241   1.857   1.836   1.00 12.51 ? 136 PHE A CE2 1 
ATOM   1054 C CZ  . PHE A 1 136 ? 6.234   2.680   2.327   1.00 17.74 ? 136 PHE A CZ  1 
ATOM   1055 N N   . ASP A 1 137 ? 8.090   -3.173  6.202   1.00 26.22 ? 137 ASP A N   1 
ATOM   1056 C CA  . ASP A 1 137 ? 8.358   -4.563  6.570   1.00 27.34 ? 137 ASP A CA  1 
ATOM   1057 C C   . ASP A 1 137 ? 7.936   -4.898  7.999   1.00 28.90 ? 137 ASP A C   1 
ATOM   1058 O O   . ASP A 1 137 ? 7.247   -5.890  8.219   1.00 30.31 ? 137 ASP A O   1 
ATOM   1059 C CB  . ASP A 1 137 ? 9.847   -4.894  6.402   1.00 27.81 ? 137 ASP A CB  1 
ATOM   1060 C CG  . ASP A 1 137 ? 10.319  -4.806  4.955   1.00 34.09 ? 137 ASP A CG  1 
ATOM   1061 O OD1 . ASP A 1 137 ? 9.486   -4.886  4.020   1.00 28.96 ? 137 ASP A OD1 1 
ATOM   1062 O OD2 . ASP A 1 137 ? 11.547  -4.665  4.757   1.00 39.61 ? 137 ASP A OD2 1 
ATOM   1063 N N   . LYS A 1 138 ? 8.394   -4.098  8.965   1.00 28.48 ? 138 LYS A N   1 
ATOM   1064 C CA  . LYS A 1 138 ? 8.053   -4.304  10.377  1.00 25.72 ? 138 LYS A CA  1 
ATOM   1065 C C   . LYS A 1 138 ? 6.534   -4.394  10.589  1.00 21.56 ? 138 LYS A C   1 
ATOM   1066 O O   . LYS A 1 138 ? 6.057   -5.260  11.320  1.00 25.69 ? 138 LYS A O   1 
ATOM   1067 C CB  . LYS A 1 138 ? 8.616   -3.162  11.241  1.00 29.93 ? 138 LYS A CB  1 
ATOM   1068 C CG  . LYS A 1 138 ? 8.495   -3.371  12.757  1.00 30.08 ? 138 LYS A CG  1 
ATOM   1069 C CD  . LYS A 1 138 ? 9.630   -4.233  13.287  1.00 35.33 ? 138 LYS A CD  1 
ATOM   1070 C CE  . LYS A 1 138 ? 9.539   -4.435  14.789  1.00 37.49 ? 138 LYS A CE  1 
ATOM   1071 N NZ  . LYS A 1 138 ? 8.595   -5.531  15.137  1.00 35.43 ? 138 LYS A NZ  1 
ATOM   1072 N N   . GLN A 1 139 ? 5.789   -3.459  10.008  1.00 19.33 ? 139 GLN A N   1 
ATOM   1073 C CA  . GLN A 1 139 ? 4.337   -3.454  10.148  1.00 21.26 ? 139 GLN A CA  1 
ATOM   1074 C C   . GLN A 1 139 ? 3.708   -4.717  9.597   1.00 23.86 ? 139 GLN A C   1 
ATOM   1075 O O   . GLN A 1 139 ? 2.738   -5.215  10.157  1.00 21.55 ? 139 GLN A O   1 
ATOM   1076 C CB  . GLN A 1 139 ? 3.728   -2.249  9.446   1.00 28.04 ? 139 GLN A CB  1 
ATOM   1077 C CG  . GLN A 1 139 ? 3.955   -0.935  10.149  1.00 33.34 ? 139 GLN A CG  1 
ATOM   1078 C CD  . GLN A 1 139 ? 3.332   0.224   9.394   1.00 40.85 ? 139 GLN A CD  1 
ATOM   1079 O OE1 . GLN A 1 139 ? 2.170   0.559   9.610   1.00 48.64 ? 139 GLN A OE1 1 
ATOM   1080 N NE2 . GLN A 1 139 ? 4.112   0.847   8.514   1.00 42.23 ? 139 GLN A NE2 1 
ATOM   1081 N N   . PHE A 1 140 ? 4.231   -5.214  8.480   1.00 24.12 ? 140 PHE A N   1 
ATOM   1082 C CA  . PHE A 1 140 ? 3.702   -6.432  7.882   1.00 22.01 ? 140 PHE A CA  1 
ATOM   1083 C C   . PHE A 1 140 ? 3.980   -7.655  8.767   1.00 19.87 ? 140 PHE A C   1 
ATOM   1084 O O   . PHE A 1 140 ? 3.088   -8.465  8.991   1.00 17.71 ? 140 PHE A O   1 
ATOM   1085 C CB  . PHE A 1 140 ? 4.262   -6.633  6.470   1.00 20.62 ? 140 PHE A CB  1 
ATOM   1086 C CG  . PHE A 1 140 ? 3.608   -7.756  5.715   1.00 21.21 ? 140 PHE A CG  1 
ATOM   1087 C CD1 . PHE A 1 140 ? 2.336   -7.600  5.174   1.00 24.92 ? 140 PHE A CD1 1 
ATOM   1088 C CD2 . PHE A 1 140 ? 4.252   -8.981  5.575   1.00 25.05 ? 140 PHE A CD2 1 
ATOM   1089 C CE1 . PHE A 1 140 ? 1.713   -8.647  4.504   1.00 26.59 ? 140 PHE A CE1 1 
ATOM   1090 C CE2 . PHE A 1 140 ? 3.640   -10.034 4.906   1.00 23.67 ? 140 PHE A CE2 1 
ATOM   1091 C CZ  . PHE A 1 140 ? 2.368   -9.867  4.370   1.00 28.81 ? 140 PHE A CZ  1 
ATOM   1092 N N   . GLN A 1 141 ? 5.205   -7.758  9.284   1.00 19.14 ? 141 GLN A N   1 
ATOM   1093 C CA  . GLN A 1 141 ? 5.588   -8.868  10.160  1.00 23.29 ? 141 GLN A CA  1 
ATOM   1094 C C   . GLN A 1 141 ? 4.777   -8.861  11.463  1.00 24.41 ? 141 GLN A C   1 
ATOM   1095 O O   . GLN A 1 141 ? 4.261   -9.894  11.888  1.00 26.63 ? 141 GLN A O   1 
ATOM   1096 C CB  . GLN A 1 141 ? 7.085   -8.793  10.492  1.00 24.25 ? 141 GLN A CB  1 
ATOM   1097 C CG  A GLN A 1 141 ? 7.987   -8.754  9.258   0.50 26.71 ? 141 GLN A CG  1 
ATOM   1098 C CG  B GLN A 1 141 ? 7.523   -9.771  11.592  0.50 26.01 ? 141 GLN A CG  1 
ATOM   1099 C CD  A GLN A 1 141 ? 9.443   -8.420  9.568   0.50 30.76 ? 141 GLN A CD  1 
ATOM   1100 C CD  B GLN A 1 141 ? 8.994   -9.652  11.957  0.50 27.87 ? 141 GLN A CD  1 
ATOM   1101 O OE1 A GLN A 1 141 ? 10.317  -8.547  8.705   0.50 33.55 ? 141 GLN A OE1 1 
ATOM   1102 O OE1 B GLN A 1 141 ? 9.653   -8.657  11.639  0.50 30.51 ? 141 GLN A OE1 1 
ATOM   1103 N NE2 A GLN A 1 141 ? 9.709   -7.963  10.792  0.50 35.04 ? 141 GLN A NE2 1 
ATOM   1104 N NE2 B GLN A 1 141 ? 9.518   -10.661 12.640  0.50 28.13 ? 141 GLN A NE2 1 
ATOM   1105 N N   . ASP A 1 142 ? 4.678   -7.693  12.097  1.00 23.08 ? 142 ASP A N   1 
ATOM   1106 C CA  . ASP A 1 142 ? 3.943   -7.545  13.362  1.00 25.97 ? 142 ASP A CA  1 
ATOM   1107 C C   . ASP A 1 142 ? 2.444   -7.820  13.280  1.00 26.76 ? 142 ASP A C   1 
ATOM   1108 O O   . ASP A 1 142 ? 1.829   -8.211  14.274  1.00 32.67 ? 142 ASP A O   1 
ATOM   1109 C CB  . ASP A 1 142 ? 4.170   -6.152  13.962  1.00 23.57 ? 142 ASP A CB  1 
ATOM   1110 C CG  . ASP A 1 142 ? 5.618   -5.904  14.343  1.00 28.11 ? 142 ASP A CG  1 
ATOM   1111 O OD1 . ASP A 1 142 ? 6.364   -6.872  14.595  1.00 27.38 ? 142 ASP A OD1 1 
ATOM   1112 O OD2 . ASP A 1 142 ? 6.013   -4.723  14.388  1.00 38.12 ? 142 ASP A OD2 1 
ATOM   1113 N N   . SER A 1 143 ? 1.841   -7.519  12.136  1.00 28.47 ? 143 SER A N   1 
ATOM   1114 C CA  . SER A 1 143 ? 0.414   -7.756  11.946  1.00 30.09 ? 143 SER A CA  1 
ATOM   1115 C C   . SER A 1 143 ? 0.119   -9.239  11.717  1.00 30.77 ? 143 SER A C   1 
ATOM   1116 O O   . SER A 1 143 ? -1.035  -9.658  11.738  1.00 36.00 ? 143 SER A O   1 
ATOM   1117 C CB  . SER A 1 143 ? -0.096  -6.956  10.751  1.00 32.22 ? 143 SER A CB  1 
ATOM   1118 O OG  . SER A 1 143 ? 0.046   -5.563  10.967  1.00 40.92 ? 143 SER A OG  1 
ATOM   1119 N N   . GLY A 1 144 ? 1.166   -10.005 11.421  1.00 31.19 ? 144 GLY A N   1 
ATOM   1120 C CA  . GLY A 1 144 ? 1.016   -11.426 11.164  1.00 27.22 ? 144 GLY A CA  1 
ATOM   1121 C C   . GLY A 1 144 ? 0.212   -11.746 9.912   1.00 28.73 ? 144 GLY A C   1 
ATOM   1122 O O   . GLY A 1 144 ? -0.402  -12.816 9.822   1.00 29.14 ? 144 GLY A O   1 
ATOM   1123 N N   . LEU A 1 145 ? 0.178   -10.820 8.957   1.00 24.64 ? 145 LEU A N   1 
ATOM   1124 C CA  . LEU A 1 145 ? -0.569  -11.014 7.715   1.00 26.38 ? 145 LEU A CA  1 
ATOM   1125 C C   . LEU A 1 145 ? 0.083   -12.051 6.798   1.00 25.45 ? 145 LEU A C   1 
ATOM   1126 O O   . LEU A 1 145 ? 1.305   -12.176 6.756   1.00 22.91 ? 145 LEU A O   1 
ATOM   1127 C CB  . LEU A 1 145 ? -0.729  -9.681  6.982   1.00 25.13 ? 145 LEU A CB  1 
ATOM   1128 C CG  . LEU A 1 145 ? -1.423  -8.578  7.787   1.00 29.90 ? 145 LEU A CG  1 
ATOM   1129 C CD1 . LEU A 1 145 ? -1.337  -7.267  7.032   1.00 33.58 ? 145 LEU A CD1 1 
ATOM   1130 C CD2 . LEU A 1 145 ? -2.875  -8.945  8.072   1.00 31.27 ? 145 LEU A CD2 1 
ATOM   1131 N N   . THR A 1 146 ? -0.738  -12.769 6.038   1.00 26.27 ? 146 THR A N   1 
ATOM   1132 C CA  . THR A 1 146 ? -0.238  -13.815 5.147   1.00 27.94 ? 146 THR A CA  1 
ATOM   1133 C C   . THR A 1 146 ? -0.439  -13.554 3.651   1.00 26.88 ? 146 THR A C   1 
ATOM   1134 O O   . THR A 1 146 ? -0.456  -14.488 2.853   1.00 28.95 ? 146 THR A O   1 
ATOM   1135 C CB  . THR A 1 146 ? -0.848  -15.199 5.509   1.00 27.29 ? 146 THR A CB  1 
ATOM   1136 O OG1 . THR A 1 146 ? -2.271  -15.121 5.432   1.00 28.76 ? 146 THR A OG1 1 
ATOM   1137 C CG2 . THR A 1 146 ? -0.456  -15.628 6.915   1.00 30.92 ? 146 THR A CG2 1 
ATOM   1138 N N   . GLY A 1 147 ? -0.526  -12.286 3.257   1.00 23.29 ? 147 GLY A N   1 
ATOM   1139 C CA  . GLY A 1 147 ? -0.708  -11.974 1.852   1.00 18.48 ? 147 GLY A CA  1 
ATOM   1140 C C   . GLY A 1 147 ? -1.099  -10.543 1.550   1.00 23.96 ? 147 GLY A C   1 
ATOM   1141 O O   . GLY A 1 147 ? -1.203  -9.708  2.446   1.00 29.67 ? 147 GLY A O   1 
ATOM   1142 N N   . VAL A 1 148 ? -1.237  -10.239 0.264   1.00 18.36 ? 148 VAL A N   1 
ATOM   1143 C CA  . VAL A 1 148 ? -1.638  -8.915  -0.196  1.00 20.25 ? 148 VAL A CA  1 
ATOM   1144 C C   . VAL A 1 148 ? -2.612  -9.129  -1.342  1.00 27.46 ? 148 VAL A C   1 
ATOM   1145 O O   . VAL A 1 148 ? -2.559  -10.160 -1.990  1.00 33.15 ? 148 VAL A O   1 
ATOM   1146 C CB  . VAL A 1 148 ? -0.437  -8.086  -0.697  1.00 21.93 ? 148 VAL A CB  1 
ATOM   1147 C CG1 . VAL A 1 148 ? 0.521   -7.821  0.436   1.00 21.71 ? 148 VAL A CG1 1 
ATOM   1148 C CG2 . VAL A 1 148 ? 0.278   -8.789  -1.822  1.00 17.52 ? 148 VAL A CG2 1 
ATOM   1149 N N   . PRO A 1 149 ? -3.560  -8.197  -1.564  1.00 31.54 ? 149 PRO A N   1 
ATOM   1150 C CA  . PRO A 1 149 ? -3.773  -6.966  -0.798  1.00 31.28 ? 149 PRO A CA  1 
ATOM   1151 C C   . PRO A 1 149 ? -4.318  -7.253  0.601   1.00 32.11 ? 149 PRO A C   1 
ATOM   1152 O O   . PRO A 1 149 ? -4.889  -8.319  0.849   1.00 31.88 ? 149 PRO A O   1 
ATOM   1153 C CB  . PRO A 1 149 ? -4.833  -6.226  -1.629  1.00 31.04 ? 149 PRO A CB  1 
ATOM   1154 C CG  . PRO A 1 149 ? -4.708  -6.797  -2.990  1.00 31.37 ? 149 PRO A CG  1 
ATOM   1155 C CD  . PRO A 1 149 ? -4.494  -8.251  -2.699  1.00 28.87 ? 149 PRO A CD  1 
ATOM   1156 N N   . ALA A 1 150 ? -4.105  -6.312  1.510   1.00 28.05 ? 150 ALA A N   1 
ATOM   1157 C CA  . ALA A 1 150 ? -4.602  -6.419  2.875   1.00 25.38 ? 150 ALA A CA  1 
ATOM   1158 C C   . ALA A 1 150 ? -4.874  -4.989  3.336   1.00 27.52 ? 150 ALA A C   1 
ATOM   1159 O O   . ALA A 1 150 ? -4.038  -4.109  3.129   1.00 31.39 ? 150 ALA A O   1 
ATOM   1160 C CB  . ALA A 1 150 ? -3.569  -7.105  3.777   1.00 21.27 ? 150 ALA A CB  1 
ATOM   1161 N N   . VAL A 1 151 ? -6.082  -4.742  3.843   1.00 30.32 ? 151 VAL A N   1 
ATOM   1162 C CA  . VAL A 1 151 ? -6.491  -3.423  4.344   1.00 28.26 ? 151 VAL A CA  1 
ATOM   1163 C C   . VAL A 1 151 ? -6.770  -3.534  5.843   1.00 29.15 ? 151 VAL A C   1 
ATOM   1164 O O   . VAL A 1 151 ? -7.680  -4.250  6.263   1.00 31.79 ? 151 VAL A O   1 
ATOM   1165 C CB  . VAL A 1 151 ? -7.771  -2.895  3.635   1.00 27.17 ? 151 VAL A CB  1 
ATOM   1166 C CG1 . VAL A 1 151 ? -8.199  -1.552  4.227   1.00 28.49 ? 151 VAL A CG1 1 
ATOM   1167 C CG2 . VAL A 1 151 ? -7.527  -2.743  2.146   1.00 26.72 ? 151 VAL A CG2 1 
ATOM   1168 N N   . VAL A 1 152 ? -5.932  -2.881  6.646   1.00 31.34 ? 152 VAL A N   1 
ATOM   1169 C CA  . VAL A 1 152 ? -6.075  -2.877  8.101   1.00 27.90 ? 152 VAL A CA  1 
ATOM   1170 C C   . VAL A 1 152 ? -6.579  -1.502  8.545   1.00 31.37 ? 152 VAL A C   1 
ATOM   1171 O O   . VAL A 1 152 ? -6.228  -0.473  7.951   1.00 26.44 ? 152 VAL A O   1 
ATOM   1172 C CB  . VAL A 1 152 ? -4.735  -3.196  8.802   1.00 29.53 ? 152 VAL A CB  1 
ATOM   1173 C CG1 . VAL A 1 152 ? -4.929  -3.304  10.301  1.00 32.71 ? 152 VAL A CG1 1 
ATOM   1174 C CG2 . VAL A 1 152 ? -4.152  -4.493  8.250   1.00 29.42 ? 152 VAL A CG2 1 
ATOM   1175 N N   . VAL A 1 153 ? -7.529  -1.509  9.473   1.00 32.08 ? 153 VAL A N   1 
ATOM   1176 C CA  . VAL A 1 153 ? -8.082  -0.264  9.998   1.00 35.74 ? 153 VAL A CA  1 
ATOM   1177 C C   . VAL A 1 153 ? -7.622  -0.108  11.446  1.00 35.12 ? 153 VAL A C   1 
ATOM   1178 O O   . VAL A 1 153 ? -7.736  -1.036  12.260  1.00 34.82 ? 153 VAL A O   1 
ATOM   1179 C CB  . VAL A 1 153 ? -9.641  -0.222  9.927   1.00 36.03 ? 153 VAL A CB  1 
ATOM   1180 C CG1 . VAL A 1 153 ? -10.161 1.095   10.481  1.00 33.15 ? 153 VAL A CG1 1 
ATOM   1181 C CG2 . VAL A 1 153 ? -10.117 -0.385  8.487   1.00 32.01 ? 153 VAL A CG2 1 
ATOM   1182 N N   . ASN A 1 154 ? -7.091  1.075   11.745  1.00 35.82 ? 154 ASN A N   1 
ATOM   1183 C CA  . ASN A 1 154 ? -6.594  1.429   13.074  1.00 38.31 ? 154 ASN A CA  1 
ATOM   1184 C C   . ASN A 1 154 ? -5.622  0.413   13.665  1.00 37.23 ? 154 ASN A C   1 
ATOM   1185 O O   . ASN A 1 154 ? -5.720  0.029   14.833  1.00 40.03 ? 154 ASN A O   1 
ATOM   1186 C CB  . ASN A 1 154 ? -7.743  1.729   14.061  1.00 36.30 ? 154 ASN A CB  1 
ATOM   1187 C CG  . ASN A 1 154 ? -8.589  2.947   13.654  1.00 38.37 ? 154 ASN A CG  1 
ATOM   1188 O OD1 . ASN A 1 154 ? -8.200  3.747   12.798  1.00 40.01 ? 154 ASN A OD1 1 
ATOM   1189 N ND2 . ASN A 1 154 ? -9.767  3.076   14.257  1.00 37.37 ? 154 ASN A ND2 1 
ATOM   1190 N N   . ASN A 1 155 ? -4.810  -0.135  12.772  1.00 42.46 ? 155 ASN A N   1 
ATOM   1191 C CA  . ASN A 1 155 ? -3.697  -1.000  13.193  1.00 44.71 ? 155 ASN A CA  1 
ATOM   1192 C C   . ASN A 1 155 ? -3.992  -2.347  13.757  1.00 46.01 ? 155 ASN A C   1 
ATOM   1193 O O   . ASN A 1 155 ? -3.050  -3.093  14.037  1.00 47.82 ? 155 ASN A O   1 
ATOM   1194 C CB  . ASN A 1 155 ? -2.785  -0.293  14.215  1.00 45.47 ? 155 ASN A CB  1 
ATOM   1195 C CG  . ASN A 1 155 ? -1.345  -0.238  13.767  1.00 47.43 ? 155 ASN A CG  1 
ATOM   1196 O OD1 . ASN A 1 155 ? -0.904  0.782   13.244  1.00 51.99 ? 155 ASN A OD1 1 
ATOM   1197 N ND2 . ASN A 1 155 ? -0.609  -1.326  13.947  1.00 48.55 ? 155 ASN A ND2 1 
ATOM   1198 N N   . ARG A 1 156 ? -5.266  -2.649  13.956  1.00 44.62 ? 156 ARG A N   1 
ATOM   1199 C CA  . ARG A 1 156 ? -5.629  -3.970  14.464  1.00 45.55 ? 156 ARG A CA  1 
ATOM   1200 C C   . ARG A 1 156 ? -6.896  -4.579  13.867  1.00 42.30 ? 156 ARG A C   1 
ATOM   1201 O O   . ARG A 1 156 ? -7.352  -5.635  14.306  1.00 43.05 ? 156 ARG A O   1 
ATOM   1202 C CB  . ARG A 1 156 ? -5.736  -3.967  15.990  1.00 47.55 ? 156 ARG A CB  1 
ATOM   1203 C CG  . ARG A 1 156 ? -6.948  -3.234  16.521  1.00 54.60 ? 156 ARG A CG  1 
ATOM   1204 C CD  . ARG A 1 156 ? -7.617  -4.054  17.611  1.00 59.06 ? 156 ARG A CD  1 
ATOM   1205 N NE  . ARG A 1 156 ? -6.672  -4.393  18.674  1.00 64.48 ? 156 ARG A NE  1 
ATOM   1206 C CZ  . ARG A 1 156 ? -6.781  -5.450  19.478  1.00 67.81 ? 156 ARG A CZ  1 
ATOM   1207 N NH1 . ARG A 1 156 ? -7.806  -6.295  19.361  1.00 71.40 ? 156 ARG A NH1 1 
ATOM   1208 N NH2 . ARG A 1 156 ? -5.843  -5.684  20.390  1.00 65.56 ? 156 ARG A NH2 1 
ATOM   1209 N N   . TYR A 1 157 ? -7.474  -3.925  12.871  1.00 39.77 ? 157 TYR A N   1 
ATOM   1210 C CA  . TYR A 1 157 ? -8.677  -4.453  12.262  1.00 39.48 ? 157 TYR A CA  1 
ATOM   1211 C C   . TYR A 1 157 ? -8.448  -4.892  10.829  1.00 40.77 ? 157 TYR A C   1 
ATOM   1212 O O   . TYR A 1 157 ? -8.424  -4.075  9.912   1.00 38.07 ? 157 TYR A O   1 
ATOM   1213 C CB  . TYR A 1 157 ? -9.808  -3.430  12.355  1.00 46.85 ? 157 TYR A CB  1 
ATOM   1214 C CG  . TYR A 1 157 ? -10.257 -3.204  13.774  1.00 50.96 ? 157 TYR A CG  1 
ATOM   1215 C CD1 . TYR A 1 157 ? -11.135 -4.095  14.390  1.00 52.75 ? 157 TYR A CD1 1 
ATOM   1216 C CD2 . TYR A 1 157 ? -9.754  -2.141  14.526  1.00 51.68 ? 157 TYR A CD2 1 
ATOM   1217 C CE1 . TYR A 1 157 ? -11.500 -3.942  15.718  1.00 56.86 ? 157 TYR A CE1 1 
ATOM   1218 C CE2 . TYR A 1 157 ? -10.113 -1.973  15.861  1.00 57.49 ? 157 TYR A CE2 1 
ATOM   1219 C CZ  . TYR A 1 157 ? -10.986 -2.880  16.449  1.00 57.68 ? 157 TYR A CZ  1 
ATOM   1220 O OH  . TYR A 1 157 ? -11.353 -2.745  17.767  1.00 58.01 ? 157 TYR A OH  1 
ATOM   1221 N N   . LEU A 1 158 ? -8.238  -6.188  10.642  1.00 39.21 ? 158 LEU A N   1 
ATOM   1222 C CA  . LEU A 1 158 ? -8.022  -6.719  9.308   1.00 41.37 ? 158 LEU A CA  1 
ATOM   1223 C C   . LEU A 1 158 ? -9.369  -6.833  8.614   1.00 41.53 ? 158 LEU A C   1 
ATOM   1224 O O   . LEU A 1 158 ? -10.227 -7.607  9.034   1.00 46.73 ? 158 LEU A O   1 
ATOM   1225 C CB  . LEU A 1 158 ? -7.363  -8.097  9.377   1.00 38.57 ? 158 LEU A CB  1 
ATOM   1226 C CG  . LEU A 1 158 ? -6.476  -8.518  8.205   1.00 37.09 ? 158 LEU A CG  1 
ATOM   1227 C CD1 . LEU A 1 158 ? -6.777  -9.966  7.875   1.00 38.04 ? 158 LEU A CD1 1 
ATOM   1228 C CD2 . LEU A 1 158 ? -6.680  -7.631  6.980   1.00 33.08 ? 158 LEU A CD2 1 
ATOM   1229 N N   . VAL A 1 159 ? -9.567  -6.039  7.574   1.00 40.23 ? 159 VAL A N   1 
ATOM   1230 C CA  . VAL A 1 159 ? -10.816 -6.075  6.835   1.00 43.21 ? 159 VAL A CA  1 
ATOM   1231 C C   . VAL A 1 159 ? -10.889 -7.395  6.068   1.00 49.21 ? 159 VAL A C   1 
ATOM   1232 O O   . VAL A 1 159 ? -10.073 -7.639  5.181   1.00 53.28 ? 159 VAL A O   1 
ATOM   1233 C CB  . VAL A 1 159 ? -10.902 -4.892  5.835   1.00 42.95 ? 159 VAL A CB  1 
ATOM   1234 C CG1 . VAL A 1 159 ? -12.227 -4.910  5.088   1.00 43.41 ? 159 VAL A CG1 1 
ATOM   1235 C CG2 . VAL A 1 159 ? -10.743 -3.579  6.567   1.00 44.66 ? 159 VAL A CG2 1 
ATOM   1236 N N   . GLN A 1 160 ? -11.782 -8.294  6.485   1.00 50.73 ? 160 GLN A N   1 
ATOM   1237 C CA  . GLN A 1 160 ? -11.942 -9.571  5.778   1.00 53.60 ? 160 GLN A CA  1 
ATOM   1238 C C   . GLN A 1 160 ? -13.040 -9.332  4.735   1.00 53.53 ? 160 GLN A C   1 
ATOM   1239 O O   . GLN A 1 160 ? -14.018 -10.068 4.657   1.00 56.95 ? 160 GLN A O   1 
ATOM   1240 C CB  . GLN A 1 160 ? -12.332 -10.692 6.753   1.00 45.51 ? 160 GLN A CB  1 
ATOM   1241 N N   . GLY A 1 161 ? -12.844 -8.283  3.942   1.00 55.11 ? 161 GLY A N   1 
ATOM   1242 C CA  . GLY A 1 161 ? -13.791 -7.862  2.923   1.00 59.19 ? 161 GLY A CA  1 
ATOM   1243 C C   . GLY A 1 161 ? -14.406 -8.842  1.945   1.00 64.19 ? 161 GLY A C   1 
ATOM   1244 O O   . GLY A 1 161 ? -15.287 -8.448  1.173   1.00 63.77 ? 161 GLY A O   1 
ATOM   1245 N N   . GLN A 1 162 ? -13.983 -10.104 1.972   1.00 67.76 ? 162 GLN A N   1 
ATOM   1246 C CA  . GLN A 1 162 ? -14.521 -11.113 1.056   1.00 68.92 ? 162 GLN A CA  1 
ATOM   1247 C C   . GLN A 1 162 ? -16.028 -11.368 1.228   1.00 71.47 ? 162 GLN A C   1 
ATOM   1248 O O   . GLN A 1 162 ? -16.601 -12.211 0.521   1.00 70.85 ? 162 GLN A O   1 
ATOM   1249 C CB  . GLN A 1 162 ? -13.739 -12.425 1.197   1.00 66.58 ? 162 GLN A CB  1 
ATOM   1250 N N   . SER A 1 163 ? -16.669 -10.630 2.140   1.00 71.48 ? 163 SER A N   1 
ATOM   1251 C CA  . SER A 1 163 ? -18.103 -10.785 2.402   1.00 73.82 ? 163 SER A CA  1 
ATOM   1252 C C   . SER A 1 163 ? -18.984 -9.547  2.111   1.00 73.45 ? 163 SER A C   1 
ATOM   1253 O O   . SER A 1 163 ? -20.218 -9.600  2.250   1.00 73.87 ? 163 SER A O   1 
ATOM   1254 C CB  . SER A 1 163 ? -18.320 -11.257 3.846   1.00 71.30 ? 163 SER A CB  1 
ATOM   1255 O OG  . SER A 1 163 ? -17.776 -10.338 4.783   1.00 69.08 ? 163 SER A OG  1 
ATOM   1256 N N   . VAL A 1 164 ? -18.357 -8.443  1.707   1.00 71.29 ? 164 VAL A N   1 
ATOM   1257 C CA  . VAL A 1 164 ? -19.086 -7.210  1.401   1.00 68.25 ? 164 VAL A CA  1 
ATOM   1258 C C   . VAL A 1 164 ? -19.924 -7.324  0.117   1.00 68.51 ? 164 VAL A C   1 
ATOM   1259 O O   . VAL A 1 164 ? -19.509 -7.971  -0.854  1.00 69.68 ? 164 VAL A O   1 
ATOM   1260 C CB  . VAL A 1 164 ? -18.109 -6.044  1.285   1.00 69.64 ? 164 VAL A CB  1 
ATOM   1261 N N   . LYS A 1 165 ? -21.098 -6.690  0.122   1.00 64.63 ? 165 LYS A N   1 
ATOM   1262 C CA  . LYS A 1 165 ? -21.981 -6.708  -1.039  1.00 61.38 ? 165 LYS A CA  1 
ATOM   1263 C C   . LYS A 1 165 ? -21.402 -5.844  -2.157  1.00 63.19 ? 165 LYS A C   1 
ATOM   1264 O O   . LYS A 1 165 ? -20.654 -6.334  -3.003  1.00 67.77 ? 165 LYS A O   1 
ATOM   1265 C CB  . LYS A 1 165 ? -23.369 -6.222  -0.661  1.00 61.25 ? 165 LYS A CB  1 
ATOM   1266 N N   . SER A 1 166 ? -21.780 -4.568  -2.194  1.00 62.85 ? 166 SER A N   1 
ATOM   1267 C CA  . SER A 1 166 ? -21.268 -3.660  -3.225  1.00 61.71 ? 166 SER A CA  1 
ATOM   1268 C C   . SER A 1 166 ? -20.138 -2.806  -2.647  1.00 61.59 ? 166 SER A C   1 
ATOM   1269 O O   . SER A 1 166 ? -19.808 -2.928  -1.458  1.00 60.55 ? 166 SER A O   1 
ATOM   1270 C CB  . SER A 1 166 ? -22.391 -2.768  -3.757  1.00 60.74 ? 166 SER A CB  1 
ATOM   1271 N N   . LEU A 1 167 ? -19.527 -1.965  -3.488  1.00 60.18 ? 167 LEU A N   1 
ATOM   1272 C CA  . LEU A 1 167 ? -18.450 -1.080  -3.041  1.00 58.19 ? 167 LEU A CA  1 
ATOM   1273 C C   . LEU A 1 167 ? -19.007 -0.181  -1.938  1.00 58.48 ? 167 LEU A C   1 
ATOM   1274 O O   . LEU A 1 167 ? -18.280 0.239   -1.037  1.00 57.00 ? 167 LEU A O   1 
ATOM   1275 C CB  . LEU A 1 167 ? -17.928 -0.232  -4.199  1.00 52.88 ? 167 LEU A CB  1 
ATOM   1276 N N   . ASP A 1 168 ? -20.303 0.113   -2.043  1.00 57.35 ? 168 ASP A N   1 
ATOM   1277 C CA  . ASP A 1 168 ? -21.008 0.939   -1.077  1.00 54.46 ? 168 ASP A CA  1 
ATOM   1278 C C   . ASP A 1 168 ? -20.929 0.302   0.308   1.00 53.67 ? 168 ASP A C   1 
ATOM   1279 O O   . ASP A 1 168 ? -20.622 0.974   1.292   1.00 58.39 ? 168 ASP A O   1 
ATOM   1280 C CB  . ASP A 1 168 ? -22.461 1.106   -1.502  1.00 51.11 ? 168 ASP A CB  1 
ATOM   1281 N N   . GLU A 1 169 ? -21.225 -0.991  0.389   1.00 52.76 ? 169 GLU A N   1 
ATOM   1282 C CA  . GLU A 1 169 ? -21.173 -1.683  1.675   1.00 54.07 ? 169 GLU A CA  1 
ATOM   1283 C C   . GLU A 1 169 ? -19.749 -1.771  2.220   1.00 54.69 ? 169 GLU A C   1 
ATOM   1284 O O   . GLU A 1 169 ? -19.532 -1.795  3.437   1.00 57.13 ? 169 GLU A O   1 
ATOM   1285 C CB  . GLU A 1 169 ? -21.775 -3.089  1.581   1.00 51.45 ? 169 GLU A CB  1 
ATOM   1286 C CG  . GLU A 1 169 ? -21.666 -3.877  2.891   1.00 50.83 ? 169 GLU A CG  1 
ATOM   1287 C CD  . GLU A 1 169 ? -22.584 -5.084  2.955   1.00 52.40 ? 169 GLU A CD  1 
ATOM   1288 O OE1 . GLU A 1 169 ? -23.608 -5.089  2.236   1.00 58.29 ? 169 GLU A OE1 1 
ATOM   1289 O OE2 . GLU A 1 169 ? -22.295 -6.019  3.740   1.00 47.77 ? 169 GLU A OE2 1 
ATOM   1290 N N   . TYR A 1 170 ? -18.786 -1.877  1.312   1.00 52.76 ? 170 TYR A N   1 
ATOM   1291 C CA  . TYR A 1 170 ? -17.385 -1.966  1.696   1.00 51.65 ? 170 TYR A CA  1 
ATOM   1292 C C   . TYR A 1 170 ? -16.977 -0.697  2.445   1.00 50.36 ? 170 TYR A C   1 
ATOM   1293 O O   . TYR A 1 170 ? -16.388 -0.771  3.527   1.00 50.02 ? 170 TYR A O   1 
ATOM   1294 C CB  . TYR A 1 170 ? -16.515 -2.174  0.451   1.00 50.78 ? 170 TYR A CB  1 
ATOM   1295 C CG  . TYR A 1 170 ? -15.039 -2.399  0.724   1.00 48.85 ? 170 TYR A CG  1 
ATOM   1296 C CD1 . TYR A 1 170 ? -14.602 -3.445  1.550   1.00 48.21 ? 170 TYR A CD1 1 
ATOM   1297 C CD2 . TYR A 1 170 ? -14.079 -1.578  0.136   1.00 46.07 ? 170 TYR A CD2 1 
ATOM   1298 C CE1 . TYR A 1 170 ? -13.243 -3.660  1.777   1.00 49.08 ? 170 TYR A CE1 1 
ATOM   1299 C CE2 . TYR A 1 170 ? -12.724 -1.785  0.352   1.00 49.56 ? 170 TYR A CE2 1 
ATOM   1300 C CZ  . TYR A 1 170 ? -12.310 -2.823  1.172   1.00 50.93 ? 170 TYR A CZ  1 
ATOM   1301 O OH  . TYR A 1 170 ? -10.960 -2.984  1.368   1.00 56.64 ? 170 TYR A OH  1 
ATOM   1302 N N   . PHE A 1 171 ? -17.291 0.461   1.860   1.00 45.59 ? 171 PHE A N   1 
ATOM   1303 C CA  . PHE A 1 171 ? -16.974 1.750   2.467   1.00 42.74 ? 171 PHE A CA  1 
ATOM   1304 C C   . PHE A 1 171 ? -17.652 1.884   3.818   1.00 44.52 ? 171 PHE A C   1 
ATOM   1305 O O   . PHE A 1 171 ? -17.070 2.423   4.761   1.00 46.19 ? 171 PHE A O   1 
ATOM   1306 C CB  . PHE A 1 171 ? -17.398 2.899   1.555   1.00 39.46 ? 171 PHE A CB  1 
ATOM   1307 C CG  . PHE A 1 171 ? -16.678 2.924   0.236   1.00 44.09 ? 171 PHE A CG  1 
ATOM   1308 C CD1 . PHE A 1 171 ? -15.520 2.165   0.041   1.00 46.19 ? 171 PHE A CD1 1 
ATOM   1309 C CD2 . PHE A 1 171 ? -17.152 3.706   -0.819  1.00 47.97 ? 171 PHE A CD2 1 
ATOM   1310 C CE1 . PHE A 1 171 ? -14.841 2.183   -1.185  1.00 47.78 ? 171 PHE A CE1 1 
ATOM   1311 C CE2 . PHE A 1 171 ? -16.483 3.733   -2.051  1.00 48.38 ? 171 PHE A CE2 1 
ATOM   1312 C CZ  . PHE A 1 171 ? -15.324 2.968   -2.233  1.00 49.39 ? 171 PHE A CZ  1 
ATOM   1313 N N   . ASP A 1 172 ? -18.878 1.379   3.914   1.00 44.29 ? 172 ASP A N   1 
ATOM   1314 C CA  . ASP A 1 172 ? -19.615 1.440   5.166   1.00 49.26 ? 172 ASP A CA  1 
ATOM   1315 C C   . ASP A 1 172 ? -18.873 0.638   6.236   1.00 48.33 ? 172 ASP A C   1 
ATOM   1316 O O   . ASP A 1 172 ? -18.846 1.039   7.406   1.00 47.16 ? 172 ASP A O   1 
ATOM   1317 C CB  . ASP A 1 172 ? -21.049 0.909   4.993   1.00 55.32 ? 172 ASP A CB  1 
ATOM   1318 C CG  . ASP A 1 172 ? -21.916 1.790   4.079   1.00 61.50 ? 172 ASP A CG  1 
ATOM   1319 O OD1 . ASP A 1 172 ? -21.407 2.778   3.491   1.00 60.51 ? 172 ASP A OD1 1 
ATOM   1320 O OD2 . ASP A 1 172 ? -23.123 1.477   3.947   1.00 64.10 ? 172 ASP A OD2 1 
ATOM   1321 N N   . LEU A 1 173 ? -18.284 -0.493  5.844   1.00 45.48 ? 173 LEU A N   1 
ATOM   1322 C CA  . LEU A 1 173 ? -17.546 -1.333  6.791   1.00 45.93 ? 173 LEU A CA  1 
ATOM   1323 C C   . LEU A 1 173 ? -16.266 -0.672  7.289   1.00 45.80 ? 173 LEU A C   1 
ATOM   1324 O O   . LEU A 1 173 ? -15.940 -0.755  8.478   1.00 43.31 ? 173 LEU A O   1 
ATOM   1325 C CB  . LEU A 1 173 ? -17.204 -2.698  6.185   1.00 46.58 ? 173 LEU A CB  1 
ATOM   1326 C CG  . LEU A 1 173 ? -16.242 -3.566  7.023   1.00 47.02 ? 173 LEU A CG  1 
ATOM   1327 C CD1 . LEU A 1 173 ? -16.804 -3.845  8.409   1.00 43.12 ? 173 LEU A CD1 1 
ATOM   1328 C CD2 . LEU A 1 173 ? -15.938 -4.869  6.305   1.00 45.38 ? 173 LEU A CD2 1 
ATOM   1329 N N   . VAL A 1 174 ? -15.487 -0.132  6.358   1.00 42.11 ? 174 VAL A N   1 
ATOM   1330 C CA  . VAL A 1 174 ? -14.245 0.548   6.705   1.00 44.48 ? 174 VAL A CA  1 
ATOM   1331 C C   . VAL A 1 174 ? -14.568 1.750   7.599   1.00 44.05 ? 174 VAL A C   1 
ATOM   1332 O O   . VAL A 1 174 ? -13.954 1.920   8.657   1.00 40.65 ? 174 VAL A O   1 
ATOM   1333 C CB  . VAL A 1 174 ? -13.491 1.007   5.435   1.00 45.53 ? 174 VAL A CB  1 
ATOM   1334 C CG1 . VAL A 1 174 ? -12.324 1.917   5.795   1.00 47.07 ? 174 VAL A CG1 1 
ATOM   1335 C CG2 . VAL A 1 174 ? -12.983 -0.206  4.681   1.00 45.52 ? 174 VAL A CG2 1 
ATOM   1336 N N   . ASN A 1 175 ? -15.521 2.573   7.156   1.00 44.35 ? 175 ASN A N   1 
ATOM   1337 C CA  . ASN A 1 175 ? -15.966 3.749   7.907   1.00 42.85 ? 175 ASN A CA  1 
ATOM   1338 C C   . ASN A 1 175 ? -16.442 3.323   9.293   1.00 44.20 ? 175 ASN A C   1 
ATOM   1339 O O   . ASN A 1 175 ? -16.243 4.036   10.279  1.00 45.40 ? 175 ASN A O   1 
ATOM   1340 C CB  . ASN A 1 175 ? -17.100 4.469   7.172   1.00 39.61 ? 175 ASN A CB  1 
ATOM   1341 C CG  . ASN A 1 175 ? -16.594 5.381   6.074   1.00 43.40 ? 175 ASN A CG  1 
ATOM   1342 O OD1 . ASN A 1 175 ? -15.428 5.792   6.073   1.00 45.85 ? 175 ASN A OD1 1 
ATOM   1343 N ND2 . ASN A 1 175 ? -17.475 5.732   5.142   1.00 44.99 ? 175 ASN A ND2 1 
ATOM   1344 N N   . TYR A 1 176 ? -17.083 2.163   9.361   1.00 43.11 ? 176 TYR A N   1 
ATOM   1345 C CA  . TYR A 1 176 ? -17.568 1.641   10.629  1.00 45.65 ? 176 TYR A CA  1 
ATOM   1346 C C   . TYR A 1 176 ? -16.390 1.299   11.536  1.00 48.48 ? 176 TYR A C   1 
ATOM   1347 O O   . TYR A 1 176 ? -16.390 1.655   12.713  1.00 48.32 ? 176 TYR A O   1 
ATOM   1348 C CB  . TYR A 1 176 ? -18.433 0.406   10.402  1.00 44.58 ? 176 TYR A CB  1 
ATOM   1349 N N   . LEU A 1 177 ? -15.407 0.579   10.996  1.00 51.74 ? 177 LEU A N   1 
ATOM   1350 C CA  . LEU A 1 177 ? -14.228 0.186   11.770  1.00 47.88 ? 177 LEU A CA  1 
ATOM   1351 C C   . LEU A 1 177 ? -13.385 1.356   12.281  1.00 46.33 ? 177 LEU A C   1 
ATOM   1352 O O   . LEU A 1 177 ? -12.792 1.258   13.354  1.00 45.44 ? 177 LEU A O   1 
ATOM   1353 C CB  . LEU A 1 177 ? -13.347 -0.776  10.971  1.00 44.82 ? 177 LEU A CB  1 
ATOM   1354 C CG  . LEU A 1 177 ? -13.811 -2.231  10.912  1.00 42.13 ? 177 LEU A CG  1 
ATOM   1355 C CD1 . LEU A 1 177 ? -12.858 -3.056  10.048  1.00 42.06 ? 177 LEU A CD1 1 
ATOM   1356 C CD2 . LEU A 1 177 ? -13.877 -2.801  12.314  1.00 40.53 ? 177 LEU A CD2 1 
ATOM   1357 N N   . LEU A 1 178 ? -13.303 2.432   11.502  1.00 43.72 ? 178 LEU A N   1 
ATOM   1358 C CA  . LEU A 1 178 ? -12.531 3.612   11.890  1.00 43.22 ? 178 LEU A CA  1 
ATOM   1359 C C   . LEU A 1 178 ? -12.955 4.200   13.229  1.00 46.77 ? 178 LEU A C   1 
ATOM   1360 O O   . LEU A 1 178 ? -12.141 4.817   13.914  1.00 53.22 ? 178 LEU A O   1 
ATOM   1361 C CB  . LEU A 1 178 ? -12.609 4.701   10.811  1.00 38.44 ? 178 LEU A CB  1 
ATOM   1362 C CG  . LEU A 1 178 ? -11.779 4.563   9.528   1.00 34.90 ? 178 LEU A CG  1 
ATOM   1363 C CD1 . LEU A 1 178 ? -12.268 5.567   8.492   1.00 28.20 ? 178 LEU A CD1 1 
ATOM   1364 C CD2 . LEU A 1 178 ? -10.297 4.761   9.824   1.00 31.58 ? 178 LEU A CD2 1 
ATOM   1365 N N   . THR A 1 179 ? -14.244 4.091   13.564  1.00 55.53 ? 179 THR A N   1 
ATOM   1366 C CA  . THR A 1 179 ? -14.758 4.620   14.838  1.00 57.43 ? 179 THR A CA  1 
ATOM   1367 C C   . THR A 1 179 ? -14.463 3.710   16.034  1.00 59.38 ? 179 THR A C   1 
ATOM   1368 O O   . THR A 1 179 ? -14.363 4.184   17.175  1.00 60.04 ? 179 THR A O   1 
ATOM   1369 C CB  . THR A 1 179 ? -16.287 4.938   14.789  1.00 54.94 ? 179 THR A CB  1 
ATOM   1370 O OG1 . THR A 1 179 ? -17.026 3.781   14.379  1.00 51.25 ? 179 THR A OG1 1 
ATOM   1371 C CG2 . THR A 1 179 ? -16.566 6.092   13.834  1.00 53.65 ? 179 THR A CG2 1 
ATOM   1372 N N   . LEU A 1 180 ? -14.358 2.408   15.772  1.00 61.62 ? 180 LEU A N   1 
ATOM   1373 C CA  . LEU A 1 180 ? -14.059 1.423   16.804  1.00 62.69 ? 180 LEU A CA  1 
ATOM   1374 C C   . LEU A 1 180 ? -12.581 1.535   17.200  1.00 65.22 ? 180 LEU A C   1 
ATOM   1375 O O   . LEU A 1 180 ? -11.716 1.738   16.339  1.00 65.95 ? 180 LEU A O   1 
ATOM   1376 C CB  . LEU A 1 180 ? -14.375 0.017   16.285  1.00 59.82 ? 180 LEU A CB  1 
ATOM   1377 C CG  . LEU A 1 180 ? -14.095 -1.172  17.205  1.00 60.80 ? 180 LEU A CG  1 
ATOM   1378 C CD1 . LEU A 1 180 ? -14.765 -0.993  18.558  1.00 61.49 ? 180 LEU A CD1 1 
ATOM   1379 C CD2 . LEU A 1 180 ? -14.588 -2.439  16.533  1.00 62.43 ? 180 LEU A CD2 1 
ATOM   1380 N N   . LYS A 1 181 ? -12.302 1.440   18.499  1.00 66.76 ? 181 LYS A N   1 
ATOM   1381 C CA  . LYS A 1 181 ? -10.925 1.535   18.992  1.00 66.85 ? 181 LYS A CA  1 
ATOM   1382 C C   . LYS A 1 181 ? -10.566 0.395   19.953  1.00 66.14 ? 181 LYS A C   1 
ATOM   1383 O O   . LYS A 1 181 ? -9.380  -0.021  19.960  1.00 62.76 ? 181 LYS A O   1 
ATOM   1384 C CB  . LYS A 1 181 ? -10.693 2.895   19.661  1.00 63.72 ? 181 LYS A CB  1 
ATOM   1385 O OXT . LYS A 1 181 ? -11.472 -0.058  20.695  1.00 65.97 ? 181 LYS A OXT 1 
HETATM 1386 O O   . HOH B 2 .   ? 16.586  11.394  3.531   1.00 35.83 ? 200 HOH A O   1 
HETATM 1387 O O   . HOH B 2 .   ? 7.759   -9.214  2.944   1.00 51.03 ? 201 HOH A O   1 
HETATM 1388 O O   . HOH B 2 .   ? 6.554   -12.494 -7.532  1.00 30.87 ? 202 HOH A O   1 
HETATM 1389 O O   . HOH B 2 .   ? 3.292   -11.201 8.506   1.00 36.86 ? 203 HOH A O   1 
HETATM 1390 O O   . HOH B 2 .   ? -4.226  -1.629  -4.477  1.00 56.56 ? 204 HOH A O   1 
HETATM 1391 O O   . HOH B 2 .   ? 17.416  2.282   -8.697  1.00 46.09 ? 205 HOH A O   1 
HETATM 1392 O O   . HOH B 2 .   ? -1.700  1.708   -14.701 1.00 48.83 ? 206 HOH A O   1 
HETATM 1393 O O   . HOH B 2 .   ? 17.204  4.049   0.830   1.00 27.98 ? 207 HOH A O   1 
HETATM 1394 O O   . HOH B 2 .   ? 0.926   2.538   7.587   1.00 43.28 ? 208 HOH A O   1 
HETATM 1395 O O   . HOH B 2 .   ? -4.228  0.692   10.165  1.00 43.20 ? 209 HOH A O   1 
HETATM 1396 O O   . HOH B 2 .   ? -9.569  12.826  5.785   1.00 68.56 ? 210 HOH A O   1 
HETATM 1397 O O   . HOH B 2 .   ? 20.718  5.601   -7.802  1.00 38.78 ? 211 HOH A O   1 
HETATM 1398 O O   . HOH B 2 .   ? 7.120   -7.184  -3.569  1.00 25.77 ? 212 HOH A O   1 
HETATM 1399 O O   . HOH B 2 .   ? 16.612  -5.519  -3.675  1.00 46.40 ? 213 HOH A O   1 
HETATM 1400 O O   . HOH B 2 .   ? 11.344  -7.210  -11.777 1.00 70.30 ? 214 HOH A O   1 
HETATM 1401 O O   . HOH B 2 .   ? -8.326  -6.789  3.293   1.00 28.52 ? 215 HOH A O   1 
HETATM 1402 O O   . HOH B 2 .   ? 7.772   12.659  2.050   1.00 49.39 ? 216 HOH A O   1 
HETATM 1403 O O   . HOH B 2 .   ? 14.038  12.825  -15.973 1.00 40.97 ? 217 HOH A O   1 
HETATM 1404 O O   . HOH B 2 .   ? 15.420  9.227   1.303   1.00 32.17 ? 218 HOH A O   1 
HETATM 1405 O O   . HOH B 2 .   ? 1.379   5.053   9.657   1.00 45.07 ? 219 HOH A O   1 
HETATM 1406 O O   . HOH B 2 .   ? -11.376 -9.885  -0.572  1.00 50.23 ? 220 HOH A O   1 
HETATM 1407 O O   . HOH B 2 .   ? -10.752 -6.204  1.152   1.00 52.11 ? 221 HOH A O   1 
HETATM 1408 O O   . HOH B 2 .   ? 8.334   4.415   -18.033 1.00 47.46 ? 222 HOH A O   1 
HETATM 1409 O O   . HOH B 2 .   ? -1.425  -1.417  9.941   1.00 47.89 ? 223 HOH A O   1 
HETATM 1410 O O   . HOH B 2 .   ? -3.038  1.108   -11.384 1.00 42.93 ? 224 HOH A O   1 
HETATM 1411 O O   . HOH B 2 .   ? 13.416  17.221  -14.447 1.00 61.02 ? 225 HOH A O   1 
HETATM 1412 O O   . HOH B 2 .   ? 20.160  10.958  3.880   1.00 49.90 ? 226 HOH A O   1 
HETATM 1413 O O   . HOH B 2 .   ? 8.958   0.682   13.141  1.00 58.14 ? 227 HOH A O   1 
HETATM 1414 O O   . HOH B 2 .   ? 7.018   -6.061  3.670   1.00 54.83 ? 228 HOH A O   1 
HETATM 1415 O O   . HOH B 2 .   ? 11.326  -10.548 -10.137 1.00 57.85 ? 229 HOH A O   1 
HETATM 1416 O O   . HOH B 2 .   ? 6.558   -10.573 15.103  1.00 76.77 ? 230 HOH A O   1 
HETATM 1417 O O   . HOH B 2 .   ? -3.506  5.122   -2.837  1.00 51.09 ? 231 HOH A O   1 
HETATM 1418 O O   . HOH B 2 .   ? 22.707  9.366   -14.927 1.00 40.38 ? 232 HOH A O   1 
HETATM 1419 O O   . HOH B 2 .   ? -3.748  -11.509 5.944   1.00 40.23 ? 233 HOH A O   1 
HETATM 1420 O O   . HOH B 2 .   ? 0.625   -11.180 14.910  1.00 46.69 ? 234 HOH A O   1 
HETATM 1421 O O   . HOH B 2 .   ? 18.171  1.029   2.156   1.00 67.81 ? 235 HOH A O   1 
HETATM 1422 O O   . HOH B 2 .   ? 12.047  15.352  -10.202 1.00 46.79 ? 236 HOH A O   1 
HETATM 1423 O O   . HOH B 2 .   ? -0.319  8.852   -14.294 1.00 38.45 ? 237 HOH A O   1 
HETATM 1424 O O   . HOH B 2 .   ? 14.417  -8.697  -2.105  1.00 41.69 ? 238 HOH A O   1 
HETATM 1425 O O   . HOH B 2 .   ? -20.989 -6.881  16.122  1.00 70.28 ? 239 HOH A O   1 
HETATM 1426 O O   . HOH B 2 .   ? -11.048 -11.869 15.751  1.00 53.41 ? 240 HOH A O   1 
HETATM 1427 O O   . HOH B 2 .   ? 3.778   10.268  -16.665 1.00 71.04 ? 241 HOH A O   1 
HETATM 1428 O O   . HOH B 2 .   ? 18.356  -4.771  -17.545 1.00 48.03 ? 242 HOH A O   1 
HETATM 1429 O O   . HOH B 2 .   ? 9.082   -13.484 -5.187  1.00 70.77 ? 243 HOH A O   1 
HETATM 1430 O O   . HOH B 2 .   ? -2.815  -10.608 14.387  1.00 44.70 ? 244 HOH A O   1 
HETATM 1431 O O   . HOH B 2 .   ? 20.649  2.191   -2.048  1.00 56.83 ? 245 HOH A O   1 
HETATM 1432 O O   . HOH B 2 .   ? 15.866  14.162  -3.055  1.00 41.27 ? 246 HOH A O   1 
HETATM 1433 O O   . HOH B 2 .   ? 17.385  12.382  -15.662 1.00 59.40 ? 247 HOH A O   1 
HETATM 1434 O O   . HOH B 2 .   ? -4.724  10.655  11.058  1.00 50.55 ? 248 HOH A O   1 
HETATM 1435 O O   . HOH B 2 .   ? -20.972 4.323   0.919   1.00 52.41 ? 249 HOH A O   1 
HETATM 1436 O O   . HOH B 2 .   ? -18.212 5.921   -8.939  1.00 46.94 ? 250 HOH A O   1 
HETATM 1437 O O   . HOH B 2 .   ? -3.403  -11.205 -7.067  1.00 41.89 ? 251 HOH A O   1 
HETATM 1438 O O   . HOH B 2 .   ? -3.629  -10.350 -4.621  1.00 53.07 ? 252 HOH A O   1 
# 
